data_1JDV
#
_entry.id   1JDV
#
_cell.length_a   102.0
_cell.length_b   87.5
_cell.length_c   102.0
_cell.angle_alpha   90.0
_cell.angle_beta   119.99
_cell.angle_gamma   90.0
#
_symmetry.space_group_name_H-M   'P 1 21 1'
#
loop_
_entity.id
_entity.type
_entity.pdbx_description
1 polymer "5'-METHYLTHIOADENOSINE PHOSPHORYLASE"
2 non-polymer 'SULFATE ION'
3 non-polymer ADENOSINE
4 water water
#
_entity_poly.entity_id   1
_entity_poly.type   'polypeptide(L)'
_entity_poly.pdbx_seq_one_letter_code
;MNPVHILAKKGEVAERVLVVGDPGRARLLSTLLQNPKLTNENRGFLVYTGKYNGETVSIATHGIGGPSIAIVLEELAMLG
ANVFIRYGTTGALVPYINLGEYIIVTGASYNQGGLFYQYLRDNACVASTPDFELTNKLVTSFSKRNLKYYVGNVFSSDAF
YAEDEEFVKKWSSRGNIAVEMECATLFTLSKVKGWKSATVLVVSDNLAKGGIWITKEELEKSVMDGAKAVLDTLTS
;
_entity_poly.pdbx_strand_id   A,B,C,D,E,F
#
loop_
_chem_comp.id
_chem_comp.type
_chem_comp.name
_chem_comp.formula
ADN non-polymer ADENOSINE 'C10 H13 N5 O4'
SO4 non-polymer 'SULFATE ION' 'O4 S -2'
#
# COMPACT_ATOMS: atom_id res chain seq x y z
N ASN A 2 22.67 -11.62 23.40
CA ASN A 2 24.11 -11.19 23.40
C ASN A 2 24.51 -10.47 22.11
N PRO A 3 24.83 -9.16 22.20
CA PRO A 3 25.23 -8.35 21.04
C PRO A 3 26.33 -9.02 20.21
N VAL A 4 26.21 -8.93 18.89
CA VAL A 4 27.21 -9.52 18.00
C VAL A 4 27.95 -8.49 17.15
N HIS A 5 27.63 -7.21 17.32
CA HIS A 5 28.27 -6.15 16.55
C HIS A 5 29.14 -5.27 17.47
N ILE A 6 28.53 -4.74 18.53
CA ILE A 6 29.28 -3.94 19.51
C ILE A 6 29.71 -4.94 20.58
N LEU A 7 31.00 -5.27 20.60
CA LEU A 7 31.54 -6.25 21.53
C LEU A 7 32.09 -5.68 22.84
N ALA A 8 31.36 -4.74 23.46
CA ALA A 8 31.81 -4.18 24.71
C ALA A 8 31.18 -4.95 25.86
N LYS A 9 31.86 -5.01 27.01
CA LYS A 9 31.32 -5.72 28.17
C LYS A 9 30.31 -4.81 28.87
N LYS A 10 29.34 -5.40 29.55
CA LYS A 10 28.35 -4.61 30.26
C LYS A 10 29.14 -3.79 31.29
N GLY A 11 28.68 -2.58 31.57
CA GLY A 11 29.39 -1.75 32.52
C GLY A 11 30.41 -0.88 31.83
N GLU A 12 30.67 -1.14 30.55
CA GLU A 12 31.63 -0.34 29.78
C GLU A 12 30.91 0.69 28.92
N VAL A 13 29.58 0.63 28.90
CA VAL A 13 28.76 1.57 28.15
C VAL A 13 27.90 2.33 29.15
N ALA A 14 27.92 3.66 29.08
CA ALA A 14 27.15 4.49 29.99
C ALA A 14 25.66 4.52 29.65
N GLU A 15 24.86 5.04 30.57
CA GLU A 15 23.42 5.15 30.32
C GLU A 15 23.18 6.28 29.33
N ARG A 16 24.04 7.30 29.37
CA ARG A 16 23.96 8.45 28.48
C ARG A 16 24.91 8.27 27.31
N VAL A 17 24.40 8.37 26.08
CA VAL A 17 25.25 8.18 24.91
C VAL A 17 25.05 9.22 23.81
N LEU A 18 26.17 9.74 23.30
CA LEU A 18 26.15 10.70 22.20
C LEU A 18 26.45 9.83 20.96
N VAL A 19 25.52 9.73 20.02
CA VAL A 19 25.74 8.91 18.84
C VAL A 19 26.02 9.70 17.56
N VAL A 20 27.07 9.28 16.85
CA VAL A 20 27.48 9.93 15.59
C VAL A 20 27.67 8.89 14.49
N GLY A 21 27.39 9.27 13.25
CA GLY A 21 27.52 8.32 12.16
C GLY A 21 28.94 7.99 11.75
N ASP A 22 29.80 9.01 11.80
CA ASP A 22 31.18 8.90 11.39
C ASP A 22 32.16 8.46 12.48
N PRO A 23 32.84 7.31 12.29
CA PRO A 23 33.81 6.76 13.25
C PRO A 23 34.85 7.83 13.62
N GLY A 24 35.29 8.57 12.59
CA GLY A 24 36.26 9.62 12.80
C GLY A 24 35.78 10.73 13.71
N ARG A 25 34.50 11.07 13.64
CA ARG A 25 33.99 12.12 14.51
C ARG A 25 33.95 11.62 15.95
N ALA A 26 33.65 10.34 16.13
CA ALA A 26 33.61 9.74 17.46
C ALA A 26 34.99 9.87 18.11
N ARG A 27 36.02 9.61 17.32
CA ARG A 27 37.39 9.69 17.81
C ARG A 27 37.75 11.14 18.16
N LEU A 28 37.39 12.06 17.27
CA LEU A 28 37.67 13.47 17.51
C LEU A 28 36.93 13.99 18.75
N LEU A 29 35.66 13.64 18.87
CA LEU A 29 34.88 14.10 20.01
C LEU A 29 35.26 13.43 21.33
N SER A 30 35.95 12.29 21.27
CA SER A 30 36.35 11.61 22.50
C SER A 30 37.39 12.43 23.26
N THR A 31 38.05 13.34 22.58
CA THR A 31 39.07 14.18 23.20
C THR A 31 38.45 15.23 24.13
N LEU A 32 37.13 15.27 24.18
CA LEU A 32 36.43 16.23 25.03
C LEU A 32 36.07 15.56 26.35
N LEU A 33 36.22 14.24 26.39
CA LEU A 33 35.91 13.49 27.61
C LEU A 33 37.15 13.38 28.48
N GLN A 34 36.95 13.14 29.76
CA GLN A 34 38.06 12.97 30.67
C GLN A 34 38.41 11.49 30.68
N ASN A 35 39.69 11.18 30.46
CA ASN A 35 40.17 9.80 30.46
C ASN A 35 39.37 8.83 29.59
N PRO A 36 39.20 9.15 28.30
CA PRO A 36 38.45 8.31 27.36
C PRO A 36 39.12 6.95 27.10
N LYS A 37 38.31 5.90 27.06
CA LYS A 37 38.78 4.54 26.80
C LYS A 37 37.99 3.97 25.60
N LEU A 38 38.67 3.23 24.72
CA LEU A 38 38.00 2.63 23.58
C LEU A 38 37.39 1.30 24.03
N THR A 39 36.06 1.26 24.14
CA THR A 39 35.37 0.05 24.58
C THR A 39 34.93 -0.90 23.47
N ASN A 40 35.04 -0.47 22.21
CA ASN A 40 34.69 -1.34 21.09
C ASN A 40 35.18 -0.78 19.76
N GLU A 41 35.64 -1.68 18.88
CA GLU A 41 36.11 -1.29 17.56
C GLU A 41 35.61 -2.29 16.52
N ASN A 42 34.86 -3.30 16.98
CA ASN A 42 34.34 -4.32 16.08
C ASN A 42 33.47 -3.76 14.96
N ARG A 43 33.73 -4.23 13.74
CA ARG A 43 33.00 -3.82 12.55
C ARG A 43 33.08 -2.33 12.29
N GLY A 44 34.10 -1.69 12.87
CA GLY A 44 34.28 -0.27 12.67
C GLY A 44 33.46 0.65 13.56
N PHE A 45 32.56 0.08 14.37
CA PHE A 45 31.72 0.90 15.26
C PHE A 45 32.46 1.33 16.53
N LEU A 46 33.30 2.35 16.42
CA LEU A 46 34.05 2.82 17.57
C LEU A 46 33.17 3.38 18.69
N VAL A 47 33.40 2.89 19.90
CA VAL A 47 32.66 3.36 21.08
C VAL A 47 33.68 3.79 22.14
N TYR A 48 33.52 5.01 22.65
CA TYR A 48 34.41 5.54 23.69
C TYR A 48 33.60 5.85 24.94
N THR A 49 34.18 5.53 26.09
CA THR A 49 33.53 5.77 27.37
C THR A 49 34.44 6.59 28.28
N GLY A 50 33.92 7.69 28.80
CA GLY A 50 34.69 8.55 29.68
C GLY A 50 33.83 9.39 30.62
N LYS A 51 34.40 10.49 31.11
CA LYS A 51 33.68 11.37 32.03
C LYS A 51 33.50 12.78 31.45
N TYR A 52 32.47 13.47 31.92
CA TYR A 52 32.17 14.85 31.51
C TYR A 52 31.25 15.46 32.58
N ASN A 53 31.69 16.55 33.20
CA ASN A 53 30.91 17.21 34.24
C ASN A 53 30.52 16.19 35.31
N GLY A 54 31.48 15.40 35.76
CA GLY A 54 31.22 14.41 36.79
C GLY A 54 30.16 13.40 36.44
N GLU A 55 30.01 13.11 35.14
CA GLU A 55 29.02 12.14 34.70
C GLU A 55 29.69 11.21 33.69
N THR A 56 29.35 9.92 33.75
CA THR A 56 29.92 8.96 32.81
C THR A 56 29.13 9.03 31.51
N VAL A 57 29.83 9.13 30.39
CA VAL A 57 29.17 9.20 29.09
C VAL A 57 29.96 8.45 28.02
N SER A 58 29.24 7.94 27.03
CA SER A 58 29.84 7.22 25.92
C SER A 58 29.56 7.96 24.63
N ILE A 59 30.48 7.82 23.68
CA ILE A 59 30.34 8.38 22.34
C ILE A 59 30.41 7.14 21.45
N ALA A 60 29.35 6.89 20.69
CA ALA A 60 29.28 5.72 19.82
C ALA A 60 29.01 6.01 18.34
N THR A 61 29.64 5.22 17.48
CA THR A 61 29.49 5.32 16.03
C THR A 61 28.26 4.49 15.59
N HIS A 62 27.41 5.03 14.72
CA HIS A 62 26.26 4.26 14.29
C HIS A 62 26.20 3.97 12.79
N GLY A 63 27.19 4.45 12.04
CA GLY A 63 27.21 4.20 10.60
C GLY A 63 26.09 4.92 9.87
N ILE A 64 25.89 4.57 8.60
CA ILE A 64 24.87 5.20 7.76
C ILE A 64 23.59 4.40 7.58
N GLY A 65 22.45 5.06 7.76
CA GLY A 65 21.16 4.42 7.52
C GLY A 65 20.37 3.84 8.67
N GLY A 66 19.06 3.74 8.46
CA GLY A 66 18.17 3.19 9.48
C GLY A 66 18.58 1.81 9.98
N PRO A 67 18.82 0.83 9.08
CA PRO A 67 19.22 -0.51 9.52
C PRO A 67 20.46 -0.55 10.39
N SER A 68 21.43 0.30 10.06
CA SER A 68 22.67 0.36 10.80
C SER A 68 22.44 0.93 12.20
N ILE A 69 21.80 2.11 12.29
CA ILE A 69 21.57 2.72 13.59
C ILE A 69 20.64 1.88 14.47
N ALA A 70 19.66 1.22 13.86
CA ALA A 70 18.75 0.36 14.63
C ALA A 70 19.54 -0.71 15.39
N ILE A 71 20.47 -1.35 14.68
CA ILE A 71 21.32 -2.39 15.28
C ILE A 71 22.19 -1.83 16.41
N VAL A 72 22.85 -0.72 16.16
CA VAL A 72 23.70 -0.12 17.18
C VAL A 72 22.93 0.29 18.44
N LEU A 73 21.79 0.95 18.26
CA LEU A 73 20.96 1.37 19.38
C LEU A 73 20.47 0.15 20.19
N GLU A 74 19.96 -0.88 19.51
CA GLU A 74 19.50 -2.08 20.19
C GLU A 74 20.59 -2.71 21.07
N GLU A 75 21.81 -2.81 20.55
CA GLU A 75 22.89 -3.41 21.31
C GLU A 75 23.45 -2.52 22.42
N LEU A 76 23.47 -1.20 22.19
CA LEU A 76 23.95 -0.29 23.23
C LEU A 76 22.94 -0.39 24.38
N ALA A 77 21.66 -0.44 24.03
CA ALA A 77 20.58 -0.57 24.99
C ALA A 77 20.70 -1.86 25.81
N MET A 78 21.09 -2.95 25.15
CA MET A 78 21.26 -4.24 25.82
C MET A 78 22.41 -4.17 26.81
N LEU A 79 23.32 -3.23 26.59
CA LEU A 79 24.46 -3.06 27.48
C LEU A 79 24.23 -1.98 28.55
N GLY A 80 23.01 -1.45 28.62
CA GLY A 80 22.70 -0.44 29.63
C GLY A 80 22.24 0.96 29.22
N ALA A 81 22.49 1.37 27.98
CA ALA A 81 22.08 2.72 27.55
C ALA A 81 20.57 2.91 27.43
N ASN A 82 20.10 4.13 27.72
CA ASN A 82 18.68 4.44 27.60
C ASN A 82 18.40 5.91 27.25
N VAL A 83 19.47 6.70 27.12
CA VAL A 83 19.36 8.10 26.73
C VAL A 83 20.31 8.29 25.55
N PHE A 84 19.79 8.74 24.42
CA PHE A 84 20.62 8.96 23.23
C PHE A 84 20.42 10.33 22.58
N ILE A 85 21.52 10.97 22.21
CA ILE A 85 21.42 12.24 21.47
C ILE A 85 22.31 12.09 20.25
N ARG A 86 21.70 12.12 19.08
CA ARG A 86 22.42 11.99 17.81
C ARG A 86 22.98 13.34 17.40
N TYR A 87 24.25 13.37 17.01
CA TYR A 87 24.90 14.60 16.56
C TYR A 87 25.43 14.30 15.16
N GLY A 88 24.69 14.70 14.14
CA GLY A 88 25.12 14.42 12.79
C GLY A 88 25.22 15.63 11.87
N THR A 89 25.25 15.36 10.57
CA THR A 89 25.33 16.39 9.55
C THR A 89 24.06 16.29 8.73
N THR A 90 23.72 17.36 8.03
CA THR A 90 22.50 17.36 7.25
C THR A 90 22.53 18.35 6.10
N GLY A 91 21.63 18.13 5.13
CA GLY A 91 21.54 19.02 4.00
C GLY A 91 20.29 19.87 4.16
N ALA A 92 20.46 21.20 4.24
CA ALA A 92 19.33 22.12 4.39
C ALA A 92 18.42 22.14 3.17
N LEU A 93 17.10 22.20 3.40
CA LEU A 93 16.12 22.22 2.32
C LEU A 93 15.56 23.62 2.07
N VAL A 94 15.98 24.59 2.88
CA VAL A 94 15.53 25.98 2.73
C VAL A 94 16.75 26.90 2.58
N PRO A 95 16.60 27.97 1.78
CA PRO A 95 17.67 28.95 1.50
C PRO A 95 18.27 29.74 2.66
N TYR A 96 17.45 30.11 3.65
CA TYR A 96 17.95 30.94 4.74
C TYR A 96 18.90 30.30 5.75
N ILE A 97 18.99 28.97 5.77
CA ILE A 97 19.89 28.32 6.71
C ILE A 97 21.27 28.23 6.09
N ASN A 98 22.28 28.67 6.83
CA ASN A 98 23.66 28.68 6.34
C ASN A 98 24.52 27.51 6.80
N LEU A 99 25.59 27.27 6.05
CA LEU A 99 26.53 26.20 6.35
C LEU A 99 27.17 26.43 7.71
N GLY A 100 27.39 25.36 8.46
CA GLY A 100 27.99 25.49 9.77
C GLY A 100 27.02 25.80 10.88
N GLU A 101 25.79 26.16 10.53
CA GLU A 101 24.76 26.46 11.53
C GLU A 101 24.11 25.15 11.97
N TYR A 102 23.30 25.19 13.02
CA TYR A 102 22.68 23.97 13.55
C TYR A 102 21.17 23.85 13.44
N ILE A 103 20.71 22.60 13.47
CA ILE A 103 19.28 22.31 13.42
C ILE A 103 18.94 21.36 14.57
N ILE A 104 18.05 21.80 15.44
CA ILE A 104 17.60 20.96 16.54
C ILE A 104 16.30 20.36 16.01
N VAL A 105 16.28 19.03 15.91
CA VAL A 105 15.15 18.30 15.33
C VAL A 105 13.93 18.09 16.23
N THR A 106 12.76 18.40 15.69
CA THR A 106 11.49 18.27 16.41
C THR A 106 10.61 17.14 15.89
N GLY A 107 11.00 16.55 14.76
CA GLY A 107 10.23 15.47 14.18
C GLY A 107 10.88 14.97 12.91
N ALA A 108 10.47 13.80 12.44
CA ALA A 108 11.08 13.22 11.24
C ALA A 108 10.06 12.62 10.29
N SER A 109 10.10 13.05 9.04
CA SER A 109 9.20 12.51 8.03
C SER A 109 9.95 11.31 7.44
N TYR A 110 9.21 10.38 6.85
CA TYR A 110 9.86 9.20 6.28
C TYR A 110 8.93 8.45 5.32
N ASN A 111 9.51 7.64 4.44
CA ASN A 111 8.72 6.84 3.52
C ASN A 111 8.47 5.50 4.21
N GLN A 112 7.25 4.99 4.11
CA GLN A 112 6.86 3.73 4.74
C GLN A 112 7.61 2.52 4.18
N GLY A 113 7.50 1.40 4.89
CA GLY A 113 8.13 0.18 4.45
C GLY A 113 9.29 -0.35 5.27
N GLY A 114 10.02 -1.29 4.67
CA GLY A 114 11.17 -1.89 5.30
C GLY A 114 11.24 -2.02 6.81
N LEU A 115 12.21 -1.32 7.38
CA LEU A 115 12.46 -1.35 8.82
C LEU A 115 11.20 -1.05 9.63
N PHE A 116 10.44 -0.03 9.23
CA PHE A 116 9.24 0.35 9.96
C PHE A 116 8.16 -0.74 9.94
N TYR A 117 7.97 -1.39 8.80
CA TYR A 117 6.97 -2.46 8.70
C TYR A 117 7.37 -3.65 9.60
N GLN A 118 8.65 -3.96 9.64
CA GLN A 118 9.13 -5.07 10.46
C GLN A 118 9.01 -4.83 11.98
N TYR A 119 9.13 -3.59 12.42
CA TYR A 119 9.02 -3.26 13.85
C TYR A 119 7.59 -2.96 14.28
N LEU A 120 6.87 -2.19 13.47
CA LEU A 120 5.49 -1.80 13.79
C LEU A 120 4.44 -2.83 13.39
N ARG A 121 4.79 -3.74 12.48
CA ARG A 121 3.88 -4.80 12.02
C ARG A 121 2.80 -4.39 11.01
N ASP A 122 2.75 -3.12 10.67
CA ASP A 122 1.81 -2.62 9.67
C ASP A 122 2.36 -1.28 9.15
N ASN A 123 1.62 -0.60 8.28
CA ASN A 123 2.11 0.66 7.72
C ASN A 123 1.60 1.96 8.36
N ALA A 124 1.12 1.88 9.60
CA ALA A 124 0.63 3.08 10.27
C ALA A 124 1.73 4.14 10.35
N CYS A 125 1.34 5.42 10.26
CA CYS A 125 2.30 6.50 10.37
C CYS A 125 2.39 6.90 11.85
N VAL A 126 3.33 6.28 12.56
CA VAL A 126 3.55 6.56 13.97
C VAL A 126 4.32 7.88 14.05
N ALA A 127 3.92 8.74 14.98
CA ALA A 127 4.60 10.03 15.16
C ALA A 127 6.06 9.80 15.53
N SER A 128 6.97 10.21 14.65
CA SER A 128 8.39 10.03 14.89
C SER A 128 8.93 11.33 15.49
N THR A 129 8.88 11.43 16.81
CA THR A 129 9.32 12.63 17.51
C THR A 129 10.30 12.33 18.65
N PRO A 130 11.17 13.30 18.98
CA PRO A 130 12.15 13.11 20.06
C PRO A 130 11.49 13.36 21.41
N ASP A 131 12.24 13.12 22.49
CA ASP A 131 11.73 13.35 23.84
C ASP A 131 11.56 14.88 24.01
N PHE A 132 10.36 15.29 24.41
CA PHE A 132 10.05 16.71 24.57
C PHE A 132 11.00 17.46 25.50
N GLU A 133 11.19 16.95 26.71
CA GLU A 133 12.06 17.62 27.67
C GLU A 133 13.53 17.70 27.24
N LEU A 134 14.08 16.59 26.75
CA LEU A 134 15.48 16.57 26.32
C LEU A 134 15.74 17.54 25.16
N THR A 135 14.76 17.69 24.27
CA THR A 135 14.91 18.61 23.16
C THR A 135 14.93 20.06 23.66
N ASN A 136 14.07 20.37 24.63
CA ASN A 136 14.03 21.72 25.19
C ASN A 136 15.35 22.04 25.88
N LYS A 137 15.97 21.04 26.51
CA LYS A 137 17.25 21.25 27.17
C LYS A 137 18.31 21.58 26.13
N LEU A 138 18.22 20.94 24.96
CA LEU A 138 19.16 21.21 23.89
C LEU A 138 19.06 22.67 23.47
N VAL A 139 17.84 23.15 23.25
CA VAL A 139 17.63 24.54 22.84
C VAL A 139 18.25 25.48 23.87
N THR A 140 17.90 25.26 25.13
CA THR A 140 18.43 26.09 26.21
C THR A 140 19.95 26.05 26.22
N SER A 141 20.52 24.87 26.01
CA SER A 141 21.97 24.70 26.01
C SER A 141 22.63 25.43 24.84
N PHE A 142 22.06 25.32 23.64
CA PHE A 142 22.62 25.99 22.48
C PHE A 142 22.50 27.51 22.58
N SER A 143 21.44 27.98 23.24
CA SER A 143 21.25 29.41 23.42
C SER A 143 22.30 29.94 24.40
N LYS A 144 22.48 29.24 25.52
CA LYS A 144 23.46 29.65 26.53
C LYS A 144 24.84 29.86 25.89
N ARG A 145 25.18 29.02 24.91
CA ARG A 145 26.47 29.12 24.23
C ARG A 145 26.47 30.04 23.01
N ASN A 146 25.38 30.80 22.84
CA ASN A 146 25.26 31.74 21.73
C ASN A 146 25.53 31.16 20.33
N LEU A 147 24.99 29.97 20.09
CA LEU A 147 25.16 29.30 18.80
C LEU A 147 23.90 29.55 17.97
N LYS A 148 24.08 29.73 16.66
CA LYS A 148 22.94 29.96 15.76
C LYS A 148 22.27 28.65 15.39
N TYR A 149 21.01 28.50 15.79
CA TYR A 149 20.28 27.27 15.52
C TYR A 149 18.86 27.52 15.01
N TYR A 150 18.27 26.49 14.43
CA TYR A 150 16.91 26.53 13.94
C TYR A 150 16.23 25.30 14.50
N VAL A 151 14.92 25.36 14.63
CA VAL A 151 14.15 24.24 15.16
C VAL A 151 13.08 23.81 14.16
N GLY A 152 13.11 22.54 13.75
CA GLY A 152 12.12 22.06 12.81
C GLY A 152 12.20 20.58 12.50
N ASN A 153 11.35 20.13 11.58
CA ASN A 153 11.32 18.72 11.17
C ASN A 153 12.31 18.43 10.05
N VAL A 154 12.71 17.17 9.93
CA VAL A 154 13.63 16.78 8.87
C VAL A 154 13.08 15.53 8.17
N PHE A 155 13.54 15.28 6.95
CA PHE A 155 13.11 14.10 6.23
C PHE A 155 14.24 13.08 6.34
N SER A 156 13.93 11.88 6.82
CA SER A 156 14.94 10.82 6.94
C SER A 156 14.89 9.98 5.67
N SER A 157 15.82 10.23 4.76
CA SER A 157 15.88 9.54 3.48
C SER A 157 16.64 8.21 3.58
N ASP A 158 16.31 7.28 2.69
CA ASP A 158 16.99 6.00 2.66
C ASP A 158 17.91 5.90 1.43
N ALA A 159 17.76 6.82 0.49
CA ALA A 159 18.57 6.80 -0.73
C ALA A 159 19.25 8.13 -1.02
N PHE A 160 20.47 8.29 -0.53
CA PHE A 160 21.25 9.52 -0.72
C PHE A 160 21.28 9.99 -2.18
N TYR A 161 21.53 9.07 -3.10
CA TYR A 161 21.63 9.44 -4.51
C TYR A 161 20.35 9.45 -5.34
N ALA A 162 19.22 9.63 -4.69
CA ALA A 162 17.93 9.71 -5.37
C ALA A 162 17.26 11.05 -5.01
N GLU A 163 18.06 11.99 -4.50
CA GLU A 163 17.54 13.29 -4.08
C GLU A 163 17.77 14.43 -5.10
N ASP A 164 16.89 14.51 -6.10
CA ASP A 164 16.96 15.52 -7.16
C ASP A 164 16.39 16.90 -6.77
N GLU A 165 16.04 17.71 -7.76
CA GLU A 165 15.50 19.05 -7.50
C GLU A 165 14.02 19.01 -7.13
N GLU A 166 13.28 18.12 -7.78
CA GLU A 166 11.86 17.97 -7.51
C GLU A 166 11.74 17.58 -6.03
N PHE A 167 12.77 16.87 -5.57
CA PHE A 167 12.90 16.39 -4.20
C PHE A 167 12.86 17.53 -3.19
N VAL A 168 13.73 18.51 -3.37
CA VAL A 168 13.82 19.65 -2.46
C VAL A 168 12.52 20.42 -2.26
N LYS A 169 11.82 20.73 -3.35
CA LYS A 169 10.57 21.48 -3.26
C LYS A 169 9.48 20.66 -2.57
N LYS A 170 9.41 19.38 -2.90
CA LYS A 170 8.41 18.51 -2.32
C LYS A 170 8.52 18.43 -0.78
N TRP A 171 9.72 18.16 -0.28
CA TRP A 171 9.92 18.03 1.16
C TRP A 171 9.88 19.35 1.95
N SER A 172 10.43 20.43 1.41
CA SER A 172 10.38 21.69 2.13
C SER A 172 8.92 22.19 2.16
N SER A 173 8.14 21.82 1.15
CA SER A 173 6.74 22.24 1.09
C SER A 173 5.89 21.38 2.05
N ARG A 174 6.53 20.42 2.70
CA ARG A 174 5.84 19.54 3.65
C ARG A 174 6.27 19.88 5.07
N GLY A 175 6.93 21.02 5.24
CA GLY A 175 7.36 21.42 6.57
C GLY A 175 8.69 20.92 7.08
N ASN A 176 9.52 20.36 6.20
CA ASN A 176 10.85 19.87 6.60
C ASN A 176 11.87 20.89 6.14
N ILE A 177 12.86 21.15 6.98
CA ILE A 177 13.88 22.13 6.66
C ILE A 177 15.26 21.55 6.36
N ALA A 178 15.36 20.22 6.40
CA ALA A 178 16.62 19.55 6.12
C ALA A 178 16.39 18.06 5.86
N VAL A 179 17.42 17.42 5.33
CA VAL A 179 17.38 15.99 5.02
C VAL A 179 18.58 15.27 5.61
N GLU A 180 18.33 14.09 6.18
CA GLU A 180 19.38 13.26 6.75
C GLU A 180 18.89 11.82 6.61
N MET A 181 19.48 10.86 7.31
CA MET A 181 19.04 9.48 7.09
C MET A 181 18.73 8.58 8.29
N GLU A 182 18.96 9.06 9.51
CA GLU A 182 18.75 8.23 10.69
C GLU A 182 17.71 8.65 11.75
N CYS A 183 17.28 9.90 11.75
CA CYS A 183 16.33 10.38 12.78
C CYS A 183 15.01 9.64 12.94
N ALA A 184 14.32 9.38 11.84
CA ALA A 184 13.06 8.65 11.93
C ALA A 184 13.22 7.30 12.65
N THR A 185 14.32 6.61 12.36
CA THR A 185 14.56 5.31 13.00
C THR A 185 14.86 5.50 14.49
N LEU A 186 15.69 6.49 14.80
CA LEU A 186 16.03 6.76 16.19
C LEU A 186 14.79 7.12 17.02
N PHE A 187 13.99 8.07 16.55
CA PHE A 187 12.80 8.50 17.30
C PHE A 187 11.75 7.40 17.46
N THR A 188 11.39 6.76 16.35
CA THR A 188 10.37 5.71 16.41
C THR A 188 10.77 4.53 17.27
N LEU A 189 12.00 4.05 17.11
CA LEU A 189 12.46 2.91 17.90
C LEU A 189 12.54 3.30 19.39
N SER A 190 12.91 4.56 19.64
CA SER A 190 13.00 5.04 21.02
C SER A 190 11.63 5.04 21.67
N LYS A 191 10.60 5.43 20.91
CA LYS A 191 9.24 5.45 21.42
C LYS A 191 8.77 4.03 21.77
N VAL A 192 9.10 3.08 20.91
CA VAL A 192 8.71 1.69 21.14
C VAL A 192 9.49 1.04 22.29
N LYS A 193 10.79 1.31 22.35
CA LYS A 193 11.65 0.72 23.37
C LYS A 193 11.71 1.49 24.67
N GLY A 194 11.11 2.67 24.68
CA GLY A 194 11.11 3.48 25.88
C GLY A 194 12.40 4.23 26.18
N TRP A 195 13.15 4.61 25.15
CA TRP A 195 14.40 5.35 25.36
C TRP A 195 14.13 6.85 25.20
N LYS A 196 14.98 7.70 25.78
CA LYS A 196 14.82 9.15 25.64
C LYS A 196 15.83 9.63 24.61
N SER A 197 15.36 10.12 23.47
CA SER A 197 16.25 10.55 22.41
C SER A 197 16.01 11.95 21.87
N ALA A 198 17.03 12.51 21.24
CA ALA A 198 16.97 13.85 20.63
C ALA A 198 18.03 13.88 19.54
N THR A 199 18.08 14.97 18.78
CA THR A 199 19.05 15.10 17.70
C THR A 199 19.35 16.55 17.35
N VAL A 200 20.63 16.83 17.11
CA VAL A 200 21.04 18.15 16.65
C VAL A 200 21.94 17.87 15.46
N LEU A 201 21.75 18.63 14.38
CA LEU A 201 22.51 18.46 13.14
C LEU A 201 23.33 19.67 12.72
N VAL A 202 24.48 19.41 12.10
CA VAL A 202 25.34 20.46 11.58
C VAL A 202 25.06 20.54 10.08
N VAL A 203 24.73 21.74 9.60
CA VAL A 203 24.44 21.93 8.19
C VAL A 203 25.74 21.89 7.39
N SER A 204 25.89 20.87 6.55
CA SER A 204 27.09 20.70 5.75
C SER A 204 26.85 21.02 4.27
N ASP A 205 25.59 21.14 3.88
CA ASP A 205 25.24 21.49 2.51
C ASP A 205 23.84 22.10 2.46
N ASN A 206 23.56 22.85 1.40
CA ASN A 206 22.25 23.47 1.24
C ASN A 206 21.75 23.10 -0.14
N LEU A 207 20.69 22.29 -0.18
CA LEU A 207 20.13 21.83 -1.45
C LEU A 207 19.28 22.89 -2.14
N ALA A 208 18.83 23.88 -1.39
CA ALA A 208 18.01 24.95 -1.96
C ALA A 208 18.92 25.95 -2.66
N LYS A 209 20.01 26.32 -2.00
CA LYS A 209 20.99 27.26 -2.56
C LYS A 209 22.14 26.47 -3.17
N GLU A 218 36.31 23.53 8.31
CA GLU A 218 35.13 24.36 8.69
C GLU A 218 34.06 23.55 9.40
N LEU A 219 33.70 22.41 8.84
CA LEU A 219 32.71 21.55 9.45
C LEU A 219 33.21 21.20 10.85
N GLU A 220 34.46 20.74 10.90
CA GLU A 220 35.09 20.34 12.16
C GLU A 220 35.05 21.44 13.22
N LYS A 221 35.19 22.70 12.80
CA LYS A 221 35.14 23.79 13.76
C LYS A 221 33.72 23.91 14.31
N SER A 222 32.75 23.85 13.42
CA SER A 222 31.35 23.93 13.81
C SER A 222 30.98 22.72 14.65
N VAL A 223 31.55 21.57 14.30
CA VAL A 223 31.27 20.33 15.03
C VAL A 223 31.74 20.42 16.48
N MET A 224 32.94 20.94 16.69
CA MET A 224 33.49 21.08 18.04
C MET A 224 32.66 22.00 18.92
N ASP A 225 32.28 23.16 18.39
CA ASP A 225 31.48 24.11 19.17
C ASP A 225 30.17 23.50 19.67
N GLY A 226 29.42 22.86 18.79
CA GLY A 226 28.16 22.27 19.18
C GLY A 226 28.26 21.03 20.05
N ALA A 227 29.35 20.29 19.90
CA ALA A 227 29.55 19.06 20.68
C ALA A 227 29.56 19.36 22.18
N LYS A 228 30.13 20.50 22.56
CA LYS A 228 30.21 20.88 23.96
C LYS A 228 28.80 21.21 24.48
N ALA A 229 27.96 21.77 23.62
CA ALA A 229 26.60 22.10 24.03
C ALA A 229 25.80 20.80 24.19
N VAL A 230 26.09 19.82 23.33
CA VAL A 230 25.39 18.54 23.40
C VAL A 230 25.83 17.78 24.64
N LEU A 231 27.13 17.76 24.91
CA LEU A 231 27.64 17.07 26.10
C LEU A 231 27.08 17.72 27.38
N ASP A 232 26.98 19.04 27.41
CA ASP A 232 26.42 19.70 28.59
C ASP A 232 24.98 19.23 28.79
N THR A 233 24.22 19.19 27.70
CA THR A 233 22.83 18.73 27.76
C THR A 233 22.76 17.29 28.24
N LEU A 234 23.61 16.45 27.66
CA LEU A 234 23.64 15.03 28.01
C LEU A 234 23.92 14.77 29.49
N THR A 235 24.78 15.57 30.09
CA THR A 235 25.15 15.37 31.48
C THR A 235 24.38 16.22 32.49
N SER A 236 23.38 16.97 32.01
CA SER A 236 22.57 17.81 32.89
C SER A 236 21.47 16.97 33.53
N ASN B 2 -23.78 3.53 26.02
CA ASN B 2 -24.67 4.72 25.82
C ASN B 2 -24.05 5.70 24.80
N PRO B 3 -24.79 6.03 23.73
CA PRO B 3 -24.29 6.97 22.72
C PRO B 3 -23.82 8.25 23.40
N VAL B 4 -22.67 8.77 22.99
CA VAL B 4 -22.14 10.01 23.58
C VAL B 4 -22.32 11.25 22.72
N HIS B 5 -22.84 11.08 21.50
CA HIS B 5 -23.05 12.22 20.61
C HIS B 5 -24.55 12.49 20.41
N ILE B 6 -25.30 11.45 20.09
CA ILE B 6 -26.75 11.57 19.91
C ILE B 6 -27.35 11.14 21.25
N LEU B 7 -27.78 12.13 22.05
CA LEU B 7 -28.34 11.86 23.37
C LEU B 7 -29.85 11.63 23.39
N ALA B 8 -30.43 11.31 22.25
CA ALA B 8 -31.87 11.06 22.19
C ALA B 8 -32.22 9.92 23.13
N LYS B 9 -33.46 9.91 23.62
CA LYS B 9 -33.91 8.86 24.53
C LYS B 9 -34.31 7.62 23.75
N LYS B 10 -34.18 6.46 24.37
CA LYS B 10 -34.53 5.20 23.73
C LYS B 10 -36.00 5.20 23.36
N GLY B 11 -36.27 5.05 22.07
CA GLY B 11 -37.65 5.06 21.60
C GLY B 11 -37.97 6.34 20.87
N GLU B 12 -37.09 7.33 20.99
CA GLU B 12 -37.28 8.62 20.35
C GLU B 12 -36.71 8.67 18.91
N VAL B 13 -36.04 7.61 18.49
CA VAL B 13 -35.50 7.54 17.14
C VAL B 13 -36.18 6.41 16.37
N ALA B 14 -36.67 6.74 15.18
CA ALA B 14 -37.36 5.77 14.35
C ALA B 14 -36.43 4.74 13.69
N GLU B 15 -37.02 3.65 13.20
CA GLU B 15 -36.27 2.62 12.49
C GLU B 15 -35.90 3.18 11.13
N ARG B 16 -36.75 4.06 10.60
CA ARG B 16 -36.55 4.70 9.31
C ARG B 16 -35.98 6.11 9.53
N VAL B 17 -34.83 6.40 8.93
CA VAL B 17 -34.21 7.71 9.10
C VAL B 17 -33.70 8.38 7.82
N LEU B 18 -34.07 9.65 7.66
CA LEU B 18 -33.61 10.45 6.53
C LEU B 18 -32.44 11.23 7.13
N VAL B 19 -31.24 11.05 6.57
CA VAL B 19 -30.08 11.75 7.10
C VAL B 19 -29.55 12.84 6.16
N VAL B 20 -29.24 13.99 6.73
CA VAL B 20 -28.72 15.11 5.94
C VAL B 20 -27.52 15.69 6.67
N GLY B 21 -26.60 16.27 5.90
CA GLY B 21 -25.40 16.82 6.51
C GLY B 21 -25.57 18.15 7.23
N ASP B 22 -26.46 18.98 6.69
CA ASP B 22 -26.71 20.32 7.23
C ASP B 22 -27.83 20.37 8.27
N PRO B 23 -27.53 20.83 9.50
CA PRO B 23 -28.49 20.94 10.61
C PRO B 23 -29.71 21.78 10.19
N GLY B 24 -29.43 22.85 9.44
CA GLY B 24 -30.49 23.73 8.99
C GLY B 24 -31.47 23.04 8.05
N ARG B 25 -30.97 22.13 7.23
CA ARG B 25 -31.84 21.41 6.30
C ARG B 25 -32.71 20.43 7.08
N ALA B 26 -32.14 19.86 8.14
CA ALA B 26 -32.89 18.93 8.99
C ALA B 26 -34.06 19.71 9.59
N ARG B 27 -33.75 20.91 10.09
CA ARG B 27 -34.78 21.77 10.69
C ARG B 27 -35.84 22.09 9.65
N LEU B 28 -35.41 22.50 8.46
CA LEU B 28 -36.33 22.87 7.38
C LEU B 28 -37.19 21.72 6.89
N LEU B 29 -36.62 20.51 6.87
CA LEU B 29 -37.36 19.34 6.39
C LEU B 29 -38.32 18.78 7.42
N SER B 30 -38.08 19.06 8.70
CA SER B 30 -38.95 18.55 9.74
C SER B 30 -40.38 19.06 9.59
N THR B 31 -40.55 20.15 8.85
CA THR B 31 -41.88 20.72 8.66
C THR B 31 -42.72 19.88 7.69
N LEU B 32 -42.11 18.82 7.16
CA LEU B 32 -42.81 17.91 6.25
C LEU B 32 -43.41 16.77 7.05
N LEU B 33 -42.99 16.65 8.31
CA LEU B 33 -43.49 15.59 9.18
C LEU B 33 -44.72 16.06 9.96
N GLN B 34 -45.51 15.12 10.45
CA GLN B 34 -46.68 15.44 11.25
C GLN B 34 -46.23 15.43 12.71
N ASN B 35 -46.58 16.48 13.45
CA ASN B 35 -46.24 16.58 14.87
C ASN B 35 -44.77 16.33 15.19
N PRO B 36 -43.85 17.04 14.50
CA PRO B 36 -42.40 16.92 14.67
C PRO B 36 -41.91 17.36 16.05
N LYS B 37 -40.99 16.59 16.63
CA LYS B 37 -40.41 16.90 17.93
C LYS B 37 -38.89 16.74 17.87
N LEU B 38 -38.18 17.74 18.38
CA LEU B 38 -36.71 17.72 18.39
C LEU B 38 -36.24 16.76 19.48
N THR B 39 -35.68 15.62 19.07
CA THR B 39 -35.22 14.61 20.04
C THR B 39 -33.74 14.69 20.44
N ASN B 40 -32.96 15.56 19.78
CA ASN B 40 -31.56 15.73 20.13
C ASN B 40 -30.94 17.00 19.56
N GLU B 41 -30.10 17.65 20.37
CA GLU B 41 -29.42 18.88 19.97
C GLU B 41 -27.93 18.81 20.26
N ASN B 42 -27.52 17.86 21.09
CA ASN B 42 -26.11 17.76 21.46
C ASN B 42 -25.14 17.78 20.28
N ARG B 43 -24.05 18.53 20.48
CA ARG B 43 -23.00 18.69 19.48
C ARG B 43 -23.47 19.22 18.13
N GLY B 44 -24.65 19.84 18.11
CA GLY B 44 -25.18 20.39 16.88
C GLY B 44 -25.87 19.39 15.96
N PHE B 45 -25.88 18.11 16.35
CA PHE B 45 -26.53 17.07 15.54
C PHE B 45 -28.03 17.03 15.80
N LEU B 46 -28.77 17.88 15.10
CA LEU B 46 -30.22 17.95 15.28
C LEU B 46 -30.94 16.71 14.76
N VAL B 47 -31.83 16.18 15.59
CA VAL B 47 -32.61 15.02 15.21
C VAL B 47 -34.07 15.30 15.53
N TYR B 48 -34.94 15.17 14.52
CA TYR B 48 -36.37 15.37 14.71
C TYR B 48 -37.07 14.05 14.42
N THR B 49 -38.16 13.79 15.13
CA THR B 49 -38.93 12.58 14.94
C THR B 49 -40.41 12.94 14.87
N GLY B 50 -41.11 12.32 13.93
CA GLY B 50 -42.53 12.58 13.77
C GLY B 50 -43.15 11.49 12.93
N LYS B 51 -44.23 11.80 12.23
CA LYS B 51 -44.88 10.81 11.38
C LYS B 51 -45.07 11.30 9.94
N TYR B 52 -45.24 10.34 9.03
CA TYR B 52 -45.41 10.63 7.61
C TYR B 52 -46.05 9.38 7.01
N ASN B 53 -47.13 9.54 6.26
CA ASN B 53 -47.77 8.37 5.65
C ASN B 53 -48.05 7.28 6.67
N GLY B 54 -48.54 7.66 7.85
CA GLY B 54 -48.84 6.67 8.88
C GLY B 54 -47.67 5.83 9.35
N GLU B 55 -46.46 6.40 9.29
CA GLU B 55 -45.28 5.68 9.71
C GLU B 55 -44.39 6.62 10.53
N THR B 56 -43.71 6.07 11.54
CA THR B 56 -42.81 6.88 12.35
C THR B 56 -41.53 7.10 11.54
N VAL B 57 -41.04 8.33 11.50
CA VAL B 57 -39.83 8.66 10.74
C VAL B 57 -38.99 9.71 11.45
N SER B 58 -37.67 9.62 11.30
CA SER B 58 -36.74 10.57 11.90
C SER B 58 -35.86 11.24 10.84
N ILE B 59 -35.49 12.49 11.11
CA ILE B 59 -34.61 13.24 10.23
C ILE B 59 -33.41 13.62 11.11
N ALA B 60 -32.21 13.16 10.71
CA ALA B 60 -31.00 13.40 11.49
C ALA B 60 -29.86 14.10 10.75
N THR B 61 -29.10 14.90 11.49
CA THR B 61 -27.95 15.62 10.97
C THR B 61 -26.69 14.75 11.11
N HIS B 62 -25.88 14.62 10.06
CA HIS B 62 -24.68 13.79 10.16
C HIS B 62 -23.34 14.54 10.05
N GLY B 63 -23.39 15.86 9.85
CA GLY B 63 -22.17 16.63 9.73
C GLY B 63 -21.43 16.37 8.43
N ILE B 64 -20.18 16.79 8.36
CA ILE B 64 -19.38 16.60 7.15
C ILE B 64 -18.28 15.53 7.24
N GLY B 65 -18.25 14.64 6.25
CA GLY B 65 -17.20 13.63 6.21
C GLY B 65 -17.47 12.25 6.77
N GLY B 66 -16.72 11.27 6.25
CA GLY B 66 -16.86 9.89 6.69
C GLY B 66 -16.82 9.62 8.18
N PRO B 67 -15.84 10.16 8.92
CA PRO B 67 -15.78 9.91 10.37
C PRO B 67 -17.00 10.43 11.13
N SER B 68 -17.56 11.54 10.65
CA SER B 68 -18.74 12.13 11.29
C SER B 68 -20.00 11.30 11.05
N ILE B 69 -20.26 10.95 9.80
CA ILE B 69 -21.45 10.17 9.52
C ILE B 69 -21.35 8.77 10.15
N ALA B 70 -20.14 8.23 10.25
CA ALA B 70 -19.95 6.89 10.85
C ALA B 70 -20.45 6.92 12.31
N ILE B 71 -20.00 7.91 13.07
CA ILE B 71 -20.40 8.05 14.47
C ILE B 71 -21.92 8.20 14.61
N VAL B 72 -22.50 9.07 13.79
CA VAL B 72 -23.95 9.31 13.85
C VAL B 72 -24.76 8.08 13.49
N LEU B 73 -24.37 7.40 12.42
CA LEU B 73 -25.06 6.17 11.99
C LEU B 73 -24.98 5.11 13.08
N GLU B 74 -23.79 4.93 13.63
CA GLU B 74 -23.58 3.93 14.68
C GLU B 74 -24.46 4.17 15.91
N GLU B 75 -24.56 5.43 16.35
CA GLU B 75 -25.38 5.76 17.51
C GLU B 75 -26.88 5.70 17.22
N LEU B 76 -27.27 6.10 16.01
CA LEU B 76 -28.68 6.04 15.64
C LEU B 76 -29.09 4.57 15.61
N ALA B 77 -28.19 3.71 15.13
CA ALA B 77 -28.47 2.27 15.08
C ALA B 77 -28.60 1.71 16.50
N MET B 78 -27.72 2.15 17.39
CA MET B 78 -27.76 1.73 18.78
C MET B 78 -29.09 2.12 19.41
N LEU B 79 -29.71 3.15 18.84
CA LEU B 79 -30.98 3.64 19.34
C LEU B 79 -32.17 3.03 18.61
N GLY B 80 -31.90 2.13 17.67
CA GLY B 80 -33.00 1.47 16.97
C GLY B 80 -33.17 1.70 15.47
N ALA B 81 -32.36 2.56 14.87
CA ALA B 81 -32.49 2.81 13.43
C ALA B 81 -31.82 1.69 12.63
N ASN B 82 -32.41 1.33 11.48
CA ASN B 82 -31.83 0.28 10.64
C ASN B 82 -32.03 0.54 9.14
N VAL B 83 -32.76 1.59 8.81
CA VAL B 83 -32.98 1.96 7.41
C VAL B 83 -32.58 3.43 7.27
N PHE B 84 -31.58 3.69 6.43
CA PHE B 84 -31.10 5.06 6.22
C PHE B 84 -31.09 5.51 4.77
N ILE B 85 -31.58 6.72 4.53
CA ILE B 85 -31.52 7.30 3.20
C ILE B 85 -30.91 8.70 3.33
N ARG B 86 -29.71 8.86 2.78
CA ARG B 86 -29.03 10.14 2.82
C ARG B 86 -29.56 11.05 1.71
N TYR B 87 -29.79 12.31 2.06
CA TYR B 87 -30.27 13.31 1.13
C TYR B 87 -29.30 14.47 1.22
N GLY B 88 -28.41 14.58 0.23
CA GLY B 88 -27.43 15.66 0.27
C GLY B 88 -27.27 16.45 -1.01
N THR B 89 -26.15 17.16 -1.11
CA THR B 89 -25.85 17.97 -2.28
C THR B 89 -24.60 17.42 -2.90
N THR B 90 -24.40 17.70 -4.19
CA THR B 90 -23.23 17.17 -4.85
C THR B 90 -22.77 18.02 -6.03
N GLY B 91 -21.52 17.82 -6.44
CA GLY B 91 -20.98 18.53 -7.58
C GLY B 91 -20.87 17.58 -8.75
N ALA B 92 -21.57 17.91 -9.84
CA ALA B 92 -21.57 17.05 -11.03
C ALA B 92 -20.19 17.00 -11.70
N LEU B 93 -19.84 15.85 -12.26
CA LEU B 93 -18.56 15.65 -12.94
C LEU B 93 -18.74 15.53 -14.45
N VAL B 94 -19.99 15.62 -14.91
CA VAL B 94 -20.32 15.54 -16.32
C VAL B 94 -21.14 16.77 -16.70
N PRO B 95 -20.85 17.36 -17.87
CA PRO B 95 -21.54 18.56 -18.38
C PRO B 95 -23.03 18.45 -18.70
N TYR B 96 -23.54 17.25 -18.92
CA TYR B 96 -24.94 17.10 -19.28
C TYR B 96 -25.94 17.11 -18.11
N ILE B 97 -25.44 17.33 -16.90
CA ILE B 97 -26.30 17.37 -15.71
C ILE B 97 -26.42 18.82 -15.23
N ASN B 98 -27.66 19.30 -15.14
CA ASN B 98 -27.92 20.67 -14.72
C ASN B 98 -28.14 20.84 -13.22
N LEU B 99 -27.89 22.05 -12.74
CA LEU B 99 -28.07 22.38 -11.33
C LEU B 99 -29.53 22.14 -10.93
N GLY B 100 -29.74 21.68 -9.71
CA GLY B 100 -31.09 21.43 -9.24
C GLY B 100 -31.65 20.07 -9.63
N GLU B 101 -31.00 19.38 -10.56
CA GLU B 101 -31.47 18.06 -10.96
C GLU B 101 -31.01 17.07 -9.90
N TYR B 102 -31.52 15.83 -9.95
CA TYR B 102 -31.15 14.86 -8.93
C TYR B 102 -30.29 13.68 -9.40
N ILE B 103 -29.53 13.13 -8.45
CA ILE B 103 -28.67 11.98 -8.73
C ILE B 103 -28.91 10.88 -7.71
N ILE B 104 -29.42 9.74 -8.20
CA ILE B 104 -29.68 8.57 -7.38
C ILE B 104 -28.42 7.70 -7.53
N VAL B 105 -27.72 7.52 -6.41
CA VAL B 105 -26.46 6.79 -6.35
C VAL B 105 -26.56 5.25 -6.36
N THR B 106 -25.74 4.63 -7.22
CA THR B 106 -25.70 3.18 -7.38
C THR B 106 -24.40 2.60 -6.83
N GLY B 107 -23.45 3.46 -6.49
CA GLY B 107 -22.18 3.01 -5.96
C GLY B 107 -21.27 4.17 -5.62
N ALA B 108 -20.25 3.91 -4.81
CA ALA B 108 -19.31 4.94 -4.40
C ALA B 108 -17.84 4.54 -4.50
N SER B 109 -17.07 5.35 -5.20
CA SER B 109 -15.63 5.13 -5.34
C SER B 109 -15.02 5.86 -4.14
N TYR B 110 -13.86 5.40 -3.68
CA TYR B 110 -13.16 6.02 -2.56
C TYR B 110 -11.68 5.68 -2.56
N ASN B 111 -10.88 6.51 -1.89
CA ASN B 111 -9.45 6.23 -1.80
C ASN B 111 -9.28 5.40 -0.53
N GLN B 112 -8.35 4.44 -0.55
CA GLN B 112 -8.12 3.61 0.61
C GLN B 112 -7.64 4.52 1.74
N GLY B 113 -8.14 4.28 2.95
CA GLY B 113 -7.72 5.14 4.04
C GLY B 113 -8.14 4.70 5.42
N GLY B 114 -7.65 5.45 6.41
CA GLY B 114 -7.92 5.19 7.80
C GLY B 114 -9.24 4.55 8.19
N LEU B 115 -10.35 5.26 7.99
CA LEU B 115 -11.66 4.74 8.38
C LEU B 115 -11.92 3.35 7.83
N PHE B 116 -11.74 3.16 6.52
CA PHE B 116 -11.97 1.85 5.92
C PHE B 116 -10.98 0.83 6.48
N TYR B 117 -9.74 1.24 6.76
CA TYR B 117 -8.75 0.31 7.28
C TYR B 117 -9.11 -0.15 8.70
N GLN B 118 -9.57 0.80 9.53
CA GLN B 118 -9.93 0.48 10.91
C GLN B 118 -11.16 -0.43 11.02
N TYR B 119 -12.11 -0.29 10.10
CA TYR B 119 -13.33 -1.10 10.10
C TYR B 119 -13.15 -2.44 9.36
N LEU B 120 -12.39 -2.44 8.26
CA LEU B 120 -12.20 -3.65 7.47
C LEU B 120 -10.96 -4.46 7.83
N ARG B 121 -10.02 -3.84 8.52
CA ARG B 121 -8.80 -4.49 8.98
C ARG B 121 -7.74 -4.80 7.90
N ASP B 122 -7.97 -4.34 6.68
CA ASP B 122 -7.01 -4.49 5.59
C ASP B 122 -7.40 -3.58 4.43
N ASN B 123 -6.60 -3.56 3.38
CA ASN B 123 -6.85 -2.67 2.23
C ASN B 123 -7.78 -3.17 1.13
N ALA B 124 -8.54 -4.23 1.41
CA ALA B 124 -9.45 -4.78 0.42
C ALA B 124 -10.47 -3.76 -0.08
N CYS B 125 -10.73 -3.75 -1.38
CA CYS B 125 -11.72 -2.85 -1.95
C CYS B 125 -13.09 -3.51 -1.88
N VAL B 126 -13.77 -3.34 -0.77
CA VAL B 126 -15.09 -3.92 -0.56
C VAL B 126 -16.10 -3.09 -1.35
N ALA B 127 -17.01 -3.75 -2.04
CA ALA B 127 -18.01 -3.06 -2.83
C ALA B 127 -18.87 -2.13 -1.97
N SER B 128 -18.79 -0.83 -2.25
CA SER B 128 -19.55 0.18 -1.52
C SER B 128 -20.79 0.52 -2.33
N THR B 129 -21.83 -0.29 -2.13
CA THR B 129 -23.08 -0.14 -2.86
C THR B 129 -24.28 -0.04 -1.92
N PRO B 130 -25.36 0.62 -2.37
CA PRO B 130 -26.58 0.78 -1.57
C PRO B 130 -27.44 -0.47 -1.65
N ASP B 131 -28.53 -0.47 -0.88
CA ASP B 131 -29.46 -1.60 -0.91
C ASP B 131 -30.14 -1.55 -2.27
N PHE B 132 -30.10 -2.66 -2.99
CA PHE B 132 -30.70 -2.74 -4.32
C PHE B 132 -32.19 -2.44 -4.33
N GLU B 133 -32.96 -3.10 -3.47
CA GLU B 133 -34.40 -2.86 -3.44
C GLU B 133 -34.74 -1.41 -3.08
N LEU B 134 -34.13 -0.91 -2.01
CA LEU B 134 -34.40 0.45 -1.55
C LEU B 134 -34.09 1.48 -2.65
N THR B 135 -32.99 1.28 -3.37
CA THR B 135 -32.63 2.20 -4.43
C THR B 135 -33.67 2.20 -5.56
N ASN B 136 -34.23 1.03 -5.89
CA ASN B 136 -35.24 0.97 -6.94
C ASN B 136 -36.51 1.69 -6.47
N LYS B 137 -36.81 1.62 -5.18
CA LYS B 137 -37.99 2.31 -4.65
C LYS B 137 -37.80 3.82 -4.83
N LEU B 138 -36.58 4.30 -4.67
CA LEU B 138 -36.28 5.72 -4.84
C LEU B 138 -36.54 6.13 -6.29
N VAL B 139 -36.05 5.32 -7.22
CA VAL B 139 -36.23 5.62 -8.63
C VAL B 139 -37.72 5.75 -8.93
N THR B 140 -38.51 4.80 -8.43
CA THR B 140 -39.95 4.82 -8.64
C THR B 140 -40.55 6.10 -8.10
N SER B 141 -40.24 6.42 -6.84
CA SER B 141 -40.77 7.62 -6.20
C SER B 141 -40.45 8.91 -6.94
N PHE B 142 -39.22 9.03 -7.44
CA PHE B 142 -38.84 10.25 -8.14
C PHE B 142 -39.48 10.38 -9.53
N SER B 143 -39.66 9.27 -10.24
CA SER B 143 -40.28 9.34 -11.56
C SER B 143 -41.78 9.57 -11.36
N LYS B 144 -42.33 9.01 -10.30
CA LYS B 144 -43.75 9.16 -10.00
C LYS B 144 -44.06 10.64 -9.80
N ARG B 145 -43.17 11.35 -9.10
CA ARG B 145 -43.35 12.78 -8.87
C ARG B 145 -42.83 13.58 -10.06
N ASN B 146 -42.55 12.88 -11.16
CA ASN B 146 -42.10 13.50 -12.39
C ASN B 146 -40.83 14.36 -12.25
N LEU B 147 -39.87 13.90 -11.46
CA LEU B 147 -38.63 14.65 -11.27
C LEU B 147 -37.50 14.19 -12.21
N LYS B 148 -36.60 15.11 -12.55
CA LYS B 148 -35.48 14.80 -13.44
C LYS B 148 -34.30 14.26 -12.65
N TYR B 149 -33.97 12.99 -12.87
CA TYR B 149 -32.86 12.37 -12.15
C TYR B 149 -31.94 11.54 -13.05
N TYR B 150 -30.78 11.18 -12.52
CA TYR B 150 -29.80 10.35 -13.23
C TYR B 150 -29.28 9.32 -12.24
N VAL B 151 -29.07 8.08 -12.69
CA VAL B 151 -28.55 7.03 -11.82
C VAL B 151 -27.09 6.76 -12.16
N GLY B 152 -26.24 6.73 -11.14
CA GLY B 152 -24.83 6.49 -11.38
C GLY B 152 -23.96 6.45 -10.13
N ASN B 153 -22.67 6.18 -10.33
CA ASN B 153 -21.71 6.11 -9.25
C ASN B 153 -21.14 7.50 -8.92
N VAL B 154 -20.71 7.68 -7.68
CA VAL B 154 -20.13 8.94 -7.25
C VAL B 154 -18.82 8.70 -6.51
N PHE B 155 -17.96 9.70 -6.50
CA PHE B 155 -16.68 9.59 -5.79
C PHE B 155 -16.86 10.29 -4.43
N SER B 156 -16.57 9.56 -3.35
CA SER B 156 -16.66 10.11 -2.01
C SER B 156 -15.28 10.62 -1.60
N SER B 157 -15.09 11.92 -1.74
CA SER B 157 -13.83 12.58 -1.41
C SER B 157 -13.68 12.89 0.09
N ASP B 158 -12.45 12.98 0.56
CA ASP B 158 -12.17 13.29 1.96
C ASP B 158 -11.56 14.68 2.09
N ALA B 159 -11.12 15.25 0.97
CA ALA B 159 -10.49 16.57 0.98
C ALA B 159 -11.17 17.52 0.01
N PHE B 160 -12.15 18.26 0.52
CA PHE B 160 -12.92 19.21 -0.26
C PHE B 160 -12.01 20.19 -1.02
N TYR B 161 -10.98 20.72 -0.35
CA TYR B 161 -10.10 21.68 -0.99
C TYR B 161 -8.83 21.14 -1.65
N ALA B 162 -8.94 19.96 -2.25
CA ALA B 162 -7.83 19.35 -2.96
C ALA B 162 -8.35 18.75 -4.28
N GLU B 163 -9.55 19.16 -4.68
CA GLU B 163 -10.19 18.68 -5.91
C GLU B 163 -10.03 19.62 -7.12
N ASP B 164 -8.82 19.67 -7.65
CA ASP B 164 -8.48 20.52 -8.80
C ASP B 164 -9.18 20.12 -10.11
N GLU B 165 -8.58 20.49 -11.25
CA GLU B 165 -9.14 20.16 -12.55
C GLU B 165 -8.82 18.73 -12.98
N GLU B 166 -7.55 18.34 -12.87
CA GLU B 166 -7.14 16.98 -13.23
C GLU B 166 -8.10 16.01 -12.55
N PHE B 167 -8.72 16.52 -11.49
CA PHE B 167 -9.71 15.81 -10.67
C PHE B 167 -10.89 15.34 -11.51
N VAL B 168 -11.54 16.28 -12.19
CA VAL B 168 -12.71 15.97 -13.01
C VAL B 168 -12.48 14.90 -14.07
N LYS B 169 -11.40 15.02 -14.83
CA LYS B 169 -11.12 14.05 -15.88
C LYS B 169 -10.86 12.66 -15.31
N LYS B 170 -10.10 12.60 -14.21
CA LYS B 170 -9.78 11.32 -13.60
C LYS B 170 -10.99 10.55 -13.10
N TRP B 171 -11.83 11.18 -12.27
CA TRP B 171 -13.00 10.48 -11.74
C TRP B 171 -14.14 10.26 -12.73
N SER B 172 -14.32 11.17 -13.69
CA SER B 172 -15.37 10.98 -14.68
C SER B 172 -15.00 9.83 -15.62
N SER B 173 -13.70 9.64 -15.88
CA SER B 173 -13.26 8.58 -16.74
C SER B 173 -13.31 7.24 -16.02
N ARG B 174 -13.56 7.29 -14.71
CA ARG B 174 -13.67 6.08 -13.90
C ARG B 174 -15.11 5.71 -13.66
N GLY B 175 -16.00 6.31 -14.44
CA GLY B 175 -17.42 6.00 -14.32
C GLY B 175 -18.20 6.76 -13.26
N ASN B 176 -17.63 7.82 -12.71
CA ASN B 176 -18.33 8.60 -11.68
C ASN B 176 -18.92 9.86 -12.29
N ILE B 177 -20.16 10.16 -11.92
CA ILE B 177 -20.84 11.35 -12.46
C ILE B 177 -20.99 12.50 -11.47
N ALA B 178 -20.50 12.31 -10.25
CA ALA B 178 -20.58 13.36 -9.23
C ALA B 178 -19.66 13.07 -8.06
N VAL B 179 -19.42 14.10 -7.25
CA VAL B 179 -18.57 13.99 -6.08
C VAL B 179 -19.25 14.54 -4.83
N GLU B 180 -19.11 13.82 -3.74
CA GLU B 180 -19.65 14.24 -2.45
C GLU B 180 -18.67 13.69 -1.42
N MET B 181 -19.07 13.55 -0.16
CA MET B 181 -18.11 13.10 0.86
C MET B 181 -18.51 12.00 1.85
N GLU B 182 -19.76 11.56 1.83
CA GLU B 182 -20.19 10.55 2.81
C GLU B 182 -20.74 9.21 2.32
N CYS B 183 -21.04 9.10 1.04
CA CYS B 183 -21.63 7.86 0.52
C CYS B 183 -20.84 6.56 0.71
N ALA B 184 -19.54 6.58 0.44
CA ALA B 184 -18.73 5.38 0.60
C ALA B 184 -18.84 4.85 2.04
N THR B 185 -18.71 5.75 3.00
CA THR B 185 -18.79 5.36 4.42
C THR B 185 -20.18 4.77 4.72
N LEU B 186 -21.24 5.46 4.29
CA LEU B 186 -22.60 4.99 4.52
C LEU B 186 -22.84 3.59 3.96
N PHE B 187 -22.51 3.38 2.69
CA PHE B 187 -22.72 2.09 2.03
C PHE B 187 -21.90 0.95 2.64
N THR B 188 -20.60 1.15 2.81
CA THR B 188 -19.74 0.09 3.35
C THR B 188 -20.08 -0.27 4.80
N LEU B 189 -20.32 0.73 5.63
CA LEU B 189 -20.66 0.45 7.02
C LEU B 189 -22.02 -0.25 7.07
N SER B 190 -22.93 0.15 6.20
CA SER B 190 -24.26 -0.48 6.16
C SER B 190 -24.17 -1.96 5.76
N LYS B 191 -23.27 -2.28 4.83
CA LYS B 191 -23.12 -3.67 4.38
C LYS B 191 -22.57 -4.53 5.51
N VAL B 192 -21.60 -3.99 6.24
CA VAL B 192 -20.99 -4.69 7.37
C VAL B 192 -21.94 -4.87 8.57
N LYS B 193 -22.77 -3.85 8.83
CA LYS B 193 -23.68 -3.88 9.97
C LYS B 193 -25.07 -4.45 9.67
N GLY B 194 -25.40 -4.62 8.40
CA GLY B 194 -26.70 -5.14 8.05
C GLY B 194 -27.82 -4.11 7.92
N TRP B 195 -27.46 -2.84 7.75
CA TRP B 195 -28.48 -1.80 7.61
C TRP B 195 -28.87 -1.65 6.14
N LYS B 196 -30.06 -1.13 5.88
CA LYS B 196 -30.51 -0.90 4.50
C LYS B 196 -30.36 0.60 4.21
N SER B 197 -29.48 0.94 3.27
CA SER B 197 -29.24 2.34 2.93
C SER B 197 -29.27 2.68 1.45
N ALA B 198 -29.48 3.98 1.18
CA ALA B 198 -29.53 4.50 -0.18
C ALA B 198 -29.22 5.99 -0.10
N THR B 199 -29.10 6.63 -1.25
CA THR B 199 -28.78 8.06 -1.28
C THR B 199 -29.29 8.75 -2.55
N VAL B 200 -29.80 9.96 -2.38
CA VAL B 200 -30.26 10.81 -3.48
C VAL B 200 -29.52 12.12 -3.25
N LEU B 201 -29.01 12.73 -4.31
CA LEU B 201 -28.27 13.98 -4.18
C LEU B 201 -28.85 15.11 -5.05
N VAL B 202 -28.72 16.34 -4.55
CA VAL B 202 -29.18 17.51 -5.30
C VAL B 202 -27.93 18.16 -5.88
N VAL B 203 -27.88 18.35 -7.19
CA VAL B 203 -26.72 18.96 -7.82
C VAL B 203 -26.64 20.45 -7.49
N SER B 204 -25.66 20.83 -6.68
CA SER B 204 -25.48 22.22 -6.30
C SER B 204 -24.37 22.90 -7.10
N ASP B 205 -23.63 22.11 -7.89
CA ASP B 205 -22.55 22.65 -8.71
C ASP B 205 -22.06 21.66 -9.76
N ASN B 206 -21.53 22.19 -10.87
CA ASN B 206 -21.01 21.37 -11.95
C ASN B 206 -19.54 21.74 -12.14
N LEU B 207 -18.64 20.80 -11.88
CA LEU B 207 -17.21 21.05 -12.03
C LEU B 207 -16.72 20.85 -13.47
N ALA B 208 -17.61 20.36 -14.33
CA ALA B 208 -17.27 20.11 -15.73
C ALA B 208 -17.66 21.32 -16.58
N LYS B 209 -18.52 22.16 -16.04
CA LYS B 209 -18.98 23.36 -16.73
C LYS B 209 -18.66 24.59 -15.89
N GLU B 218 -35.10 28.70 -6.48
CA GLU B 218 -34.85 27.56 -7.42
C GLU B 218 -34.22 26.36 -6.73
N LEU B 219 -33.16 26.59 -5.95
CA LEU B 219 -32.49 25.51 -5.25
C LEU B 219 -33.39 24.99 -4.15
N GLU B 220 -33.77 25.87 -3.24
CA GLU B 220 -34.64 25.52 -2.12
C GLU B 220 -35.80 24.66 -2.62
N LYS B 221 -36.38 25.05 -3.74
CA LYS B 221 -37.49 24.31 -4.32
C LYS B 221 -37.07 22.87 -4.62
N SER B 222 -35.86 22.72 -5.17
CA SER B 222 -35.34 21.39 -5.50
C SER B 222 -35.27 20.52 -4.26
N VAL B 223 -34.62 21.03 -3.23
CA VAL B 223 -34.48 20.30 -1.98
C VAL B 223 -35.85 19.84 -1.49
N MET B 224 -36.81 20.77 -1.39
CA MET B 224 -38.15 20.42 -0.92
C MET B 224 -38.82 19.36 -1.81
N ASP B 225 -38.75 19.55 -3.12
CA ASP B 225 -39.34 18.61 -4.07
C ASP B 225 -38.82 17.18 -3.85
N GLY B 226 -37.50 17.06 -3.72
CA GLY B 226 -36.89 15.75 -3.52
C GLY B 226 -37.19 15.12 -2.18
N ALA B 227 -37.14 15.93 -1.12
CA ALA B 227 -37.39 15.43 0.23
C ALA B 227 -38.72 14.67 0.31
N LYS B 228 -39.71 15.14 -0.44
CA LYS B 228 -41.02 14.49 -0.44
C LYS B 228 -40.96 13.14 -1.15
N ALA B 229 -40.16 13.05 -2.20
CA ALA B 229 -40.03 11.79 -2.93
C ALA B 229 -39.27 10.82 -2.02
N VAL B 230 -38.34 11.36 -1.24
CA VAL B 230 -37.56 10.54 -0.32
C VAL B 230 -38.39 10.01 0.84
N LEU B 231 -39.25 10.87 1.40
CA LEU B 231 -40.10 10.46 2.52
C LEU B 231 -41.12 9.41 2.09
N ASP B 232 -41.64 9.52 0.86
CA ASP B 232 -42.59 8.52 0.37
C ASP B 232 -41.89 7.17 0.29
N THR B 233 -40.66 7.17 -0.21
CA THR B 233 -39.87 5.95 -0.34
C THR B 233 -39.63 5.31 1.03
N LEU B 234 -39.15 6.10 1.98
CA LEU B 234 -38.88 5.61 3.33
C LEU B 234 -40.10 4.98 3.99
N THR B 235 -41.28 5.50 3.67
CA THR B 235 -42.52 4.99 4.27
C THR B 235 -43.35 4.09 3.36
N SER B 236 -42.70 3.53 2.34
CA SER B 236 -43.38 2.64 1.40
C SER B 236 -43.19 1.17 1.81
N ASN C 2 -14.56 31.80 -2.72
CA ASN C 2 -15.12 32.27 -1.42
C ASN C 2 -15.68 31.11 -0.59
N PRO C 3 -15.51 31.18 0.74
CA PRO C 3 -16.00 30.15 1.67
C PRO C 3 -17.47 29.79 1.43
N VAL C 4 -17.76 28.49 1.39
CA VAL C 4 -19.13 28.03 1.17
C VAL C 4 -19.75 27.37 2.40
N HIS C 5 -19.00 27.30 3.49
CA HIS C 5 -19.51 26.71 4.73
C HIS C 5 -19.61 27.78 5.82
N ILE C 6 -18.50 28.48 6.05
CA ILE C 6 -18.46 29.55 7.04
C ILE C 6 -18.67 30.86 6.28
N LEU C 7 -19.90 31.36 6.32
CA LEU C 7 -20.29 32.58 5.62
C LEU C 7 -20.02 33.87 6.38
N ALA C 8 -18.75 34.17 6.62
CA ALA C 8 -18.35 35.38 7.33
C ALA C 8 -17.83 36.43 6.36
N LYS C 9 -17.97 37.70 6.73
CA LYS C 9 -17.51 38.80 5.89
C LYS C 9 -16.08 39.21 6.23
N LYS C 10 -15.51 40.05 5.36
CA LYS C 10 -14.14 40.55 5.53
C LYS C 10 -13.91 41.18 6.89
N GLY C 11 -12.82 40.77 7.54
CA GLY C 11 -12.46 41.32 8.83
C GLY C 11 -13.24 40.83 10.04
N GLU C 12 -14.15 39.88 9.84
CA GLU C 12 -14.94 39.35 10.96
C GLU C 12 -14.25 38.22 11.71
N VAL C 13 -13.27 37.57 11.07
CA VAL C 13 -12.55 36.49 11.72
C VAL C 13 -11.17 36.97 12.11
N ALA C 14 -10.78 36.72 13.35
CA ALA C 14 -9.48 37.14 13.85
C ALA C 14 -8.37 36.25 13.31
N GLU C 15 -7.13 36.73 13.41
CA GLU C 15 -5.96 35.99 12.96
C GLU C 15 -5.72 34.82 13.90
N ARG C 16 -6.03 35.01 15.18
CA ARG C 16 -5.83 33.97 16.18
C ARG C 16 -7.17 33.32 16.52
N VAL C 17 -7.23 32.00 16.38
CA VAL C 17 -8.46 31.27 16.62
C VAL C 17 -8.38 30.06 17.53
N LEU C 18 -9.31 29.98 18.49
CA LEU C 18 -9.39 28.84 19.39
C LEU C 18 -10.42 27.97 18.68
N VAL C 19 -10.05 26.74 18.34
CA VAL C 19 -11.00 25.86 17.65
C VAL C 19 -11.42 24.67 18.50
N VAL C 20 -12.72 24.38 18.48
CA VAL C 20 -13.29 23.28 19.25
C VAL C 20 -14.29 22.52 18.37
N GLY C 21 -14.50 21.24 18.67
CA GLY C 21 -15.40 20.45 17.85
C GLY C 21 -16.88 20.66 18.12
N ASP C 22 -17.20 20.88 19.39
CA ASP C 22 -18.56 21.05 19.86
C ASP C 22 -19.07 22.51 19.79
N PRO C 23 -20.10 22.78 18.97
CA PRO C 23 -20.60 24.15 18.89
C PRO C 23 -21.12 24.62 20.24
N GLY C 24 -21.56 23.67 21.06
CA GLY C 24 -22.07 24.00 22.37
C GLY C 24 -20.96 24.57 23.24
N ARG C 25 -19.75 24.06 23.06
CA ARG C 25 -18.60 24.54 23.84
C ARG C 25 -18.13 25.89 23.31
N ALA C 26 -18.23 26.10 22.00
CA ALA C 26 -17.81 27.37 21.41
C ALA C 26 -18.68 28.48 22.01
N ARG C 27 -19.99 28.23 22.07
CA ARG C 27 -20.90 29.24 22.63
C ARG C 27 -20.53 29.48 24.08
N LEU C 28 -20.42 28.41 24.87
CA LEU C 28 -20.06 28.51 26.28
C LEU C 28 -18.77 29.33 26.50
N LEU C 29 -17.71 29.00 25.75
CA LEU C 29 -16.45 29.70 25.91
C LEU C 29 -16.49 31.17 25.48
N SER C 30 -17.42 31.51 24.59
CA SER C 30 -17.53 32.88 24.13
C SER C 30 -17.84 33.83 25.28
N THR C 31 -18.43 33.31 26.35
CA THR C 31 -18.78 34.16 27.50
C THR C 31 -17.54 34.62 28.26
N LEU C 32 -16.38 34.12 27.88
CA LEU C 32 -15.13 34.52 28.52
C LEU C 32 -14.49 35.68 27.76
N LEU C 33 -15.15 36.13 26.69
CA LEU C 33 -14.63 37.25 25.90
C LEU C 33 -15.40 38.54 26.16
N GLN C 34 -14.84 39.66 25.72
CA GLN C 34 -15.46 40.98 25.88
C GLN C 34 -16.35 41.24 24.67
N ASN C 35 -17.63 41.48 24.92
CA ASN C 35 -18.60 41.75 23.85
C ASN C 35 -18.46 40.81 22.64
N PRO C 36 -18.81 39.53 22.82
CA PRO C 36 -18.74 38.52 21.75
C PRO C 36 -19.83 38.69 20.70
N LYS C 37 -19.45 38.55 19.43
CA LYS C 37 -20.40 38.66 18.34
C LYS C 37 -20.39 37.38 17.51
N LEU C 38 -21.58 36.84 17.23
CA LEU C 38 -21.68 35.62 16.42
C LEU C 38 -21.42 36.02 14.97
N THR C 39 -20.31 35.51 14.42
CA THR C 39 -19.94 35.81 13.05
C THR C 39 -20.49 34.82 12.02
N ASN C 40 -20.74 33.59 12.44
CA ASN C 40 -21.27 32.58 11.52
C ASN C 40 -22.04 31.48 12.25
N GLU C 41 -23.07 30.96 11.60
CA GLU C 41 -23.87 29.89 12.15
C GLU C 41 -24.33 28.92 11.05
N ASN C 42 -23.85 29.15 9.83
CA ASN C 42 -24.20 28.29 8.71
C ASN C 42 -23.70 26.87 8.95
N ARG C 43 -24.54 25.89 8.63
CA ARG C 43 -24.20 24.48 8.80
C ARG C 43 -23.83 24.09 10.23
N GLY C 44 -24.25 24.91 11.18
CA GLY C 44 -23.98 24.62 12.58
C GLY C 44 -22.60 24.99 13.09
N PHE C 45 -21.70 25.41 12.20
CA PHE C 45 -20.36 25.79 12.61
C PHE C 45 -20.33 27.18 13.23
N LEU C 46 -20.58 27.27 14.53
CA LEU C 46 -20.60 28.55 15.22
C LEU C 46 -19.22 29.17 15.35
N VAL C 47 -19.14 30.47 15.09
CA VAL C 47 -17.90 31.22 15.20
C VAL C 47 -18.20 32.53 15.92
N TYR C 48 -17.48 32.79 17.01
CA TYR C 48 -17.66 34.03 17.75
C TYR C 48 -16.36 34.81 17.68
N THR C 49 -16.47 36.13 17.75
CA THR C 49 -15.29 37.00 17.72
C THR C 49 -15.43 38.07 18.79
N GLY C 50 -14.39 38.26 19.59
CA GLY C 50 -14.43 39.24 20.64
C GLY C 50 -13.03 39.55 21.14
N LYS C 51 -12.93 40.07 22.36
CA LYS C 51 -11.62 40.40 22.90
C LYS C 51 -11.32 39.69 24.21
N TYR C 52 -10.04 39.43 24.43
CA TYR C 52 -9.55 38.80 25.64
C TYR C 52 -8.26 39.53 25.97
N ASN C 53 -8.12 40.00 27.21
CA ASN C 53 -6.94 40.78 27.60
C ASN C 53 -6.83 41.94 26.63
N GLY C 54 -7.98 42.42 26.15
CA GLY C 54 -8.00 43.53 25.21
C GLY C 54 -7.56 43.16 23.80
N GLU C 55 -7.39 41.86 23.55
CA GLU C 55 -6.96 41.38 22.24
C GLU C 55 -8.09 40.71 21.47
N THR C 56 -8.17 40.97 20.18
CA THR C 56 -9.22 40.38 19.33
C THR C 56 -8.90 38.91 19.06
N VAL C 57 -9.89 38.05 19.24
CA VAL C 57 -9.72 36.61 18.99
C VAL C 57 -11.05 36.02 18.57
N SER C 58 -11.01 34.82 18.01
CA SER C 58 -12.20 34.13 17.57
C SER C 58 -12.21 32.70 18.12
N ILE C 59 -13.41 32.16 18.31
CA ILE C 59 -13.60 30.81 18.78
C ILE C 59 -14.49 30.17 17.72
N ALA C 60 -14.01 29.11 17.10
CA ALA C 60 -14.78 28.47 16.03
C ALA C 60 -15.04 26.98 16.24
N THR C 61 -16.14 26.51 15.65
CA THR C 61 -16.53 25.11 15.74
C THR C 61 -15.96 24.36 14.53
N HIS C 62 -15.37 23.18 14.74
CA HIS C 62 -14.84 22.44 13.59
C HIS C 62 -15.49 21.09 13.32
N GLY C 63 -16.45 20.68 14.16
CA GLY C 63 -17.11 19.41 13.97
C GLY C 63 -16.24 18.20 14.25
N ILE C 64 -16.70 17.03 13.82
CA ILE C 64 -15.96 15.79 14.06
C ILE C 64 -15.20 15.21 12.87
N GLY C 65 -13.93 14.89 13.07
CA GLY C 65 -13.14 14.27 12.02
C GLY C 65 -12.26 15.12 11.12
N GLY C 66 -11.27 14.47 10.52
CA GLY C 66 -10.33 15.13 9.63
C GLY C 66 -10.97 15.90 8.48
N PRO C 67 -11.86 15.28 7.71
CA PRO C 67 -12.51 15.98 6.59
C PRO C 67 -13.23 17.26 7.01
N SER C 68 -13.86 17.24 8.19
CA SER C 68 -14.59 18.40 8.68
C SER C 68 -13.67 19.55 9.09
N ILE C 69 -12.70 19.27 9.96
CA ILE C 69 -11.77 20.30 10.42
C ILE C 69 -10.89 20.81 9.26
N ALA C 70 -10.68 19.98 8.24
CA ALA C 70 -9.87 20.42 7.09
C ALA C 70 -10.65 21.52 6.35
N ILE C 71 -11.94 21.30 6.13
CA ILE C 71 -12.78 22.29 5.46
C ILE C 71 -12.86 23.59 6.26
N VAL C 72 -13.09 23.48 7.57
CA VAL C 72 -13.18 24.66 8.43
C VAL C 72 -11.88 25.47 8.49
N LEU C 73 -10.75 24.79 8.65
CA LEU C 73 -9.45 25.47 8.70
C LEU C 73 -9.15 26.21 7.38
N GLU C 74 -9.47 25.58 6.26
CA GLU C 74 -9.23 26.19 4.94
C GLU C 74 -10.04 27.47 4.78
N GLU C 75 -11.32 27.42 5.15
CA GLU C 75 -12.18 28.59 5.00
C GLU C 75 -11.86 29.69 6.01
N LEU C 76 -11.49 29.31 7.23
CA LEU C 76 -11.12 30.31 8.24
C LEU C 76 -9.85 31.02 7.80
N ALA C 77 -8.91 30.27 7.21
CA ALA C 77 -7.66 30.86 6.75
C ALA C 77 -7.92 31.80 5.57
N MET C 78 -8.91 31.45 4.74
CA MET C 78 -9.28 32.29 3.60
C MET C 78 -9.84 33.61 4.13
N LEU C 79 -10.44 33.55 5.31
CA LEU C 79 -11.04 34.73 5.93
C LEU C 79 -10.01 35.52 6.74
N GLY C 80 -8.76 35.06 6.75
CA GLY C 80 -7.73 35.78 7.49
C GLY C 80 -7.03 35.11 8.66
N ALA C 81 -7.48 33.94 9.09
CA ALA C 81 -6.82 33.28 10.23
C ALA C 81 -5.52 32.57 9.86
N ASN C 82 -4.56 32.55 10.78
CA ASN C 82 -3.29 31.87 10.55
C ASN C 82 -2.66 31.25 11.79
N VAL C 83 -3.33 31.38 12.94
CA VAL C 83 -2.86 30.79 14.19
C VAL C 83 -4.04 30.02 14.78
N PHE C 84 -3.87 28.72 14.98
CA PHE C 84 -4.95 27.88 15.50
C PHE C 84 -4.57 27.03 16.72
N ILE C 85 -5.38 27.10 17.77
CA ILE C 85 -5.13 26.25 18.91
C ILE C 85 -6.39 25.41 19.14
N ARG C 86 -6.27 24.10 18.94
CA ARG C 86 -7.41 23.23 19.14
C ARG C 86 -7.52 22.93 20.62
N TYR C 87 -8.75 22.96 21.11
CA TYR C 87 -9.02 22.69 22.52
C TYR C 87 -10.17 21.69 22.51
N GLY C 88 -9.85 20.42 22.75
CA GLY C 88 -10.90 19.43 22.73
C GLY C 88 -10.84 18.42 23.85
N THR C 89 -11.54 17.31 23.65
CA THR C 89 -11.58 16.23 24.62
C THR C 89 -10.86 15.02 24.04
N THR C 90 -10.48 14.10 24.92
CA THR C 90 -9.75 12.91 24.48
C THR C 90 -9.89 11.75 25.45
N GLY C 91 -9.49 10.58 24.98
CA GLY C 91 -9.51 9.39 25.81
C GLY C 91 -8.08 8.99 26.07
N ALA C 92 -7.72 8.83 27.34
CA ALA C 92 -6.36 8.45 27.70
C ALA C 92 -6.11 6.98 27.38
N LEU C 93 -4.88 6.66 26.98
CA LEU C 93 -4.47 5.30 26.63
C LEU C 93 -3.53 4.71 27.69
N VAL C 94 -3.32 5.45 28.78
CA VAL C 94 -2.48 5.01 29.87
C VAL C 94 -3.26 5.14 31.18
N PRO C 95 -3.08 4.18 32.10
CA PRO C 95 -3.78 4.14 33.40
C PRO C 95 -3.55 5.27 34.39
N TYR C 96 -2.39 5.93 34.33
CA TYR C 96 -2.06 6.99 35.28
C TYR C 96 -2.63 8.40 35.05
N ILE C 97 -3.39 8.60 33.98
CA ILE C 97 -3.97 9.92 33.71
C ILE C 97 -5.43 9.99 34.16
N ASN C 98 -5.73 10.89 35.09
CA ASN C 98 -7.08 11.04 35.63
C ASN C 98 -7.98 11.93 34.78
N LEU C 99 -9.29 11.70 34.88
CA LEU C 99 -10.26 12.49 34.13
C LEU C 99 -10.20 13.94 34.58
N GLY C 100 -10.43 14.84 33.63
CA GLY C 100 -10.39 16.26 33.97
C GLY C 100 -9.01 16.86 33.83
N GLU C 101 -7.98 16.02 33.71
CA GLU C 101 -6.61 16.55 33.57
C GLU C 101 -6.37 16.95 32.12
N TYR C 102 -5.19 17.49 31.83
CA TYR C 102 -4.91 17.95 30.46
C TYR C 102 -3.73 17.31 29.75
N ILE C 103 -3.81 17.28 28.43
CA ILE C 103 -2.75 16.74 27.60
C ILE C 103 -2.33 17.76 26.55
N ILE C 104 -1.07 18.17 26.59
CA ILE C 104 -0.54 19.11 25.62
C ILE C 104 0.16 18.23 24.58
N VAL C 105 -0.39 18.24 23.37
CA VAL C 105 0.05 17.42 22.26
C VAL C 105 1.36 17.83 21.58
N THR C 106 2.25 16.86 21.40
CA THR C 106 3.55 17.06 20.77
C THR C 106 3.66 16.42 19.38
N GLY C 107 2.67 15.61 19.01
CA GLY C 107 2.68 14.97 17.71
C GLY C 107 1.46 14.11 17.56
N ALA C 108 1.16 13.71 16.33
CA ALA C 108 -0.01 12.87 16.10
C ALA C 108 0.27 11.70 15.17
N SER C 109 -0.08 10.49 15.62
CA SER C 109 0.08 9.30 14.81
C SER C 109 -1.22 9.14 14.04
N TYR C 110 -1.18 8.48 12.89
CA TYR C 110 -2.38 8.29 12.08
C TYR C 110 -2.22 7.15 11.08
N ASN C 111 -3.34 6.64 10.58
CA ASN C 111 -3.30 5.59 9.56
C ASN C 111 -3.31 6.31 8.22
N GLN C 112 -2.44 5.89 7.32
CA GLN C 112 -2.33 6.50 6.00
C GLN C 112 -3.59 6.38 5.14
N GLY C 113 -3.71 7.26 4.13
CA GLY C 113 -4.85 7.20 3.24
C GLY C 113 -5.69 8.47 3.10
N GLY C 114 -6.88 8.26 2.54
CA GLY C 114 -7.85 9.32 2.31
C GLY C 114 -7.37 10.76 2.15
N LEU C 115 -7.71 11.55 3.16
CA LEU C 115 -7.39 12.97 3.20
C LEU C 115 -5.91 13.25 2.98
N PHE C 116 -5.04 12.48 3.63
CA PHE C 116 -3.61 12.69 3.50
C PHE C 116 -3.09 12.40 2.09
N TYR C 117 -3.65 11.39 1.44
CA TYR C 117 -3.24 11.03 0.07
C TYR C 117 -3.67 12.13 -0.91
N GLN C 118 -4.86 12.68 -0.70
CA GLN C 118 -5.36 13.73 -1.58
C GLN C 118 -4.55 15.02 -1.47
N TYR C 119 -4.10 15.36 -0.26
CA TYR C 119 -3.30 16.57 -0.05
C TYR C 119 -1.81 16.38 -0.35
N LEU C 120 -1.25 15.25 0.10
CA LEU C 120 0.17 14.98 -0.08
C LEU C 120 0.56 14.36 -1.41
N ARG C 121 -0.42 13.77 -2.11
CA ARG C 121 -0.21 13.15 -3.42
C ARG C 121 0.49 11.78 -3.42
N ASP C 122 0.90 11.31 -2.25
CA ASP C 122 1.48 9.97 -2.12
C ASP C 122 1.28 9.53 -0.68
N ASN C 123 1.83 8.38 -0.29
CA ASN C 123 1.63 7.89 1.06
C ASN C 123 2.79 8.05 2.04
N ALA C 124 3.67 9.02 1.79
CA ALA C 124 4.79 9.24 2.71
C ALA C 124 4.28 9.64 4.09
N CYS C 125 4.99 9.23 5.13
CA CYS C 125 4.59 9.59 6.47
C CYS C 125 5.23 10.92 6.85
N VAL C 126 4.52 12.01 6.54
CA VAL C 126 4.99 13.37 6.85
C VAL C 126 4.84 13.62 8.36
N ALA C 127 5.88 14.17 8.97
CA ALA C 127 5.85 14.46 10.41
C ALA C 127 4.65 15.36 10.74
N SER C 128 3.75 14.86 11.58
CA SER C 128 2.55 15.59 11.96
C SER C 128 2.77 16.20 13.35
N THR C 129 3.40 17.38 13.38
CA THR C 129 3.72 18.05 14.62
C THR C 129 3.20 19.49 14.69
N PRO C 130 3.00 20.01 15.93
CA PRO C 130 2.51 21.37 16.14
C PRO C 130 3.69 22.34 16.12
N ASP C 131 3.38 23.65 16.09
CA ASP C 131 4.44 24.64 16.09
C ASP C 131 5.19 24.51 17.42
N PHE C 132 6.51 24.41 17.35
CA PHE C 132 7.36 24.26 18.52
C PHE C 132 7.19 25.37 19.56
N GLU C 133 7.29 26.62 19.11
CA GLU C 133 7.16 27.75 20.02
C GLU C 133 5.79 27.86 20.71
N LEU C 134 4.72 27.76 19.92
CA LEU C 134 3.36 27.85 20.44
C LEU C 134 3.09 26.77 21.49
N THR C 135 3.61 25.57 21.26
CA THR C 135 3.40 24.49 22.21
C THR C 135 4.07 24.80 23.54
N ASN C 136 5.31 25.33 23.49
CA ASN C 136 6.01 25.68 24.72
C ASN C 136 5.32 26.81 25.48
N LYS C 137 4.64 27.70 24.75
CA LYS C 137 3.91 28.80 25.37
C LYS C 137 2.76 28.19 26.17
N LEU C 138 2.12 27.17 25.58
CA LEU C 138 1.01 26.48 26.22
C LEU C 138 1.46 25.82 27.51
N VAL C 139 2.60 25.16 27.49
CA VAL C 139 3.13 24.50 28.68
C VAL C 139 3.34 25.53 29.78
N THR C 140 3.90 26.68 29.41
CA THR C 140 4.17 27.74 30.36
C THR C 140 2.88 28.29 30.96
N SER C 141 1.87 28.50 30.11
CA SER C 141 0.59 29.01 30.57
C SER C 141 -0.11 28.08 31.55
N PHE C 142 -0.13 26.79 31.24
CA PHE C 142 -0.78 25.81 32.10
C PHE C 142 -0.08 25.62 33.44
N SER C 143 1.24 25.68 33.46
CA SER C 143 1.97 25.51 34.71
C SER C 143 1.78 26.74 35.61
N LYS C 144 1.66 27.92 35.01
CA LYS C 144 1.46 29.14 35.77
C LYS C 144 0.06 29.15 36.41
N ARG C 145 -0.87 28.43 35.78
CA ARG C 145 -2.23 28.33 36.30
C ARG C 145 -2.29 27.13 37.23
N ASN C 146 -1.14 26.53 37.51
CA ASN C 146 -1.06 25.36 38.37
C ASN C 146 -2.06 24.27 38.03
N LEU C 147 -2.16 23.95 36.74
CA LEU C 147 -3.06 22.90 36.28
C LEU C 147 -2.26 21.63 36.01
N LYS C 148 -2.88 20.47 36.21
CA LYS C 148 -2.21 19.19 36.00
C LYS C 148 -2.28 18.77 34.53
N TYR C 149 -1.12 18.66 33.89
CA TYR C 149 -1.08 18.29 32.49
C TYR C 149 0.05 17.32 32.19
N TYR C 150 -0.07 16.63 31.05
CA TYR C 150 0.95 15.69 30.60
C TYR C 150 1.31 16.12 29.18
N VAL C 151 2.53 15.81 28.76
CA VAL C 151 2.97 16.16 27.42
C VAL C 151 3.29 14.89 26.62
N GLY C 152 2.71 14.77 25.43
CA GLY C 152 2.96 13.60 24.62
C GLY C 152 2.22 13.51 23.30
N ASN C 153 2.44 12.42 22.58
CA ASN C 153 1.79 12.21 21.28
C ASN C 153 0.42 11.54 21.42
N VAL C 154 -0.41 11.71 20.39
CA VAL C 154 -1.74 11.11 20.39
C VAL C 154 -2.00 10.42 19.07
N PHE C 155 -2.93 9.47 19.09
CA PHE C 155 -3.31 8.80 17.85
C PHE C 155 -4.61 9.45 17.37
N SER C 156 -4.61 9.95 16.14
CA SER C 156 -5.80 10.56 15.56
C SER C 156 -6.55 9.49 14.78
N SER C 157 -7.60 8.94 15.39
CA SER C 157 -8.41 7.90 14.78
C SER C 157 -9.47 8.45 13.85
N ASP C 158 -9.90 7.63 12.89
CA ASP C 158 -10.95 8.04 11.96
C ASP C 158 -12.24 7.27 12.25
N ALA C 159 -12.14 6.24 13.06
CA ALA C 159 -13.31 5.40 13.38
C ALA C 159 -13.49 5.21 14.87
N PHE C 160 -14.27 6.11 15.45
CA PHE C 160 -14.59 6.13 16.87
C PHE C 160 -15.07 4.76 17.37
N TYR C 161 -15.95 4.12 16.61
CA TYR C 161 -16.50 2.82 17.00
C TYR C 161 -15.85 1.57 16.39
N ALA C 162 -14.72 1.74 15.72
CA ALA C 162 -14.06 0.58 15.11
C ALA C 162 -13.49 -0.32 16.21
N GLU C 163 -13.74 -1.61 16.07
CA GLU C 163 -13.26 -2.58 17.05
C GLU C 163 -11.82 -3.03 16.82
N ASP C 164 -11.07 -3.18 17.90
CA ASP C 164 -9.68 -3.61 17.88
C ASP C 164 -9.38 -4.10 19.29
N GLU C 165 -9.45 -5.40 19.49
CA GLU C 165 -9.19 -6.00 20.80
C GLU C 165 -7.77 -5.73 21.30
N GLU C 166 -6.97 -5.07 20.48
CA GLU C 166 -5.59 -4.77 20.85
C GLU C 166 -5.33 -3.26 20.79
N PHE C 167 -6.40 -2.48 20.60
CA PHE C 167 -6.31 -1.02 20.48
C PHE C 167 -5.38 -0.31 21.46
N VAL C 168 -5.82 -0.22 22.70
CA VAL C 168 -5.04 0.47 23.74
C VAL C 168 -3.59 0.03 23.82
N LYS C 169 -3.35 -1.27 23.76
CA LYS C 169 -1.99 -1.78 23.83
C LYS C 169 -1.17 -1.42 22.60
N LYS C 170 -1.79 -1.49 21.42
CA LYS C 170 -1.08 -1.17 20.18
C LYS C 170 -0.58 0.27 20.18
N TRP C 171 -1.50 1.22 20.34
CA TRP C 171 -1.13 2.64 20.32
C TRP C 171 -0.31 3.14 21.51
N SER C 172 -0.57 2.62 22.70
CA SER C 172 0.20 3.03 23.87
C SER C 172 1.63 2.47 23.76
N SER C 173 1.78 1.31 23.13
CA SER C 173 3.12 0.72 22.97
C SER C 173 3.89 1.49 21.88
N ARG C 174 3.19 2.33 21.12
CA ARG C 174 3.81 3.12 20.06
C ARG C 174 4.10 4.56 20.49
N GLY C 175 4.04 4.82 21.79
CA GLY C 175 4.34 6.15 22.30
C GLY C 175 3.21 7.16 22.35
N ASN C 176 1.97 6.69 22.19
CA ASN C 176 0.83 7.60 22.25
C ASN C 176 0.18 7.45 23.62
N ILE C 177 -0.27 8.56 24.21
CA ILE C 177 -0.90 8.52 25.52
C ILE C 177 -2.38 8.84 25.50
N ALA C 178 -2.91 9.10 24.30
CA ALA C 178 -4.33 9.41 24.17
C ALA C 178 -4.81 9.29 22.74
N VAL C 179 -6.12 9.30 22.58
CA VAL C 179 -6.72 9.21 21.25
C VAL C 179 -7.79 10.26 21.05
N GLU C 180 -7.78 10.85 19.86
CA GLU C 180 -8.78 11.84 19.45
C GLU C 180 -8.94 11.71 17.93
N MET C 181 -9.53 12.69 17.26
CA MET C 181 -9.75 12.51 15.83
C MET C 181 -9.33 13.60 14.84
N GLU C 182 -8.84 14.73 15.32
CA GLU C 182 -8.49 15.82 14.41
C GLU C 182 -7.05 16.33 14.36
N CYS C 183 -6.26 16.06 15.40
CA CYS C 183 -4.90 16.57 15.45
C CYS C 183 -3.98 16.33 14.25
N ALA C 184 -3.95 15.09 13.74
CA ALA C 184 -3.09 14.78 12.60
C ALA C 184 -3.43 15.69 11.42
N THR C 185 -4.72 15.85 11.14
CA THR C 185 -5.17 16.70 10.05
C THR C 185 -4.74 18.15 10.34
N LEU C 186 -5.00 18.63 11.55
CA LEU C 186 -4.62 19.99 11.94
C LEU C 186 -3.14 20.29 11.75
N PHE C 187 -2.29 19.43 12.32
CA PHE C 187 -0.84 19.62 12.23
C PHE C 187 -0.25 19.51 10.83
N THR C 188 -0.66 18.49 10.08
CA THR C 188 -0.13 18.28 8.74
C THR C 188 -0.58 19.36 7.77
N LEU C 189 -1.87 19.69 7.80
CA LEU C 189 -2.38 20.73 6.92
C LEU C 189 -1.71 22.07 7.25
N SER C 190 -1.45 22.32 8.53
CA SER C 190 -0.81 23.56 8.93
C SER C 190 0.62 23.67 8.41
N LYS C 191 1.37 22.56 8.47
CA LYS C 191 2.75 22.54 7.99
C LYS C 191 2.80 22.83 6.48
N VAL C 192 1.82 22.29 5.77
CA VAL C 192 1.67 22.44 4.32
C VAL C 192 1.16 23.81 3.89
N LYS C 193 0.32 24.44 4.71
CA LYS C 193 -0.26 25.74 4.37
C LYS C 193 0.46 26.92 5.03
N GLY C 194 1.33 26.63 5.99
CA GLY C 194 2.06 27.68 6.68
C GLY C 194 1.42 28.27 7.92
N TRP C 195 0.45 27.57 8.50
CA TRP C 195 -0.21 28.06 9.70
C TRP C 195 0.54 27.61 10.97
N LYS C 196 0.35 28.33 12.06
CA LYS C 196 0.97 27.97 13.33
C LYS C 196 -0.13 27.34 14.18
N SER C 197 0.04 26.06 14.52
CA SER C 197 -0.97 25.35 15.29
C SER C 197 -0.44 24.60 16.50
N ALA C 198 -1.34 24.33 17.44
CA ALA C 198 -1.03 23.59 18.66
C ALA C 198 -2.34 23.00 19.17
N THR C 199 -2.26 22.12 20.16
CA THR C 199 -3.45 21.48 20.71
C THR C 199 -3.32 21.12 22.19
N VAL C 200 -4.41 21.34 22.93
CA VAL C 200 -4.49 20.99 24.34
C VAL C 200 -5.81 20.21 24.46
N LEU C 201 -5.79 19.08 25.15
CA LEU C 201 -6.99 18.25 25.29
C LEU C 201 -7.38 18.00 26.75
N VAL C 202 -8.69 17.94 27.00
CA VAL C 202 -9.20 17.64 28.34
C VAL C 202 -9.60 16.17 28.34
N VAL C 203 -9.02 15.40 29.25
CA VAL C 203 -9.31 13.96 29.34
C VAL C 203 -10.74 13.73 29.81
N SER C 204 -11.60 13.25 28.91
CA SER C 204 -12.99 13.00 29.26
C SER C 204 -13.28 11.52 29.47
N ASP C 205 -12.24 10.69 29.38
CA ASP C 205 -12.39 9.25 29.58
C ASP C 205 -11.03 8.56 29.52
N ASN C 206 -10.93 7.39 30.14
CA ASN C 206 -9.67 6.64 30.14
C ASN C 206 -9.95 5.22 29.65
N LEU C 207 -9.49 4.93 28.43
CA LEU C 207 -9.70 3.63 27.81
C LEU C 207 -8.86 2.54 28.47
N ALA C 208 -7.86 2.94 29.23
CA ALA C 208 -7.00 1.98 29.91
C ALA C 208 -7.51 1.71 31.32
N LYS C 209 -8.69 2.24 31.63
CA LYS C 209 -9.28 2.06 32.95
C LYS C 209 -10.69 2.66 32.97
N GLY C 210 -11.66 1.87 32.52
CA GLY C 210 -13.03 2.34 32.46
C GLY C 210 -13.74 2.44 33.79
N GLY C 211 -12.99 2.23 34.88
CA GLY C 211 -13.58 2.29 36.21
C GLY C 211 -13.77 3.69 36.77
N ILE C 212 -13.04 4.66 36.25
CA ILE C 212 -13.15 6.03 36.74
C ILE C 212 -14.17 6.84 35.96
N TRP C 213 -14.64 7.93 36.56
CA TRP C 213 -15.62 8.79 35.91
C TRP C 213 -15.70 10.17 36.57
N ILE C 214 -16.40 11.09 35.92
CA ILE C 214 -16.58 12.45 36.43
C ILE C 214 -17.88 13.06 35.89
N THR C 215 -18.45 13.95 36.67
CA THR C 215 -19.70 14.62 36.29
C THR C 215 -19.45 15.93 35.55
N LYS C 216 -20.48 16.42 34.87
CA LYS C 216 -20.36 17.66 34.11
C LYS C 216 -19.92 18.83 34.98
N GLU C 217 -20.38 18.83 36.23
CA GLU C 217 -20.02 19.91 37.16
C GLU C 217 -18.50 19.97 37.28
N GLU C 218 -17.86 18.80 37.27
CA GLU C 218 -16.41 18.72 37.37
C GLU C 218 -15.74 18.83 36.00
N LEU C 219 -16.41 18.33 34.96
CA LEU C 219 -15.88 18.38 33.61
C LEU C 219 -15.90 19.79 33.03
N GLU C 220 -17.09 20.41 32.99
CA GLU C 220 -17.22 21.76 32.46
C GLU C 220 -16.30 22.68 33.24
N LYS C 221 -16.08 22.34 34.51
CA LYS C 221 -15.22 23.14 35.37
C LYS C 221 -13.80 23.04 34.83
N SER C 222 -13.43 21.83 34.40
CA SER C 222 -12.12 21.56 33.84
C SER C 222 -11.97 22.27 32.50
N VAL C 223 -13.03 22.22 31.69
CA VAL C 223 -13.00 22.88 30.40
C VAL C 223 -12.82 24.39 30.59
N MET C 224 -13.53 24.97 31.56
CA MET C 224 -13.43 26.41 31.80
C MET C 224 -12.03 26.84 32.25
N ASP C 225 -11.46 26.14 33.23
CA ASP C 225 -10.13 26.49 33.72
C ASP C 225 -9.08 26.40 32.61
N GLY C 226 -9.20 25.37 31.78
CA GLY C 226 -8.25 25.19 30.70
C GLY C 226 -8.35 26.27 29.63
N ALA C 227 -9.59 26.63 29.29
CA ALA C 227 -9.83 27.64 28.27
C ALA C 227 -9.12 28.96 28.58
N LYS C 228 -9.02 29.28 29.87
CA LYS C 228 -8.35 30.50 30.31
C LYS C 228 -6.86 30.47 29.99
N ALA C 229 -6.23 29.32 30.27
CA ALA C 229 -4.81 29.16 30.01
C ALA C 229 -4.59 29.23 28.48
N VAL C 230 -5.48 28.61 27.73
CA VAL C 230 -5.38 28.60 26.28
C VAL C 230 -5.53 30.01 25.72
N LEU C 231 -6.55 30.73 26.19
CA LEU C 231 -6.78 32.09 25.74
C LEU C 231 -5.61 32.99 26.10
N ASP C 232 -4.99 32.76 27.25
CA ASP C 232 -3.82 33.56 27.64
C ASP C 232 -2.73 33.39 26.59
N THR C 233 -2.50 32.14 26.19
CA THR C 233 -1.48 31.82 25.20
C THR C 233 -1.76 32.46 23.84
N LEU C 234 -3.01 32.38 23.40
CA LEU C 234 -3.41 32.97 22.12
C LEU C 234 -3.27 34.49 22.14
N THR C 235 -3.32 35.06 23.34
CA THR C 235 -3.22 36.51 23.51
C THR C 235 -1.83 36.96 23.94
N SER C 236 -0.96 36.00 24.27
CA SER C 236 0.40 36.32 24.70
C SER C 236 1.13 37.23 23.72
N ASN D 2 30.70 14.71 -7.25
CA ASN D 2 31.89 14.10 -6.59
C ASN D 2 31.54 13.40 -5.28
N PRO D 3 31.97 12.14 -5.11
CA PRO D 3 31.73 11.33 -3.90
C PRO D 3 32.15 12.08 -2.62
N VAL D 4 31.36 11.92 -1.56
CA VAL D 4 31.67 12.57 -0.29
C VAL D 4 31.86 11.58 0.86
N HIS D 5 31.77 10.28 0.56
CA HIS D 5 31.94 9.26 1.58
C HIS D 5 33.25 8.50 1.33
N ILE D 6 33.40 7.98 0.12
CA ILE D 6 34.62 7.28 -0.27
C ILE D 6 35.49 8.30 -0.99
N LEU D 7 36.55 8.74 -0.31
CA LEU D 7 37.44 9.77 -0.84
C LEU D 7 38.64 9.28 -1.65
N ALA D 8 38.48 8.16 -2.36
CA ALA D 8 39.58 7.65 -3.16
C ALA D 8 39.71 8.47 -4.44
N LYS D 9 40.96 8.66 -4.90
CA LYS D 9 41.18 9.41 -6.13
C LYS D 9 40.75 8.53 -7.30
N LYS D 10 40.13 9.14 -8.30
CA LYS D 10 39.67 8.37 -9.45
C LYS D 10 40.91 7.75 -10.10
N GLY D 11 40.85 6.45 -10.33
CA GLY D 11 41.98 5.75 -10.91
C GLY D 11 42.58 4.84 -9.87
N GLU D 12 42.14 4.99 -8.61
CA GLU D 12 42.63 4.15 -7.52
C GLU D 12 41.65 3.04 -7.16
N VAL D 13 40.53 2.99 -7.88
CA VAL D 13 39.51 1.97 -7.67
C VAL D 13 39.44 1.15 -8.93
N ALA D 14 39.51 -0.17 -8.80
CA ALA D 14 39.46 -1.06 -9.96
C ALA D 14 38.06 -1.23 -10.53
N GLU D 15 37.96 -1.80 -11.73
CA GLU D 15 36.67 -2.04 -12.35
C GLU D 15 36.00 -3.22 -11.64
N ARG D 16 36.81 -4.13 -11.12
CA ARG D 16 36.34 -5.32 -10.40
C ARG D 16 36.51 -5.10 -8.90
N VAL D 17 35.42 -5.28 -8.14
CA VAL D 17 35.46 -5.06 -6.70
C VAL D 17 34.80 -6.16 -5.88
N LEU D 18 35.47 -6.56 -4.79
CA LEU D 18 34.94 -7.56 -3.87
C LEU D 18 34.45 -6.69 -2.70
N VAL D 19 33.15 -6.71 -2.42
CA VAL D 19 32.62 -5.89 -1.33
C VAL D 19 32.20 -6.69 -0.09
N VAL D 20 32.63 -6.23 1.08
CA VAL D 20 32.31 -6.87 2.36
C VAL D 20 31.78 -5.84 3.37
N GLY D 21 30.88 -6.29 4.25
CA GLY D 21 30.31 -5.38 5.22
C GLY D 21 31.22 -4.92 6.34
N ASP D 22 32.07 -5.83 6.79
CA ASP D 22 32.99 -5.60 7.90
C ASP D 22 34.34 -5.03 7.48
N PRO D 23 34.71 -3.83 7.99
CA PRO D 23 35.99 -3.17 7.67
C PRO D 23 37.16 -4.10 8.01
N GLY D 24 36.99 -4.87 9.08
CA GLY D 24 38.02 -5.80 9.51
C GLY D 24 38.27 -6.91 8.50
N ARG D 25 37.22 -7.38 7.83
CA ARG D 25 37.38 -8.44 6.85
C ARG D 25 38.09 -7.89 5.62
N ALA D 26 37.79 -6.64 5.27
CA ALA D 26 38.42 -6.01 4.12
C ALA D 26 39.94 -5.98 4.36
N ARG D 27 40.33 -5.62 5.58
CA ARG D 27 41.75 -5.56 5.91
C ARG D 27 42.33 -6.98 5.88
N LEU D 28 41.61 -7.94 6.44
CA LEU D 28 42.08 -9.31 6.44
C LEU D 28 42.23 -9.88 5.03
N LEU D 29 41.25 -9.63 4.17
CA LEU D 29 41.31 -10.14 2.81
C LEU D 29 42.30 -9.43 1.90
N SER D 30 42.75 -8.23 2.28
CA SER D 30 43.70 -7.50 1.46
C SER D 30 45.06 -8.21 1.45
N THR D 31 45.32 -9.04 2.45
CA THR D 31 46.59 -9.78 2.52
C THR D 31 46.66 -10.85 1.44
N LEU D 32 45.57 -11.02 0.67
CA LEU D 32 45.54 -12.01 -0.40
C LEU D 32 45.91 -11.37 -1.72
N LEU D 33 45.98 -10.04 -1.73
CA LEU D 33 46.33 -9.29 -2.93
C LEU D 33 47.83 -9.04 -2.99
N GLN D 34 48.33 -8.79 -4.20
CA GLN D 34 49.73 -8.47 -4.37
C GLN D 34 49.86 -6.96 -4.25
N ASN D 35 50.76 -6.51 -3.39
CA ASN D 35 51.02 -5.09 -3.18
C ASN D 35 49.77 -4.23 -2.90
N PRO D 36 49.00 -4.58 -1.86
CA PRO D 36 47.78 -3.84 -1.52
C PRO D 36 48.06 -2.42 -1.01
N LYS D 37 47.25 -1.46 -1.43
CA LYS D 37 47.39 -0.06 -1.00
C LYS D 37 46.03 0.39 -0.44
N LEU D 38 46.04 1.09 0.69
CA LEU D 38 44.81 1.59 1.28
C LEU D 38 44.44 2.88 0.54
N THR D 39 43.39 2.80 -0.29
CA THR D 39 42.95 3.96 -1.07
C THR D 39 41.83 4.80 -0.45
N ASN D 40 41.33 4.39 0.71
CA ASN D 40 40.31 5.17 1.42
C ASN D 40 40.04 4.65 2.81
N GLU D 41 39.80 5.57 3.75
CA GLU D 41 39.49 5.19 5.12
C GLU D 41 38.42 6.12 5.70
N ASN D 42 37.94 7.06 4.89
CA ASN D 42 36.93 8.02 5.33
C ASN D 42 35.63 7.32 5.78
N ARG D 43 35.12 7.76 6.93
CA ARG D 43 33.90 7.22 7.52
C ARG D 43 34.00 5.74 7.82
N GLY D 44 35.23 5.24 7.88
CA GLY D 44 35.44 3.85 8.18
C GLY D 44 35.29 2.88 7.01
N PHE D 45 35.00 3.40 5.82
CA PHE D 45 34.84 2.54 4.65
C PHE D 45 36.19 2.23 3.99
N LEU D 46 36.93 1.30 4.59
CA LEU D 46 38.24 0.93 4.08
C LEU D 46 38.16 0.32 2.69
N VAL D 47 38.98 0.84 1.78
CA VAL D 47 39.05 0.34 0.42
C VAL D 47 40.51 0.04 0.09
N TYR D 48 40.79 -1.18 -0.36
CA TYR D 48 42.15 -1.58 -0.73
C TYR D 48 42.21 -1.91 -2.21
N THR D 49 43.30 -1.56 -2.85
CA THR D 49 43.46 -1.84 -4.28
C THR D 49 44.82 -2.49 -4.55
N GLY D 50 44.79 -3.64 -5.21
CA GLY D 50 46.02 -4.36 -5.53
C GLY D 50 45.83 -5.26 -6.73
N LYS D 51 46.66 -6.29 -6.87
CA LYS D 51 46.54 -7.20 -7.99
C LYS D 51 46.31 -8.65 -7.57
N TYR D 52 45.74 -9.42 -8.49
CA TYR D 52 45.43 -10.84 -8.26
C TYR D 52 45.32 -11.53 -9.61
N ASN D 53 46.12 -12.58 -9.82
CA ASN D 53 46.12 -13.31 -11.09
C ASN D 53 46.22 -12.35 -12.27
N GLY D 54 47.18 -11.43 -12.19
CA GLY D 54 47.40 -10.47 -13.27
C GLY D 54 46.25 -9.51 -13.52
N GLU D 55 45.45 -9.23 -12.51
CA GLU D 55 44.33 -8.32 -12.67
C GLU D 55 44.27 -7.35 -11.50
N THR D 56 43.92 -6.09 -11.79
CA THR D 56 43.80 -5.09 -10.73
C THR D 56 42.45 -5.32 -10.06
N VAL D 57 42.45 -5.39 -8.73
CA VAL D 57 41.21 -5.63 -7.98
C VAL D 57 41.17 -4.82 -6.70
N SER D 58 39.97 -4.40 -6.31
CA SER D 58 39.77 -3.65 -5.08
C SER D 58 38.88 -4.43 -4.13
N ILE D 59 39.08 -4.22 -2.84
CA ILE D 59 38.28 -4.85 -1.81
C ILE D 59 37.72 -3.64 -1.01
N ALA D 60 36.39 -3.51 -0.99
CA ALA D 60 35.74 -2.39 -0.32
C ALA D 60 34.73 -2.75 0.79
N THR D 61 34.70 -1.91 1.83
CA THR D 61 33.79 -2.06 2.96
C THR D 61 32.47 -1.37 2.63
N HIS D 62 31.33 -2.00 2.92
CA HIS D 62 30.05 -1.35 2.62
C HIS D 62 29.15 -1.11 3.83
N GLY D 63 29.62 -1.51 5.01
CA GLY D 63 28.80 -1.29 6.20
C GLY D 63 27.55 -2.16 6.24
N ILE D 64 26.63 -1.82 7.14
CA ILE D 64 25.39 -2.59 7.29
C ILE D 64 24.13 -1.92 6.74
N GLY D 65 23.34 -2.71 6.00
CA GLY D 65 22.08 -2.21 5.48
C GLY D 65 21.98 -1.67 4.06
N GLY D 66 20.77 -1.66 3.52
CA GLY D 66 20.54 -1.17 2.17
C GLY D 66 21.05 0.26 1.94
N PRO D 67 20.65 1.22 2.79
CA PRO D 67 21.11 2.61 2.59
C PRO D 67 22.61 2.76 2.54
N SER D 68 23.32 2.00 3.37
CA SER D 68 24.77 2.07 3.41
C SER D 68 25.42 1.52 2.14
N ILE D 69 25.06 0.29 1.75
CA ILE D 69 25.66 -0.29 0.56
C ILE D 69 25.27 0.48 -0.72
N ALA D 70 24.06 1.04 -0.77
CA ALA D 70 23.65 1.81 -1.94
C ALA D 70 24.61 2.99 -2.16
N ILE D 71 24.96 3.69 -1.08
CA ILE D 71 25.88 4.82 -1.15
C ILE D 71 27.28 4.39 -1.59
N VAL D 72 27.79 3.32 -0.99
CA VAL D 72 29.13 2.84 -1.36
C VAL D 72 29.22 2.39 -2.83
N LEU D 73 28.22 1.62 -3.28
CA LEU D 73 28.20 1.15 -4.66
C LEU D 73 28.13 2.33 -5.64
N GLU D 74 27.24 3.28 -5.39
CA GLU D 74 27.10 4.45 -6.24
C GLU D 74 28.42 5.21 -6.39
N GLU D 75 29.13 5.40 -5.28
CA GLU D 75 30.39 6.13 -5.33
C GLU D 75 31.53 5.32 -5.95
N LEU D 76 31.58 4.02 -5.70
CA LEU D 76 32.62 3.19 -6.29
C LEU D 76 32.40 3.22 -7.80
N ALA D 77 31.14 3.13 -8.21
CA ALA D 77 30.77 3.17 -9.62
C ALA D 77 31.21 4.50 -10.25
N MET D 78 31.08 5.60 -9.50
CA MET D 78 31.48 6.92 -9.97
C MET D 78 32.99 6.98 -10.15
N LEU D 79 33.70 6.10 -9.45
CA LEU D 79 35.15 6.08 -9.55
C LEU D 79 35.66 5.06 -10.58
N GLY D 80 34.73 4.37 -11.25
CA GLY D 80 35.13 3.40 -12.26
C GLY D 80 34.65 1.96 -12.16
N ALA D 81 34.21 1.52 -10.98
CA ALA D 81 33.75 0.12 -10.81
C ALA D 81 32.43 -0.21 -11.51
N ASN D 82 32.32 -1.44 -12.01
CA ASN D 82 31.11 -1.91 -12.69
C ASN D 82 30.86 -3.41 -12.53
N VAL D 83 31.72 -4.06 -11.74
CA VAL D 83 31.57 -5.49 -11.46
C VAL D 83 31.72 -5.63 -9.94
N PHE D 84 30.70 -6.15 -9.27
CA PHE D 84 30.76 -6.31 -7.82
C PHE D 84 30.37 -7.70 -7.31
N ILE D 85 31.15 -8.26 -6.40
CA ILE D 85 30.79 -9.53 -5.79
C ILE D 85 30.83 -9.33 -4.29
N ARG D 86 29.67 -9.46 -3.65
CA ARG D 86 29.56 -9.31 -2.21
C ARG D 86 29.92 -10.63 -1.54
N TYR D 87 30.76 -10.55 -0.51
CA TYR D 87 31.17 -11.74 0.23
C TYR D 87 30.83 -11.42 1.69
N GLY D 88 29.68 -11.91 2.15
CA GLY D 88 29.27 -11.62 3.51
C GLY D 88 28.98 -12.81 4.38
N THR D 89 28.22 -12.58 5.44
CA THR D 89 27.83 -13.61 6.38
C THR D 89 26.31 -13.69 6.37
N THR D 90 25.77 -14.81 6.83
CA THR D 90 24.33 -14.96 6.80
C THR D 90 23.82 -15.99 7.80
N GLY D 91 22.53 -15.91 8.11
CA GLY D 91 21.94 -16.87 9.03
C GLY D 91 21.06 -17.81 8.22
N ALA D 92 21.35 -19.12 8.28
CA ALA D 92 20.58 -20.11 7.55
C ALA D 92 19.15 -20.22 8.08
N LEU D 93 18.19 -20.40 7.17
CA LEU D 93 16.77 -20.54 7.55
C LEU D 93 16.29 -21.99 7.50
N VAL D 94 17.17 -22.89 7.07
CA VAL D 94 16.85 -24.32 6.98
C VAL D 94 17.85 -25.12 7.82
N PRO D 95 17.42 -26.24 8.41
CA PRO D 95 18.27 -27.10 9.26
C PRO D 95 19.47 -27.80 8.64
N TYR D 96 19.38 -28.21 7.38
CA TYR D 96 20.47 -28.96 6.76
C TYR D 96 21.76 -28.20 6.41
N ILE D 97 21.70 -26.87 6.41
CA ILE D 97 22.91 -26.11 6.09
C ILE D 97 23.71 -25.94 7.37
N ASN D 98 25.01 -26.21 7.30
CA ASN D 98 25.87 -26.13 8.48
C ASN D 98 26.72 -24.87 8.56
N LEU D 99 27.16 -24.55 9.78
CA LEU D 99 28.00 -23.38 10.02
C LEU D 99 29.31 -23.50 9.26
N GLY D 100 29.78 -22.40 8.70
CA GLY D 100 31.03 -22.44 7.96
C GLY D 100 30.87 -22.82 6.50
N GLU D 101 29.69 -23.32 6.13
CA GLU D 101 29.43 -23.69 4.74
C GLU D 101 29.00 -22.43 3.97
N TYR D 102 28.92 -22.52 2.65
CA TYR D 102 28.57 -21.35 1.84
C TYR D 102 27.25 -21.37 1.09
N ILE D 103 26.76 -20.18 0.77
CA ILE D 103 25.53 -20.03 0.02
C ILE D 103 25.76 -19.09 -1.15
N ILE D 104 25.55 -19.58 -2.36
CA ILE D 104 25.70 -18.75 -3.55
C ILE D 104 24.27 -18.30 -3.84
N VAL D 105 24.06 -16.98 -3.84
CA VAL D 105 22.75 -16.39 -4.00
C VAL D 105 22.21 -16.24 -5.42
N THR D 106 20.97 -16.68 -5.61
CA THR D 106 20.31 -16.63 -6.90
C THR D 106 19.17 -15.60 -6.94
N GLY D 107 18.86 -15.03 -5.79
CA GLY D 107 17.78 -14.05 -5.74
C GLY D 107 17.59 -13.52 -4.34
N ALA D 108 16.88 -12.40 -4.21
CA ALA D 108 16.67 -11.82 -2.90
C ALA D 108 15.23 -11.34 -2.70
N SER D 109 14.61 -11.78 -1.61
CA SER D 109 13.26 -11.36 -1.29
C SER D 109 13.43 -10.11 -0.43
N TYR D 110 12.41 -9.26 -0.37
CA TYR D 110 12.51 -8.06 0.44
C TYR D 110 11.15 -7.43 0.70
N ASN D 111 11.08 -6.59 1.72
CA ASN D 111 9.83 -5.89 2.04
C ASN D 111 9.88 -4.55 1.30
N GLN D 112 8.75 -4.16 0.72
CA GLN D 112 8.68 -2.90 0.00
C GLN D 112 8.95 -1.75 0.95
N GLY D 113 9.39 -0.63 0.42
CA GLY D 113 9.64 0.49 1.32
C GLY D 113 10.70 1.46 0.87
N GLY D 114 10.99 2.39 1.76
CA GLY D 114 11.96 3.43 1.55
C GLY D 114 12.85 3.41 0.33
N LEU D 115 14.03 2.85 0.49
CA LEU D 115 15.03 2.79 -0.56
C LEU D 115 14.47 2.36 -1.93
N PHE D 116 13.73 1.27 -1.97
CA PHE D 116 13.18 0.78 -3.23
C PHE D 116 12.19 1.77 -3.85
N TYR D 117 11.33 2.36 -3.01
CA TYR D 117 10.35 3.33 -3.51
C TYR D 117 11.07 4.56 -4.09
N GLN D 118 12.12 5.03 -3.40
CA GLN D 118 12.85 6.20 -3.86
C GLN D 118 13.60 6.01 -5.18
N TYR D 119 14.09 4.79 -5.44
CA TYR D 119 14.81 4.50 -6.67
C TYR D 119 13.86 4.08 -7.80
N LEU D 120 12.94 3.17 -7.50
CA LEU D 120 12.00 2.65 -8.50
C LEU D 120 10.81 3.56 -8.78
N ARG D 121 10.55 4.51 -7.89
CA ARG D 121 9.45 5.47 -8.04
C ARG D 121 8.03 4.93 -7.81
N ASP D 122 7.91 3.65 -7.51
CA ASP D 122 6.63 3.05 -7.18
C ASP D 122 6.89 1.78 -6.40
N ASN D 123 5.86 0.99 -6.10
CA ASN D 123 6.04 -0.21 -5.30
C ASN D 123 6.10 -1.54 -6.05
N ALA D 124 6.38 -1.50 -7.35
CA ALA D 124 6.46 -2.73 -8.14
C ALA D 124 7.52 -3.67 -7.57
N CYS D 125 7.27 -4.98 -7.66
CA CYS D 125 8.24 -5.95 -7.18
C CYS D 125 9.15 -6.31 -8.35
N VAL D 126 10.26 -5.59 -8.46
CA VAL D 126 11.24 -5.82 -9.52
C VAL D 126 12.06 -7.05 -9.15
N ALA D 127 12.30 -7.92 -10.12
CA ALA D 127 13.10 -9.13 -9.86
C ALA D 127 14.49 -8.74 -9.37
N SER D 128 14.81 -9.10 -8.13
CA SER D 128 16.11 -8.76 -7.57
C SER D 128 17.02 -9.97 -7.73
N THR D 129 17.70 -10.04 -8.87
CA THR D 129 18.57 -11.18 -9.17
C THR D 129 19.98 -10.75 -9.58
N PRO D 130 20.97 -11.65 -9.37
CA PRO D 130 22.37 -11.37 -9.71
C PRO D 130 22.60 -11.62 -11.20
N ASP D 131 23.79 -11.25 -11.67
CA ASP D 131 24.16 -11.50 -13.06
C ASP D 131 24.24 -13.01 -13.27
N PHE D 132 23.53 -13.52 -14.26
CA PHE D 132 23.50 -14.96 -14.54
C PHE D 132 24.88 -15.58 -14.81
N GLU D 133 25.64 -15.01 -15.73
CA GLU D 133 26.96 -15.55 -16.05
C GLU D 133 27.91 -15.54 -14.86
N LEU D 134 28.00 -14.39 -14.19
CA LEU D 134 28.89 -14.25 -13.04
C LEU D 134 28.58 -15.25 -11.92
N THR D 135 27.30 -15.50 -11.68
CA THR D 135 26.90 -16.45 -10.64
C THR D 135 27.32 -17.87 -11.01
N ASN D 136 27.16 -18.26 -12.28
CA ASN D 136 27.57 -19.59 -12.69
C ASN D 136 29.08 -19.75 -12.56
N LYS D 137 29.83 -18.67 -12.80
CA LYS D 137 31.27 -18.71 -12.65
C LYS D 137 31.63 -18.98 -11.18
N LEU D 138 30.86 -18.39 -10.27
CA LEU D 138 31.08 -18.61 -8.85
C LEU D 138 30.91 -20.10 -8.53
N VAL D 139 29.80 -20.68 -8.97
CA VAL D 139 29.53 -22.09 -8.72
C VAL D 139 30.69 -22.95 -9.23
N THR D 140 31.18 -22.61 -10.42
CA THR D 140 32.29 -23.36 -11.00
C THR D 140 33.56 -23.22 -10.15
N SER D 141 33.82 -22.01 -9.64
CA SER D 141 35.01 -21.79 -8.82
C SER D 141 34.96 -22.49 -7.48
N PHE D 142 33.80 -22.49 -6.84
CA PHE D 142 33.67 -23.15 -5.54
C PHE D 142 33.77 -24.68 -5.68
N SER D 143 33.24 -25.21 -6.77
CA SER D 143 33.30 -26.65 -7.01
C SER D 143 34.76 -27.04 -7.23
N LYS D 144 35.46 -26.26 -8.02
CA LYS D 144 36.87 -26.51 -8.33
C LYS D 144 37.73 -26.60 -7.08
N ARG D 145 37.41 -25.78 -6.08
CA ARG D 145 38.15 -25.77 -4.82
C ARG D 145 37.52 -26.72 -3.80
N ASN D 146 36.63 -27.59 -4.27
CA ASN D 146 35.96 -28.57 -3.42
C ASN D 146 35.35 -28.02 -2.13
N LEU D 147 34.61 -26.92 -2.26
CA LEU D 147 33.98 -26.28 -1.11
C LEU D 147 32.49 -26.65 -1.07
N LYS D 148 31.97 -26.85 0.13
CA LYS D 148 30.57 -27.22 0.35
C LYS D 148 29.67 -25.99 0.21
N TYR D 149 28.85 -25.95 -0.83
CA TYR D 149 27.97 -24.81 -1.06
C TYR D 149 26.55 -25.21 -1.41
N TYR D 150 25.64 -24.24 -1.30
CA TYR D 150 24.23 -24.44 -1.64
C TYR D 150 23.85 -23.26 -2.50
N VAL D 151 22.84 -23.45 -3.33
CA VAL D 151 22.38 -22.38 -4.21
C VAL D 151 20.90 -22.08 -3.95
N GLY D 152 20.59 -20.81 -3.63
CA GLY D 152 19.21 -20.46 -3.38
C GLY D 152 18.98 -18.98 -3.10
N ASN D 153 17.72 -18.64 -2.84
CA ASN D 153 17.33 -17.26 -2.56
C ASN D 153 17.49 -16.91 -1.09
N VAL D 154 17.63 -15.62 -0.81
CA VAL D 154 17.78 -15.16 0.58
C VAL D 154 16.82 -13.99 0.82
N PHE D 155 16.51 -13.74 2.09
CA PHE D 155 15.63 -12.62 2.42
C PHE D 155 16.54 -11.50 2.93
N SER D 156 16.45 -10.33 2.31
CA SER D 156 17.26 -9.19 2.73
C SER D 156 16.40 -8.39 3.71
N SER D 157 16.71 -8.54 4.99
CA SER D 157 15.98 -7.89 6.07
C SER D 157 16.55 -6.51 6.38
N ASP D 158 15.71 -5.63 6.91
CA ASP D 158 16.16 -4.28 7.28
C ASP D 158 16.26 -4.16 8.80
N ALA D 159 15.66 -5.09 9.52
CA ALA D 159 15.66 -5.05 10.98
C ALA D 159 16.19 -6.32 11.62
N PHE D 160 17.49 -6.35 11.89
CA PHE D 160 18.15 -7.50 12.51
C PHE D 160 17.45 -7.98 13.78
N TYR D 161 17.00 -7.06 14.62
CA TYR D 161 16.36 -7.44 15.87
C TYR D 161 14.84 -7.57 15.88
N ALA D 162 14.29 -7.87 14.71
CA ALA D 162 12.85 -8.07 14.57
C ALA D 162 12.67 -9.45 13.91
N GLU D 163 13.62 -10.35 14.13
CA GLU D 163 13.57 -11.70 13.54
C GLU D 163 13.28 -12.77 14.59
N ASP D 164 12.00 -13.10 14.75
CA ASP D 164 11.53 -14.09 15.72
C ASP D 164 11.28 -15.49 15.15
N GLU D 165 10.51 -16.28 15.90
CA GLU D 165 10.17 -17.65 15.49
C GLU D 165 9.27 -17.70 14.26
N GLU D 166 8.19 -16.92 14.29
CA GLU D 166 7.25 -16.85 13.18
C GLU D 166 8.05 -16.55 11.92
N PHE D 167 9.09 -15.73 12.09
CA PHE D 167 9.99 -15.28 11.04
C PHE D 167 10.65 -16.40 10.22
N VAL D 168 11.32 -17.33 10.90
CA VAL D 168 12.01 -18.41 10.20
C VAL D 168 11.11 -19.28 9.33
N LYS D 169 9.97 -19.70 9.87
CA LYS D 169 9.04 -20.54 9.09
C LYS D 169 8.42 -19.78 7.92
N LYS D 170 8.09 -18.52 8.14
CA LYS D 170 7.50 -17.71 7.08
C LYS D 170 8.42 -17.58 5.87
N TRP D 171 9.66 -17.15 6.09
CA TRP D 171 10.59 -16.97 5.00
C TRP D 171 11.10 -18.26 4.34
N SER D 172 11.38 -19.30 5.13
CA SER D 172 11.85 -20.55 4.52
C SER D 172 10.70 -21.17 3.72
N SER D 173 9.46 -20.95 4.15
CA SER D 173 8.33 -21.50 3.43
C SER D 173 8.07 -20.69 2.16
N ARG D 174 8.87 -19.64 1.95
CA ARG D 174 8.74 -18.81 0.76
C ARG D 174 9.91 -19.06 -0.20
N GLY D 175 10.64 -20.15 0.03
CA GLY D 175 11.75 -20.47 -0.85
C GLY D 175 13.09 -19.82 -0.55
N ASN D 176 13.23 -19.19 0.62
CA ASN D 176 14.49 -18.57 0.99
C ASN D 176 15.22 -19.52 1.95
N ILE D 177 16.55 -19.63 1.80
CA ILE D 177 17.32 -20.52 2.66
C ILE D 177 18.23 -19.81 3.65
N ALA D 178 18.21 -18.49 3.64
CA ALA D 178 19.04 -17.71 4.56
C ALA D 178 18.58 -16.25 4.62
N VAL D 179 19.07 -15.53 5.62
CA VAL D 179 18.71 -14.13 5.79
C VAL D 179 19.98 -13.28 5.92
N GLU D 180 19.97 -12.14 5.26
CA GLU D 180 21.08 -11.19 5.33
C GLU D 180 20.45 -9.82 5.14
N MET D 181 21.23 -8.78 4.93
CA MET D 181 20.61 -7.45 4.83
C MET D 181 20.93 -6.58 3.63
N GLU D 182 21.84 -7.01 2.77
CA GLU D 182 22.23 -6.18 1.63
C GLU D 182 21.99 -6.65 0.20
N CYS D 183 21.76 -7.94 -0.02
CA CYS D 183 21.60 -8.44 -1.39
C CYS D 183 20.53 -7.81 -2.28
N ALA D 184 19.32 -7.61 -1.73
CA ALA D 184 18.26 -7.02 -2.54
C ALA D 184 18.66 -5.63 -3.09
N THR D 185 19.31 -4.82 -2.28
CA THR D 185 19.73 -3.50 -2.72
C THR D 185 20.81 -3.65 -3.80
N LEU D 186 21.78 -4.52 -3.54
CA LEU D 186 22.85 -4.75 -4.51
C LEU D 186 22.33 -5.17 -5.88
N PHE D 187 21.50 -6.22 -5.92
CA PHE D 187 20.97 -6.73 -7.18
C PHE D 187 20.07 -5.75 -7.93
N THR D 188 19.10 -5.17 -7.22
CA THR D 188 18.18 -4.23 -7.85
C THR D 188 18.87 -2.98 -8.39
N LEU D 189 19.75 -2.38 -7.59
CA LEU D 189 20.45 -1.17 -8.04
C LEU D 189 21.38 -1.51 -9.22
N SER D 190 21.95 -2.72 -9.20
CA SER D 190 22.84 -3.16 -10.27
C SER D 190 22.06 -3.30 -11.58
N LYS D 191 20.83 -3.79 -11.48
CA LYS D 191 19.98 -3.97 -12.67
C LYS D 191 19.66 -2.59 -13.26
N VAL D 192 19.36 -1.64 -12.39
CA VAL D 192 19.03 -0.29 -12.84
C VAL D 192 20.24 0.51 -13.36
N LYS D 193 21.39 0.31 -12.72
CA LYS D 193 22.61 1.03 -13.10
C LYS D 193 23.46 0.34 -14.15
N GLY D 194 23.11 -0.90 -14.47
CA GLY D 194 23.87 -1.64 -15.47
C GLY D 194 25.16 -2.27 -14.96
N TRP D 195 25.23 -2.61 -13.67
CA TRP D 195 26.44 -3.25 -13.15
C TRP D 195 26.25 -4.76 -13.10
N LYS D 196 27.35 -5.51 -13.12
CA LYS D 196 27.28 -6.97 -13.03
C LYS D 196 27.59 -7.38 -11.59
N SER D 197 26.60 -7.94 -10.90
CA SER D 197 26.79 -8.31 -9.50
C SER D 197 26.42 -9.74 -9.14
N ALA D 198 27.04 -10.23 -8.05
CA ALA D 198 26.80 -11.58 -7.54
C ALA D 198 27.08 -11.55 -6.03
N THR D 199 26.78 -12.64 -5.35
CA THR D 199 27.00 -12.71 -3.90
C THR D 199 27.24 -14.13 -3.39
N VAL D 200 28.20 -14.27 -2.48
CA VAL D 200 28.49 -15.54 -1.81
C VAL D 200 28.46 -15.24 -0.32
N LEU D 201 27.79 -16.09 0.46
CA LEU D 201 27.68 -15.90 1.91
C LEU D 201 28.21 -17.05 2.74
N VAL D 202 28.83 -16.71 3.88
CA VAL D 202 29.34 -17.71 4.81
C VAL D 202 28.30 -17.85 5.92
N VAL D 203 27.89 -19.09 6.20
CA VAL D 203 26.89 -19.32 7.24
C VAL D 203 27.52 -19.15 8.63
N SER D 204 27.09 -18.11 9.33
CA SER D 204 27.62 -17.83 10.67
C SER D 204 26.64 -18.25 11.76
N ASP D 205 25.38 -18.45 11.39
CA ASP D 205 24.38 -18.90 12.33
C ASP D 205 23.27 -19.66 11.62
N ASN D 206 22.51 -20.46 12.38
CA ASN D 206 21.41 -21.23 11.81
C ASN D 206 20.18 -20.98 12.66
N LEU D 207 19.23 -20.23 12.12
CA LEU D 207 18.01 -19.89 12.84
C LEU D 207 17.02 -21.04 12.97
N ALA D 208 17.17 -22.07 12.14
CA ALA D 208 16.26 -23.21 12.19
C ALA D 208 16.67 -24.15 13.31
N LYS D 209 17.97 -24.35 13.49
CA LYS D 209 18.48 -25.21 14.55
C LYS D 209 19.08 -24.35 15.66
N GLU D 218 36.81 -19.70 13.85
CA GLU D 218 36.12 -20.63 12.90
C GLU D 218 35.66 -19.89 11.65
N LEU D 219 35.01 -18.74 11.87
CA LEU D 219 34.52 -17.93 10.76
C LEU D 219 35.67 -17.57 9.83
N GLU D 220 36.74 -17.01 10.39
CA GLU D 220 37.91 -16.61 9.62
C GLU D 220 38.42 -17.73 8.74
N LYS D 221 38.38 -18.96 9.23
CA LYS D 221 38.84 -20.10 8.45
C LYS D 221 38.01 -20.28 7.19
N SER D 222 36.68 -20.30 7.35
CA SER D 222 35.79 -20.44 6.22
C SER D 222 35.89 -19.22 5.30
N VAL D 223 36.04 -18.05 5.91
CA VAL D 223 36.14 -16.82 5.14
C VAL D 223 37.35 -16.83 4.21
N MET D 224 38.51 -17.22 4.74
CA MET D 224 39.73 -17.26 3.93
C MET D 224 39.61 -18.25 2.77
N ASP D 225 39.11 -19.46 3.03
CA ASP D 225 38.97 -20.45 1.97
C ASP D 225 38.08 -20.00 0.82
N GLY D 226 36.95 -19.39 1.15
CA GLY D 226 36.04 -18.93 0.11
C GLY D 226 36.50 -17.68 -0.63
N ALA D 227 37.26 -16.83 0.06
CA ALA D 227 37.76 -15.58 -0.53
C ALA D 227 38.58 -15.84 -1.78
N LYS D 228 39.39 -16.89 -1.75
CA LYS D 228 40.24 -17.24 -2.88
C LYS D 228 39.40 -17.66 -4.08
N ALA D 229 38.33 -18.40 -3.83
CA ALA D 229 37.46 -18.84 -4.91
C ALA D 229 36.74 -17.62 -5.50
N VAL D 230 36.44 -16.65 -4.64
CA VAL D 230 35.76 -15.43 -5.06
C VAL D 230 36.69 -14.58 -5.90
N LEU D 231 37.94 -14.43 -5.45
CA LEU D 231 38.93 -13.65 -6.17
C LEU D 231 39.24 -14.28 -7.53
N ASP D 232 39.30 -15.61 -7.58
CA ASP D 232 39.57 -16.30 -8.85
C ASP D 232 38.43 -15.98 -9.80
N THR D 233 37.20 -15.99 -9.29
CA THR D 233 36.03 -15.68 -10.11
C THR D 233 36.09 -14.24 -10.60
N LEU D 234 36.43 -13.33 -9.70
CA LEU D 234 36.51 -11.92 -10.04
C LEU D 234 37.56 -11.58 -11.10
N THR D 235 38.65 -12.33 -11.12
CA THR D 235 39.72 -12.06 -12.07
C THR D 235 39.74 -12.94 -13.32
N SER D 236 38.70 -13.75 -13.50
CA SER D 236 38.63 -14.61 -14.67
C SER D 236 38.04 -13.85 -15.85
N ASN E 2 -5.01 -5.07 -34.66
CA ASN E 2 -5.86 -6.28 -34.91
C ASN E 2 -5.80 -7.25 -33.72
N PRO E 3 -6.96 -7.66 -33.20
CA PRO E 3 -7.00 -8.59 -32.07
C PRO E 3 -6.13 -9.81 -32.36
N VAL E 4 -5.33 -10.23 -31.39
CA VAL E 4 -4.45 -11.38 -31.58
C VAL E 4 -4.95 -12.65 -30.91
N HIS E 5 -6.06 -12.57 -30.17
CA HIS E 5 -6.62 -13.76 -29.52
C HIS E 5 -7.94 -14.18 -30.16
N ILE E 6 -8.86 -13.23 -30.29
CA ILE E 6 -10.15 -13.48 -30.93
C ILE E 6 -9.95 -13.08 -32.40
N LEU E 7 -9.79 -14.06 -33.28
CA LEU E 7 -9.55 -13.79 -34.69
C LEU E 7 -10.79 -13.65 -35.57
N ALA E 8 -11.96 -13.50 -34.96
CA ALA E 8 -13.19 -13.35 -35.72
C ALA E 8 -13.06 -12.18 -36.69
N LYS E 9 -13.81 -12.25 -37.79
CA LYS E 9 -13.79 -11.17 -38.77
C LYS E 9 -14.72 -10.06 -38.33
N LYS E 10 -14.36 -8.82 -38.66
CA LYS E 10 -15.18 -7.67 -38.28
C LYS E 10 -16.58 -7.85 -38.86
N GLY E 11 -17.59 -7.71 -38.02
CA GLY E 11 -18.96 -7.87 -38.48
C GLY E 11 -19.49 -9.22 -38.05
N GLU E 12 -18.59 -10.14 -37.70
CA GLU E 12 -18.97 -11.47 -37.26
C GLU E 12 -19.31 -11.52 -35.76
N VAL E 13 -18.99 -10.45 -35.05
CA VAL E 13 -19.28 -10.35 -33.61
C VAL E 13 -20.39 -9.33 -33.38
N ALA E 14 -21.41 -9.71 -32.62
CA ALA E 14 -22.54 -8.84 -32.35
C ALA E 14 -22.25 -7.77 -31.30
N GLU E 15 -23.13 -6.77 -31.24
CA GLU E 15 -23.01 -5.69 -30.24
C GLU E 15 -23.37 -6.26 -28.88
N ARG E 16 -24.30 -7.21 -28.86
CA ARG E 16 -24.77 -7.86 -27.64
C ARG E 16 -24.10 -9.21 -27.49
N VAL E 17 -23.39 -9.40 -26.38
CA VAL E 17 -22.66 -10.64 -26.14
C VAL E 17 -22.88 -11.30 -24.78
N LEU E 18 -23.15 -12.61 -24.80
CA LEU E 18 -23.32 -13.37 -23.57
C LEU E 18 -21.94 -14.04 -23.41
N VAL E 19 -21.27 -13.76 -22.30
CA VAL E 19 -19.94 -14.32 -22.07
C VAL E 19 -19.91 -15.38 -20.98
N VAL E 20 -19.25 -16.50 -21.26
CA VAL E 20 -19.12 -17.59 -20.30
C VAL E 20 -17.66 -18.01 -20.22
N GLY E 21 -17.25 -18.54 -19.07
CA GLY E 21 -15.87 -18.95 -18.91
C GLY E 21 -15.51 -20.27 -19.56
N ASP E 22 -16.46 -21.19 -19.57
CA ASP E 22 -16.26 -22.54 -20.11
C ASP E 22 -16.62 -22.66 -21.59
N PRO E 23 -15.65 -23.04 -22.43
CA PRO E 23 -15.85 -23.21 -23.88
C PRO E 23 -16.98 -24.22 -24.16
N GLY E 24 -17.04 -25.25 -23.33
CA GLY E 24 -18.07 -26.26 -23.47
C GLY E 24 -19.47 -25.69 -23.28
N ARG E 25 -19.62 -24.76 -22.34
CA ARG E 25 -20.91 -24.14 -22.10
C ARG E 25 -21.28 -23.21 -23.26
N ALA E 26 -20.28 -22.59 -23.86
CA ALA E 26 -20.52 -21.71 -25.01
C ALA E 26 -21.09 -22.55 -26.15
N ARG E 27 -20.48 -23.72 -26.39
CA ARG E 27 -20.94 -24.62 -27.43
C ARG E 27 -22.36 -25.09 -27.13
N LEU E 28 -22.59 -25.46 -25.87
CA LEU E 28 -23.90 -25.95 -25.43
C LEU E 28 -24.99 -24.89 -25.56
N LEU E 29 -24.66 -23.65 -25.20
CA LEU E 29 -25.64 -22.57 -25.26
C LEU E 29 -25.94 -22.07 -26.68
N SER E 30 -25.02 -22.32 -27.61
CA SER E 30 -25.21 -21.86 -28.98
C SER E 30 -26.44 -22.49 -29.62
N THR E 31 -26.87 -23.65 -29.11
CA THR E 31 -28.03 -24.33 -29.68
C THR E 31 -29.33 -23.59 -29.33
N LEU E 32 -29.21 -22.53 -28.56
CA LEU E 32 -30.37 -21.72 -28.19
C LEU E 32 -30.55 -20.61 -29.21
N LEU E 33 -29.53 -20.39 -30.03
CA LEU E 33 -29.58 -19.35 -31.05
C LEU E 33 -30.12 -19.90 -32.38
N GLN E 34 -30.56 -19.00 -33.24
CA GLN E 34 -31.05 -19.38 -34.56
C GLN E 34 -29.86 -19.32 -35.51
N ASN E 35 -29.67 -20.37 -36.29
CA ASN E 35 -28.60 -20.42 -37.28
C ASN E 35 -27.20 -20.06 -36.75
N PRO E 36 -26.77 -20.69 -35.64
CA PRO E 36 -25.47 -20.45 -35.02
C PRO E 36 -24.27 -20.81 -35.89
N LYS E 37 -23.30 -19.91 -35.96
CA LYS E 37 -22.08 -20.13 -36.73
C LYS E 37 -20.88 -19.83 -35.83
N LEU E 38 -19.88 -20.71 -35.87
CA LEU E 38 -18.66 -20.53 -35.08
C LEU E 38 -17.78 -19.47 -35.74
N THR E 39 -17.59 -18.33 -35.07
CA THR E 39 -16.78 -17.25 -35.61
C THR E 39 -15.33 -17.19 -35.10
N ASN E 40 -14.98 -18.02 -34.13
CA ASN E 40 -13.61 -18.07 -33.62
C ASN E 40 -13.31 -19.30 -32.77
N GLU E 41 -12.10 -19.84 -32.96
CA GLU E 41 -11.64 -21.01 -32.22
C GLU E 41 -10.25 -20.76 -31.64
N ASN E 42 -9.57 -19.75 -32.15
CA ASN E 42 -8.22 -19.47 -31.70
C ASN E 42 -8.03 -19.48 -30.18
N ARG E 43 -6.95 -20.13 -29.76
CA ARG E 43 -6.59 -20.24 -28.34
C ARG E 43 -7.67 -20.87 -27.46
N GLY E 44 -8.62 -21.55 -28.08
CA GLY E 44 -9.68 -22.19 -27.32
C GLY E 44 -10.85 -21.29 -26.97
N PHE E 45 -10.75 -20.01 -27.31
CA PHE E 45 -11.81 -19.04 -27.02
C PHE E 45 -12.93 -19.13 -28.06
N LEU E 46 -13.83 -20.09 -27.88
CA LEU E 46 -14.93 -20.27 -28.80
C LEU E 46 -15.93 -19.12 -28.80
N VAL E 47 -16.32 -18.69 -30.00
CA VAL E 47 -17.29 -17.62 -30.15
C VAL E 47 -18.30 -18.02 -31.21
N TYR E 48 -19.58 -17.98 -30.86
CA TYR E 48 -20.65 -18.30 -31.81
C TYR E 48 -21.50 -17.05 -31.99
N THR E 49 -22.05 -16.87 -33.18
CA THR E 49 -22.90 -15.73 -33.46
C THR E 49 -24.13 -16.24 -34.21
N GLY E 50 -25.28 -15.67 -33.88
CA GLY E 50 -26.51 -16.06 -34.54
C GLY E 50 -27.61 -15.07 -34.17
N LYS E 51 -28.85 -15.55 -34.15
CA LYS E 51 -29.98 -14.68 -33.83
C LYS E 51 -30.84 -15.23 -32.70
N TYR E 52 -31.56 -14.31 -32.04
CA TYR E 52 -32.45 -14.64 -30.94
C TYR E 52 -33.46 -13.50 -30.86
N ASN E 53 -34.75 -13.83 -30.80
CA ASN E 53 -35.80 -12.82 -30.75
C ASN E 53 -35.53 -11.68 -31.74
N GLY E 54 -35.34 -12.03 -33.00
CA GLY E 54 -35.08 -11.03 -34.02
C GLY E 54 -34.01 -10.03 -33.64
N GLU E 55 -32.82 -10.53 -33.35
CA GLU E 55 -31.71 -9.68 -32.95
C GLU E 55 -30.42 -10.49 -33.03
N THR E 56 -29.36 -9.88 -33.53
CA THR E 56 -28.07 -10.57 -33.63
C THR E 56 -27.44 -10.64 -32.23
N VAL E 57 -26.97 -11.82 -31.86
CA VAL E 57 -26.35 -12.03 -30.55
C VAL E 57 -25.16 -12.99 -30.68
N SER E 58 -24.17 -12.80 -29.81
CA SER E 58 -22.97 -13.65 -29.79
C SER E 58 -22.76 -14.27 -28.42
N ILE E 59 -22.14 -15.46 -28.41
CA ILE E 59 -21.82 -16.16 -27.18
C ILE E 59 -20.32 -16.39 -27.24
N ALA E 60 -19.59 -15.82 -26.27
CA ALA E 60 -18.14 -15.91 -26.24
C ALA E 60 -17.54 -16.54 -24.97
N THR E 61 -16.40 -17.20 -25.15
CA THR E 61 -15.68 -17.86 -24.06
C THR E 61 -14.63 -16.89 -23.50
N HIS E 62 -14.57 -16.71 -22.19
CA HIS E 62 -13.59 -15.78 -21.63
C HIS E 62 -12.48 -16.41 -20.78
N GLY E 63 -12.52 -17.73 -20.60
CA GLY E 63 -11.48 -18.39 -19.83
C GLY E 63 -11.58 -18.05 -18.34
N ILE E 64 -10.54 -18.38 -17.59
CA ILE E 64 -10.54 -18.14 -16.14
C ILE E 64 -9.68 -16.99 -15.66
N GLY E 65 -10.27 -16.13 -14.82
CA GLY E 65 -9.51 -15.04 -14.25
C GLY E 65 -9.58 -13.66 -14.89
N GLY E 66 -9.29 -12.65 -14.09
CA GLY E 66 -9.34 -11.27 -14.56
C GLY E 66 -8.50 -10.94 -15.79
N PRO E 67 -7.23 -11.39 -15.84
CA PRO E 67 -6.40 -11.09 -17.02
C PRO E 67 -6.97 -11.69 -18.31
N SER E 68 -7.60 -12.86 -18.19
CA SER E 68 -8.17 -13.52 -19.35
C SER E 68 -9.43 -12.80 -19.85
N ILE E 69 -10.39 -12.54 -18.97
CA ILE E 69 -11.59 -11.87 -19.41
C ILE E 69 -11.31 -10.44 -19.90
N ALA E 70 -10.27 -9.79 -19.36
CA ALA E 70 -9.94 -8.43 -19.81
C ALA E 70 -9.52 -8.46 -21.31
N ILE E 71 -8.66 -9.40 -21.66
CA ILE E 71 -8.21 -9.54 -23.05
C ILE E 71 -9.38 -9.82 -23.99
N VAL E 72 -10.23 -10.75 -23.62
CA VAL E 72 -11.38 -11.12 -24.44
C VAL E 72 -12.38 -9.98 -24.61
N LEU E 73 -12.68 -9.28 -23.51
CA LEU E 73 -13.62 -8.16 -23.58
C LEU E 73 -13.05 -7.06 -24.48
N GLU E 74 -11.77 -6.78 -24.32
CA GLU E 74 -11.12 -5.74 -25.11
C GLU E 74 -11.17 -6.03 -26.62
N GLU E 75 -10.86 -7.26 -27.01
CA GLU E 75 -10.87 -7.63 -28.42
C GLU E 75 -12.30 -7.74 -28.98
N LEU E 76 -13.24 -8.20 -28.16
CA LEU E 76 -14.62 -8.28 -28.61
C LEU E 76 -15.13 -6.85 -28.86
N ALA E 77 -14.73 -5.91 -28.00
CA ALA E 77 -15.14 -4.52 -28.17
C ALA E 77 -14.52 -3.91 -29.43
N MET E 78 -13.28 -4.28 -29.71
CA MET E 78 -12.58 -3.79 -30.90
C MET E 78 -13.31 -4.29 -32.14
N LEU E 79 -14.00 -5.40 -31.99
CA LEU E 79 -14.75 -5.99 -33.08
C LEU E 79 -16.21 -5.53 -33.10
N GLY E 80 -16.56 -4.62 -32.20
CA GLY E 80 -17.92 -4.11 -32.20
C GLY E 80 -18.87 -4.39 -31.05
N ALA E 81 -18.46 -5.23 -30.10
CA ALA E 81 -19.32 -5.54 -28.96
C ALA E 81 -19.31 -4.38 -27.95
N ASN E 82 -20.46 -4.09 -27.33
CA ASN E 82 -20.54 -3.02 -26.33
C ASN E 82 -21.50 -3.32 -25.17
N VAL E 83 -22.20 -4.44 -25.25
CA VAL E 83 -23.12 -4.84 -24.19
C VAL E 83 -22.73 -6.28 -23.82
N PHE E 84 -22.32 -6.47 -22.57
CA PHE E 84 -21.92 -7.79 -22.10
C PHE E 84 -22.67 -8.28 -20.86
N ILE E 85 -23.04 -9.55 -20.89
CA ILE E 85 -23.68 -10.18 -19.74
C ILE E 85 -22.95 -11.50 -19.48
N ARG E 86 -22.26 -11.56 -18.34
CA ARG E 86 -21.54 -12.77 -17.96
C ARG E 86 -22.51 -13.75 -17.30
N TYR E 87 -22.40 -15.01 -17.68
CA TYR E 87 -23.24 -16.07 -17.13
C TYR E 87 -22.28 -17.14 -16.64
N GLY E 88 -22.06 -17.21 -15.33
CA GLY E 88 -21.14 -18.20 -14.80
C GLY E 88 -21.60 -18.99 -13.59
N THR E 89 -20.64 -19.61 -12.92
CA THR E 89 -20.93 -20.42 -11.73
C THR E 89 -20.28 -19.76 -10.53
N THR E 90 -20.78 -20.06 -9.35
CA THR E 90 -20.24 -19.45 -8.15
C THR E 90 -20.44 -20.29 -6.90
N GLY E 91 -19.67 -19.98 -5.87
CA GLY E 91 -19.80 -20.67 -4.60
C GLY E 91 -20.47 -19.74 -3.61
N ALA E 92 -21.65 -20.12 -3.12
CA ALA E 92 -22.39 -19.32 -2.16
C ALA E 92 -21.62 -19.15 -0.84
N LEU E 93 -21.76 -17.98 -0.23
CA LEU E 93 -21.09 -17.67 1.04
C LEU E 93 -22.06 -17.62 2.22
N VAL E 94 -23.34 -17.81 1.93
CA VAL E 94 -24.39 -17.82 2.96
C VAL E 94 -25.14 -19.15 2.88
N PRO E 95 -25.53 -19.71 4.03
CA PRO E 95 -26.24 -20.99 4.11
C PRO E 95 -27.63 -21.09 3.50
N TYR E 96 -28.36 -19.98 3.43
CA TYR E 96 -29.73 -20.01 2.89
C TYR E 96 -29.87 -20.07 1.36
N ILE E 97 -28.75 -20.15 0.66
CA ILE E 97 -28.77 -20.24 -0.80
C ILE E 97 -28.44 -21.66 -1.23
N ASN E 98 -29.34 -22.27 -1.97
CA ASN E 98 -29.17 -23.65 -2.43
C ASN E 98 -28.56 -23.79 -3.82
N LEU E 99 -27.96 -24.95 -4.07
CA LEU E 99 -27.34 -25.24 -5.35
C LEU E 99 -28.38 -25.15 -6.45
N GLY E 100 -27.96 -24.70 -7.62
CA GLY E 100 -28.89 -24.58 -8.73
C GLY E 100 -29.66 -23.28 -8.78
N GLU E 101 -29.70 -22.55 -7.66
CA GLU E 101 -30.41 -21.28 -7.63
C GLU E 101 -29.51 -20.23 -8.28
N TYR E 102 -30.05 -19.04 -8.54
CA TYR E 102 -29.27 -17.99 -9.20
C TYR E 102 -28.96 -16.76 -8.36
N ILE E 103 -27.90 -16.05 -8.77
CA ILE E 103 -27.49 -14.83 -8.09
C ILE E 103 -27.23 -13.73 -9.11
N ILE E 104 -28.01 -12.66 -9.01
CA ILE E 104 -27.87 -11.52 -9.89
C ILE E 104 -26.99 -10.52 -9.11
N VAL E 105 -25.79 -10.29 -9.65
CA VAL E 105 -24.79 -9.43 -9.03
C VAL E 105 -25.03 -7.92 -9.10
N THR E 106 -24.89 -7.27 -7.95
CA THR E 106 -25.09 -5.81 -7.84
C THR E 106 -23.77 -5.08 -7.62
N GLY E 107 -22.71 -5.82 -7.36
CA GLY E 107 -21.40 -5.22 -7.15
C GLY E 107 -20.36 -6.29 -6.87
N ALA E 108 -19.08 -5.93 -7.05
CA ALA E 108 -18.00 -6.86 -6.81
C ALA E 108 -16.87 -6.31 -5.93
N SER E 109 -16.50 -7.07 -4.90
CA SER E 109 -15.41 -6.73 -4.00
C SER E 109 -14.17 -7.37 -4.62
N TYR E 110 -12.99 -6.77 -4.39
CA TYR E 110 -11.74 -7.32 -4.91
C TYR E 110 -10.53 -6.83 -4.10
N ASN E 111 -9.42 -7.55 -4.19
CA ASN E 111 -8.20 -7.15 -3.49
C ASN E 111 -7.39 -6.28 -4.46
N GLN E 112 -6.75 -5.23 -3.94
CA GLN E 112 -5.95 -4.37 -4.79
C GLN E 112 -4.98 -5.27 -5.54
N GLY E 113 -4.82 -5.05 -6.83
CA GLY E 113 -3.92 -5.91 -7.59
C GLY E 113 -3.40 -5.33 -8.88
N GLY E 114 -2.41 -6.01 -9.44
CA GLY E 114 -1.80 -5.60 -10.68
C GLY E 114 -2.72 -5.11 -11.78
N LEU E 115 -3.71 -5.92 -12.17
CA LEU E 115 -4.61 -5.53 -13.24
C LEU E 115 -5.28 -4.19 -12.98
N PHE E 116 -5.84 -4.03 -11.78
CA PHE E 116 -6.50 -2.76 -11.45
C PHE E 116 -5.48 -1.63 -11.39
N TYR E 117 -4.26 -1.93 -10.94
CA TYR E 117 -3.22 -0.89 -10.86
C TYR E 117 -2.79 -0.45 -12.25
N GLN E 118 -2.61 -1.42 -13.14
CA GLN E 118 -2.20 -1.15 -14.52
C GLN E 118 -3.23 -0.34 -15.30
N TYR E 119 -4.51 -0.62 -15.07
CA TYR E 119 -5.59 0.10 -15.76
C TYR E 119 -5.97 1.42 -15.11
N LEU E 120 -6.00 1.46 -13.77
CA LEU E 120 -6.40 2.67 -13.04
C LEU E 120 -5.24 3.63 -12.72
N ARG E 121 -4.02 3.11 -12.74
CA ARG E 121 -2.82 3.91 -12.48
C ARG E 121 -2.54 4.27 -11.02
N ASP E 122 -3.37 3.77 -10.11
CA ASP E 122 -3.15 3.98 -8.68
C ASP E 122 -4.02 2.99 -7.89
N ASN E 123 -3.92 3.03 -6.56
CA ASN E 123 -4.65 2.09 -5.71
C ASN E 123 -6.09 2.41 -5.32
N ALA E 124 -6.69 3.43 -5.94
CA ALA E 124 -8.06 3.83 -5.64
C ALA E 124 -9.08 2.70 -5.77
N CYS E 125 -10.03 2.66 -4.84
CA CYS E 125 -11.08 1.65 -4.88
C CYS E 125 -12.27 2.19 -5.70
N VAL E 126 -12.17 2.03 -7.00
CA VAL E 126 -13.22 2.47 -7.91
C VAL E 126 -14.43 1.53 -7.78
N ALA E 127 -15.63 2.11 -7.76
CA ALA E 127 -16.83 1.32 -7.63
C ALA E 127 -16.95 0.33 -8.78
N SER E 128 -16.94 -0.97 -8.45
CA SER E 128 -17.04 -2.04 -9.45
C SER E 128 -18.47 -2.54 -9.46
N THR E 129 -19.31 -1.83 -10.21
CA THR E 129 -20.72 -2.13 -10.30
C THR E 129 -21.21 -2.32 -11.75
N PRO E 130 -22.31 -3.06 -11.93
CA PRO E 130 -22.89 -3.33 -13.25
C PRO E 130 -23.77 -2.16 -13.69
N ASP E 131 -24.25 -2.23 -14.93
CA ASP E 131 -25.13 -1.19 -15.44
C ASP E 131 -26.45 -1.36 -14.69
N PHE E 132 -26.95 -0.26 -14.12
CA PHE E 132 -28.18 -0.29 -13.34
C PHE E 132 -29.38 -0.76 -14.15
N GLU E 133 -29.60 -0.18 -15.32
CA GLU E 133 -30.73 -0.57 -16.16
C GLU E 133 -30.66 -2.04 -16.57
N LEU E 134 -29.54 -2.44 -17.15
CA LEU E 134 -29.36 -3.81 -17.59
C LEU E 134 -29.63 -4.81 -16.48
N THR E 135 -29.13 -4.52 -15.28
CA THR E 135 -29.33 -5.42 -14.14
C THR E 135 -30.82 -5.53 -13.77
N ASN E 136 -31.56 -4.42 -13.83
CA ASN E 136 -32.99 -4.48 -13.52
C ASN E 136 -33.73 -5.30 -14.57
N LYS E 137 -33.28 -5.21 -15.83
CA LYS E 137 -33.92 -5.99 -16.89
C LYS E 137 -33.71 -7.48 -16.60
N LEU E 138 -32.53 -7.83 -16.09
CA LEU E 138 -32.24 -9.23 -15.74
C LEU E 138 -33.20 -9.71 -14.66
N VAL E 139 -33.40 -8.89 -13.63
CA VAL E 139 -34.30 -9.23 -12.54
C VAL E 139 -35.68 -9.50 -13.12
N THR E 140 -36.14 -8.61 -14.00
CA THR E 140 -37.45 -8.79 -14.62
C THR E 140 -37.51 -10.10 -15.40
N SER E 141 -36.49 -10.36 -16.22
CA SER E 141 -36.44 -11.59 -17.00
C SER E 141 -36.49 -12.87 -16.18
N PHE E 142 -35.77 -12.91 -15.07
CA PHE E 142 -35.77 -14.10 -14.22
C PHE E 142 -37.07 -14.23 -13.43
N SER E 143 -37.77 -13.11 -13.24
CA SER E 143 -39.04 -13.13 -12.51
C SER E 143 -40.13 -13.66 -13.43
N LYS E 144 -40.15 -13.18 -14.66
CA LYS E 144 -41.15 -13.62 -15.63
C LYS E 144 -41.07 -15.12 -15.89
N ARG E 145 -39.90 -15.71 -15.66
CA ARG E 145 -39.71 -17.14 -15.86
C ARG E 145 -39.81 -17.91 -14.54
N ASN E 146 -40.24 -17.23 -13.49
CA ASN E 146 -40.40 -17.82 -12.17
C ASN E 146 -39.17 -18.56 -11.64
N LEU E 147 -37.99 -17.98 -11.81
CA LEU E 147 -36.77 -18.62 -11.33
C LEU E 147 -36.40 -18.08 -9.94
N LYS E 148 -35.80 -18.92 -9.12
CA LYS E 148 -35.40 -18.53 -7.77
C LYS E 148 -34.04 -17.84 -7.80
N TYR E 149 -34.03 -16.54 -7.49
CA TYR E 149 -32.78 -15.77 -7.50
C TYR E 149 -32.60 -14.87 -6.29
N TYR E 150 -31.36 -14.40 -6.10
CA TYR E 150 -31.01 -13.50 -5.00
C TYR E 150 -30.13 -12.39 -5.56
N VAL E 151 -30.37 -11.15 -5.13
CA VAL E 151 -29.55 -10.03 -5.60
C VAL E 151 -28.54 -9.66 -4.52
N GLY E 152 -27.26 -9.51 -4.91
CA GLY E 152 -26.25 -9.16 -3.94
C GLY E 152 -24.85 -9.01 -4.53
N ASN E 153 -23.92 -8.59 -3.67
CA ASN E 153 -22.53 -8.39 -4.06
C ASN E 153 -21.76 -9.72 -3.98
N VAL E 154 -20.67 -9.82 -4.75
CA VAL E 154 -19.85 -11.01 -4.74
C VAL E 154 -18.38 -10.63 -4.61
N PHE E 155 -17.56 -11.57 -4.15
CA PHE E 155 -16.13 -11.32 -4.05
C PHE E 155 -15.44 -11.97 -5.24
N SER E 156 -14.68 -11.17 -5.99
CA SER E 156 -13.94 -11.68 -7.14
C SER E 156 -12.52 -12.05 -6.72
N SER E 157 -12.31 -13.33 -6.44
CA SER E 157 -11.03 -13.86 -6.01
C SER E 157 -10.08 -14.09 -7.19
N ASP E 158 -8.77 -14.08 -6.92
CA ASP E 158 -7.78 -14.32 -7.97
C ASP E 158 -7.08 -15.65 -7.70
N ALA E 159 -7.24 -16.18 -6.48
CA ALA E 159 -6.59 -17.42 -6.11
C ALA E 159 -7.58 -18.47 -5.64
N PHE E 160 -8.06 -19.28 -6.59
CA PHE E 160 -9.02 -20.32 -6.31
C PHE E 160 -8.59 -21.23 -5.15
N TYR E 161 -7.34 -21.68 -5.17
CA TYR E 161 -6.85 -22.57 -4.12
C TYR E 161 -6.24 -21.93 -2.88
N ALA E 162 -6.82 -20.80 -2.47
CA ALA E 162 -6.39 -20.09 -1.28
C ALA E 162 -7.66 -19.57 -0.59
N GLU E 163 -8.76 -20.29 -0.77
CA GLU E 163 -10.07 -19.92 -0.21
C GLU E 163 -10.51 -20.80 0.97
N ASP E 164 -9.77 -20.72 2.08
CA ASP E 164 -10.04 -21.49 3.29
C ASP E 164 -11.38 -21.15 3.97
N GLU E 165 -11.54 -21.57 5.23
CA GLU E 165 -12.76 -21.29 5.97
C GLU E 165 -12.78 -19.87 6.53
N GLU E 166 -11.64 -19.42 7.06
CA GLU E 166 -11.54 -18.07 7.59
C GLU E 166 -12.09 -17.15 6.50
N PHE E 167 -11.97 -17.64 5.27
CA PHE E 167 -12.41 -16.98 4.04
C PHE E 167 -13.90 -16.64 4.06
N VAL E 168 -14.73 -17.64 4.32
CA VAL E 168 -16.18 -17.45 4.34
C VAL E 168 -16.66 -16.37 5.30
N LYS E 169 -16.25 -16.47 6.57
CA LYS E 169 -16.67 -15.49 7.57
C LYS E 169 -16.26 -14.08 7.18
N LYS E 170 -15.03 -13.93 6.72
CA LYS E 170 -14.52 -12.62 6.33
C LYS E 170 -15.33 -11.94 5.24
N TRP E 171 -15.50 -12.60 4.10
CA TRP E 171 -16.23 -12.00 3.00
C TRP E 171 -17.75 -11.91 3.19
N SER E 172 -18.34 -12.87 3.90
CA SER E 172 -19.78 -12.81 4.13
C SER E 172 -20.10 -11.66 5.10
N SER E 173 -19.17 -11.37 6.00
CA SER E 173 -19.39 -10.27 6.95
C SER E 173 -19.17 -8.90 6.29
N ARG E 174 -18.66 -8.93 5.06
CA ARG E 174 -18.43 -7.70 4.31
C ARG E 174 -19.55 -7.47 3.29
N GLY E 175 -20.65 -8.19 3.48
CA GLY E 175 -21.80 -8.04 2.60
C GLY E 175 -21.79 -8.80 1.27
N ASN E 176 -20.91 -9.79 1.14
CA ASN E 176 -20.85 -10.58 -0.08
C ASN E 176 -21.55 -11.91 0.11
N ILE E 177 -22.35 -12.34 -0.86
CA ILE E 177 -23.08 -13.59 -0.73
C ILE E 177 -22.56 -14.74 -1.59
N ALA E 178 -21.47 -14.51 -2.33
CA ALA E 178 -20.89 -15.53 -3.18
C ALA E 178 -19.50 -15.13 -3.67
N VAL E 179 -18.75 -16.12 -4.17
CA VAL E 179 -17.41 -15.89 -4.68
C VAL E 179 -17.23 -16.45 -6.10
N GLU E 180 -16.58 -15.66 -6.95
CA GLU E 180 -16.29 -16.07 -8.31
C GLU E 180 -14.96 -15.41 -8.67
N MET E 181 -14.62 -15.31 -9.95
CA MET E 181 -13.31 -14.73 -10.29
C MET E 181 -13.21 -13.64 -11.37
N GLU E 182 -14.31 -13.29 -12.04
CA GLU E 182 -14.22 -12.31 -13.12
C GLU E 182 -15.08 -11.05 -13.05
N CYS E 183 -16.05 -11.00 -12.14
CA CYS E 183 -16.93 -9.84 -12.09
C CYS E 183 -16.29 -8.48 -11.82
N ALA E 184 -15.33 -8.41 -10.91
CA ALA E 184 -14.69 -7.14 -10.63
C ALA E 184 -14.05 -6.57 -11.89
N THR E 185 -13.32 -7.42 -12.62
CA THR E 185 -12.66 -7.00 -13.84
C THR E 185 -13.68 -6.52 -14.89
N LEU E 186 -14.73 -7.31 -15.09
CA LEU E 186 -15.77 -6.97 -16.05
C LEU E 186 -16.43 -5.61 -15.75
N PHE E 187 -16.87 -5.42 -14.50
CA PHE E 187 -17.54 -4.18 -14.11
C PHE E 187 -16.63 -2.93 -14.17
N THR E 188 -15.45 -3.02 -13.59
CA THR E 188 -14.54 -1.86 -13.60
C THR E 188 -14.08 -1.49 -15.01
N LEU E 189 -13.70 -2.50 -15.80
CA LEU E 189 -13.24 -2.22 -17.16
C LEU E 189 -14.39 -1.64 -17.98
N SER E 190 -15.60 -2.13 -17.75
CA SER E 190 -16.76 -1.61 -18.48
C SER E 190 -17.05 -0.14 -18.14
N LYS E 191 -16.87 0.23 -16.86
CA LYS E 191 -17.10 1.61 -16.44
C LYS E 191 -16.10 2.55 -17.11
N VAL E 192 -14.85 2.11 -17.16
CA VAL E 192 -13.77 2.88 -17.77
C VAL E 192 -13.89 2.97 -19.29
N LYS E 193 -14.42 1.92 -19.92
CA LYS E 193 -14.52 1.88 -21.37
C LYS E 193 -15.86 2.32 -21.94
N GLY E 194 -16.88 2.41 -21.09
CA GLY E 194 -18.19 2.82 -21.57
C GLY E 194 -19.07 1.68 -22.03
N TRP E 195 -18.77 0.45 -21.60
CA TRP E 195 -19.60 -0.69 -22.01
C TRP E 195 -20.70 -0.90 -20.97
N LYS E 196 -21.79 -1.55 -21.40
CA LYS E 196 -22.90 -1.87 -20.50
C LYS E 196 -22.82 -3.35 -20.15
N SER E 197 -22.58 -3.64 -18.87
CA SER E 197 -22.44 -5.02 -18.43
C SER E 197 -23.24 -5.40 -17.20
N ALA E 198 -23.46 -6.71 -17.05
CA ALA E 198 -24.20 -7.27 -15.92
C ALA E 198 -23.76 -8.72 -15.76
N THR E 199 -24.21 -9.38 -14.70
CA THR E 199 -23.84 -10.77 -14.46
C THR E 199 -24.88 -11.56 -13.67
N VAL E 200 -25.07 -12.81 -14.09
CA VAL E 200 -25.97 -13.74 -13.41
C VAL E 200 -25.12 -14.98 -13.17
N LEU E 201 -25.19 -15.54 -11.97
CA LEU E 201 -24.40 -16.72 -11.64
C LEU E 201 -25.26 -17.90 -11.20
N VAL E 202 -24.77 -19.10 -11.48
CA VAL E 202 -25.46 -20.32 -11.06
C VAL E 202 -24.65 -20.88 -9.90
N VAL E 203 -25.32 -21.11 -8.77
CA VAL E 203 -24.65 -21.62 -7.58
C VAL E 203 -24.25 -23.09 -7.79
N SER E 204 -22.95 -23.34 -7.90
CA SER E 204 -22.45 -24.69 -8.09
C SER E 204 -22.02 -25.31 -6.77
N ASP E 205 -21.67 -24.47 -5.79
CA ASP E 205 -21.24 -24.95 -4.48
C ASP E 205 -21.57 -23.96 -3.36
N ASN E 206 -21.71 -24.46 -2.14
CA ASN E 206 -22.00 -23.61 -0.98
C ASN E 206 -20.90 -23.85 0.04
N LEU E 207 -20.07 -22.84 0.27
CA LEU E 207 -18.96 -22.94 1.20
C LEU E 207 -19.38 -22.76 2.66
N ALA E 208 -20.60 -22.25 2.87
CA ALA E 208 -21.10 -22.03 4.23
C ALA E 208 -21.71 -23.30 4.82
N LYS E 209 -22.22 -24.16 3.95
CA LYS E 209 -22.83 -25.40 4.39
C LYS E 209 -21.97 -26.59 3.97
N GLU E 218 -27.78 -30.89 -11.51
CA GLU E 218 -28.70 -30.05 -12.33
C GLU E 218 -27.97 -28.91 -13.01
N LEU E 219 -26.64 -28.86 -12.84
CA LEU E 219 -25.85 -27.80 -13.47
C LEU E 219 -26.33 -27.65 -14.91
N GLU E 220 -26.76 -28.77 -15.49
CA GLU E 220 -27.26 -28.79 -16.86
C GLU E 220 -28.58 -28.03 -16.93
N LYS E 221 -29.60 -28.58 -16.28
CA LYS E 221 -30.93 -27.97 -16.28
C LYS E 221 -30.92 -26.51 -15.83
N SER E 222 -30.19 -26.22 -14.75
CA SER E 222 -30.13 -24.86 -14.22
C SER E 222 -29.53 -23.91 -15.23
N VAL E 223 -28.37 -24.26 -15.76
CA VAL E 223 -27.71 -23.43 -16.76
C VAL E 223 -28.66 -23.11 -17.90
N MET E 224 -29.26 -24.14 -18.49
CA MET E 224 -30.18 -23.95 -19.61
C MET E 224 -31.34 -23.03 -19.30
N ASP E 225 -32.01 -23.24 -18.17
CA ASP E 225 -33.14 -22.40 -17.79
C ASP E 225 -32.73 -20.94 -17.62
N GLY E 226 -31.56 -20.71 -17.05
CA GLY E 226 -31.08 -19.36 -16.85
C GLY E 226 -30.66 -18.67 -18.14
N ALA E 227 -29.94 -19.41 -18.99
CA ALA E 227 -29.46 -18.87 -20.25
C ALA E 227 -30.59 -18.25 -21.07
N LYS E 228 -31.79 -18.82 -20.96
CA LYS E 228 -32.94 -18.32 -21.69
C LYS E 228 -33.40 -16.97 -21.15
N ALA E 229 -33.30 -16.80 -19.83
CA ALA E 229 -33.69 -15.54 -19.21
C ALA E 229 -32.64 -14.50 -19.58
N VAL E 230 -31.38 -14.95 -19.69
CA VAL E 230 -30.30 -14.04 -20.06
C VAL E 230 -30.44 -13.54 -21.49
N LEU E 231 -30.75 -14.45 -22.42
CA LEU E 231 -30.90 -14.08 -23.82
C LEU E 231 -32.11 -13.17 -24.03
N ASP E 232 -33.18 -13.36 -23.26
CA ASP E 232 -34.34 -12.49 -23.37
C ASP E 232 -33.92 -11.07 -22.98
N THR E 233 -33.15 -10.97 -21.90
CA THR E 233 -32.68 -9.69 -21.40
C THR E 233 -31.79 -8.98 -22.42
N LEU E 234 -30.82 -9.71 -22.96
CA LEU E 234 -29.90 -9.16 -23.96
C LEU E 234 -30.58 -8.63 -25.21
N THR E 235 -31.72 -9.23 -25.56
CA THR E 235 -32.44 -8.82 -26.76
C THR E 235 -33.72 -8.02 -26.49
N SER E 236 -33.85 -7.47 -25.29
CA SER E 236 -35.03 -6.69 -24.94
C SER E 236 -34.79 -5.21 -25.19
N ASN F 2 -10.74 -33.04 -4.74
CA ASN F 2 -10.38 -33.50 -6.13
C ASN F 2 -10.51 -32.38 -7.15
N PRO F 3 -9.63 -32.38 -8.17
CA PRO F 3 -9.61 -31.37 -9.23
C PRO F 3 -10.98 -31.17 -9.87
N VAL F 4 -11.36 -29.91 -10.08
CA VAL F 4 -12.65 -29.61 -10.69
C VAL F 4 -12.53 -28.96 -12.07
N HIS F 5 -11.30 -28.86 -12.58
CA HIS F 5 -11.08 -28.28 -13.91
C HIS F 5 -10.43 -29.32 -14.83
N ILE F 6 -9.35 -29.92 -14.36
CA ILE F 6 -8.64 -30.95 -15.11
C ILE F 6 -9.11 -32.31 -14.60
N LEU F 7 -10.05 -32.90 -15.33
CA LEU F 7 -10.64 -34.19 -14.95
C LEU F 7 -9.87 -35.41 -15.43
N ALA F 8 -8.70 -35.65 -14.84
CA ALA F 8 -7.87 -36.80 -15.20
C ALA F 8 -7.85 -37.80 -14.05
N LYS F 9 -7.58 -39.07 -14.38
CA LYS F 9 -7.56 -40.12 -13.37
C LYS F 9 -6.15 -40.37 -12.85
N LYS F 10 -6.05 -41.24 -11.85
CA LYS F 10 -4.78 -41.58 -11.24
C LYS F 10 -3.78 -42.18 -12.22
N GLY F 11 -2.65 -41.51 -12.40
CA GLY F 11 -1.63 -42.00 -13.30
C GLY F 11 -1.63 -41.46 -14.71
N GLU F 12 -2.63 -40.65 -15.05
CA GLU F 12 -2.72 -40.08 -16.40
C GLU F 12 -1.80 -38.89 -16.61
N VAL F 13 -1.37 -38.25 -15.54
CA VAL F 13 -0.49 -37.11 -15.64
C VAL F 13 0.92 -37.47 -15.22
N ALA F 14 1.90 -37.14 -16.04
CA ALA F 14 3.30 -37.44 -15.74
C ALA F 14 3.88 -36.48 -14.73
N GLU F 15 5.02 -36.85 -14.15
CA GLU F 15 5.69 -36.00 -13.17
C GLU F 15 6.29 -34.78 -13.86
N ARG F 16 6.77 -34.96 -15.08
CA ARG F 16 7.35 -33.87 -15.86
C ARG F 16 6.32 -33.35 -16.85
N VAL F 17 6.09 -32.04 -16.81
CA VAL F 17 5.09 -31.43 -17.67
C VAL F 17 5.57 -30.19 -18.41
N LEU F 18 5.32 -30.15 -19.71
CA LEU F 18 5.66 -29.00 -20.51
C LEU F 18 4.33 -28.25 -20.54
N VAL F 19 4.29 -27.01 -20.05
CA VAL F 19 3.04 -26.26 -20.04
C VAL F 19 3.04 -25.09 -21.01
N VAL F 20 1.93 -24.94 -21.74
CA VAL F 20 1.78 -23.89 -22.74
C VAL F 20 0.40 -23.24 -22.57
N GLY F 21 0.28 -21.97 -22.95
CA GLY F 21 -1.00 -21.30 -22.78
C GLY F 21 -2.05 -21.63 -23.82
N ASP F 22 -1.60 -21.86 -25.05
CA ASP F 22 -2.48 -22.14 -26.17
C ASP F 22 -2.77 -23.63 -26.38
N PRO F 23 -4.04 -24.04 -26.21
CA PRO F 23 -4.38 -25.45 -26.40
C PRO F 23 -4.05 -25.94 -27.81
N GLY F 24 -4.03 -25.00 -28.76
CA GLY F 24 -3.70 -25.35 -30.12
C GLY F 24 -2.25 -25.75 -30.23
N ARG F 25 -1.41 -25.17 -29.38
CA ARG F 25 0.00 -25.49 -29.38
C ARG F 25 0.24 -26.81 -28.65
N ALA F 26 -0.56 -27.06 -27.62
CA ALA F 26 -0.43 -28.30 -26.87
C ALA F 26 -0.72 -29.47 -27.83
N ARG F 27 -1.79 -29.35 -28.61
CA ARG F 27 -2.15 -30.39 -29.55
C ARG F 27 -1.02 -30.58 -30.56
N LEU F 28 -0.61 -29.49 -31.20
CA LEU F 28 0.47 -29.54 -32.18
C LEU F 28 1.75 -30.19 -31.64
N LEU F 29 2.16 -29.82 -30.43
CA LEU F 29 3.37 -30.37 -29.84
C LEU F 29 3.26 -31.85 -29.47
N SER F 30 2.04 -32.30 -29.17
CA SER F 30 1.83 -33.69 -28.79
C SER F 30 2.29 -34.65 -29.89
N THR F 31 2.36 -34.16 -31.12
CA THR F 31 2.79 -35.00 -32.24
C THR F 31 4.29 -35.32 -32.20
N LEU F 32 4.99 -34.74 -31.24
CA LEU F 32 6.41 -34.98 -31.09
C LEU F 32 6.61 -36.14 -30.10
N LEU F 33 5.51 -36.61 -29.51
CA LEU F 33 5.58 -37.71 -28.55
C LEU F 33 5.16 -39.05 -29.17
N GLN F 34 5.51 -40.13 -28.48
CA GLN F 34 5.18 -41.49 -28.94
C GLN F 34 3.84 -41.88 -28.33
N ASN F 35 2.91 -42.33 -29.18
CA ASN F 35 1.59 -42.75 -28.73
C ASN F 35 0.92 -41.74 -27.79
N PRO F 36 0.72 -40.50 -28.25
CA PRO F 36 0.08 -39.47 -27.42
C PRO F 36 -1.36 -39.79 -27.09
N LYS F 37 -1.73 -39.62 -25.82
CA LYS F 37 -3.10 -39.87 -25.38
C LYS F 37 -3.66 -38.63 -24.71
N LEU F 38 -4.86 -38.22 -25.13
CA LEU F 38 -5.52 -37.05 -24.56
C LEU F 38 -6.12 -37.47 -23.21
N THR F 39 -5.59 -36.92 -22.12
CA THR F 39 -6.09 -37.28 -20.80
C THR F 39 -7.11 -36.30 -20.24
N ASN F 40 -7.23 -35.12 -20.85
CA ASN F 40 -8.20 -34.13 -20.40
C ASN F 40 -8.55 -33.09 -21.46
N GLU F 41 -9.81 -32.68 -21.49
CA GLU F 41 -10.28 -31.66 -22.41
C GLU F 41 -11.34 -30.77 -21.76
N ASN F 42 -11.59 -30.99 -20.47
CA ASN F 42 -12.58 -30.19 -19.75
C ASN F 42 -12.17 -28.73 -19.69
N ARG F 43 -13.13 -27.84 -19.95
CA ARG F 43 -12.90 -26.40 -19.94
C ARG F 43 -11.85 -25.92 -20.93
N GLY F 44 -11.60 -26.73 -21.95
CA GLY F 44 -10.63 -26.37 -22.96
C GLY F 44 -9.17 -26.56 -22.62
N PHE F 45 -8.88 -27.00 -21.39
CA PHE F 45 -7.49 -27.22 -20.99
C PHE F 45 -7.02 -28.60 -21.45
N LEU F 46 -6.48 -28.68 -22.66
CA LEU F 46 -6.02 -29.95 -23.19
C LEU F 46 -4.74 -30.45 -22.54
N VAL F 47 -4.72 -31.73 -22.22
CA VAL F 47 -3.55 -32.36 -21.61
C VAL F 47 -3.26 -33.67 -22.32
N TYR F 48 -2.06 -33.80 -22.86
CA TYR F 48 -1.66 -35.02 -23.55
C TYR F 48 -0.55 -35.69 -22.75
N THR F 49 -0.48 -37.02 -22.84
CA THR F 49 0.55 -37.76 -22.14
C THR F 49 1.12 -38.83 -23.08
N GLY F 50 2.45 -38.87 -23.18
CA GLY F 50 3.09 -39.84 -24.05
C GLY F 50 4.54 -40.04 -23.66
N LYS F 51 5.36 -40.43 -24.64
CA LYS F 51 6.77 -40.65 -24.35
C LYS F 51 7.69 -39.90 -25.31
N TYR F 52 8.84 -39.51 -24.79
CA TYR F 52 9.85 -38.80 -25.56
C TYR F 52 11.19 -39.38 -25.14
N ASN F 53 11.98 -39.82 -26.12
CA ASN F 53 13.28 -40.42 -25.82
C ASN F 53 13.07 -41.53 -24.78
N GLY F 54 11.95 -42.23 -24.92
CA GLY F 54 11.62 -43.33 -24.02
C GLY F 54 11.25 -42.88 -22.62
N GLU F 55 10.79 -41.65 -22.47
CA GLU F 55 10.43 -41.12 -21.18
C GLU F 55 8.99 -40.61 -21.17
N THR F 56 8.24 -40.93 -20.11
CA THR F 56 6.85 -40.48 -20.01
C THR F 56 6.83 -38.98 -19.65
N VAL F 57 6.01 -38.23 -20.37
CA VAL F 57 5.87 -36.80 -20.12
C VAL F 57 4.47 -36.37 -20.51
N SER F 58 4.10 -35.17 -20.10
CA SER F 58 2.79 -34.62 -20.41
C SER F 58 2.94 -33.19 -20.93
N ILE F 59 2.01 -32.79 -21.77
CA ILE F 59 1.98 -31.43 -22.32
C ILE F 59 0.60 -30.93 -21.93
N ALA F 60 0.57 -29.84 -21.18
CA ALA F 60 -0.71 -29.29 -20.71
C ALA F 60 -0.95 -27.82 -21.05
N THR F 61 -2.22 -27.47 -21.16
CA THR F 61 -2.65 -26.10 -21.48
C THR F 61 -2.92 -25.34 -20.19
N HIS F 62 -2.41 -24.12 -20.06
CA HIS F 62 -2.67 -23.35 -18.84
C HIS F 62 -3.50 -22.08 -19.03
N GLY F 63 -3.85 -21.75 -20.26
CA GLY F 63 -4.64 -20.56 -20.50
C GLY F 63 -3.89 -19.26 -20.26
N ILE F 64 -4.60 -18.14 -20.26
CA ILE F 64 -4.01 -16.82 -20.08
C ILE F 64 -4.11 -16.21 -18.69
N GLY F 65 -2.97 -15.79 -18.13
CA GLY F 65 -2.97 -15.11 -16.84
C GLY F 65 -2.63 -15.90 -15.58
N GLY F 66 -2.23 -15.15 -14.55
CA GLY F 66 -1.86 -15.74 -13.27
C GLY F 66 -2.93 -16.62 -12.63
N PRO F 67 -4.16 -16.12 -12.50
CA PRO F 67 -5.23 -16.91 -11.88
C PRO F 67 -5.51 -18.23 -12.59
N SER F 68 -5.35 -18.24 -13.91
CA SER F 68 -5.58 -19.45 -14.70
C SER F 68 -4.47 -20.48 -14.51
N ILE F 69 -3.22 -20.06 -14.69
CA ILE F 69 -2.12 -21.00 -14.53
C ILE F 69 -1.97 -21.48 -13.09
N ALA F 70 -2.41 -20.68 -12.13
CA ALA F 70 -2.33 -21.10 -10.72
C ALA F 70 -3.27 -22.31 -10.53
N ILE F 71 -4.50 -22.20 -11.04
CA ILE F 71 -5.47 -23.29 -10.94
C ILE F 71 -4.94 -24.55 -11.63
N VAL F 72 -4.45 -24.40 -12.86
CA VAL F 72 -3.93 -25.54 -13.61
C VAL F 72 -2.74 -26.23 -12.93
N LEU F 73 -1.77 -25.45 -12.45
CA LEU F 73 -0.61 -26.02 -11.77
C LEU F 73 -0.99 -26.75 -10.48
N GLU F 74 -1.94 -26.19 -9.73
CA GLU F 74 -2.39 -26.79 -8.47
C GLU F 74 -3.06 -28.15 -8.72
N GLU F 75 -3.90 -28.22 -9.74
CA GLU F 75 -4.58 -29.48 -10.04
C GLU F 75 -3.65 -30.51 -10.68
N LEU F 76 -2.75 -30.05 -11.55
CA LEU F 76 -1.79 -30.97 -12.16
C LEU F 76 -0.91 -31.59 -11.07
N ALA F 77 -0.60 -30.79 -10.05
CA ALA F 77 0.24 -31.26 -8.95
C ALA F 77 -0.51 -32.28 -8.10
N MET F 78 -1.83 -32.10 -7.98
CA MET F 78 -2.67 -33.02 -7.23
C MET F 78 -2.71 -34.37 -7.95
N LEU F 79 -2.58 -34.32 -9.27
CA LEU F 79 -2.61 -35.52 -10.09
C LEU F 79 -1.22 -36.17 -10.18
N GLY F 80 -0.24 -35.59 -9.50
CA GLY F 80 1.10 -36.16 -9.52
C GLY F 80 2.26 -35.38 -10.13
N ALA F 81 2.01 -34.21 -10.70
CA ALA F 81 3.08 -33.43 -11.32
C ALA F 81 3.90 -32.63 -10.31
N ASN F 82 5.20 -32.49 -10.57
CA ASN F 82 6.09 -31.71 -9.70
C ASN F 82 7.23 -30.99 -10.41
N VAL F 83 7.37 -31.19 -11.72
CA VAL F 83 8.39 -30.52 -12.52
C VAL F 83 7.66 -29.87 -13.69
N PHE F 84 7.80 -28.54 -13.82
CA PHE F 84 7.11 -27.82 -14.88
C PHE F 84 8.01 -26.90 -15.71
N ILE F 85 7.90 -27.01 -17.03
CA ILE F 85 8.66 -26.11 -17.87
C ILE F 85 7.67 -25.40 -18.77
N ARG F 86 7.50 -24.10 -18.56
CA ARG F 86 6.58 -23.33 -19.38
C ARG F 86 7.29 -22.99 -20.68
N TYR F 87 6.56 -23.09 -21.78
CA TYR F 87 7.09 -22.78 -23.10
C TYR F 87 6.03 -21.91 -23.75
N GLY F 88 6.29 -20.61 -23.84
CA GLY F 88 5.31 -19.73 -24.44
C GLY F 88 5.87 -18.69 -25.37
N THR F 89 5.09 -17.64 -25.58
CA THR F 89 5.47 -16.55 -26.46
C THR F 89 5.65 -15.30 -25.62
N THR F 90 6.39 -14.33 -26.17
CA THR F 90 6.65 -13.11 -25.44
C THR F 90 6.96 -11.93 -26.35
N GLY F 91 6.91 -10.74 -25.75
CA GLY F 91 7.22 -9.53 -26.50
C GLY F 91 8.52 -8.97 -25.92
N ALA F 92 9.51 -8.78 -26.79
CA ALA F 92 10.80 -8.24 -26.34
C ALA F 92 10.67 -6.77 -25.99
N LEU F 93 11.45 -6.33 -25.00
CA LEU F 93 11.44 -4.94 -24.55
C LEU F 93 12.74 -4.24 -24.95
N VAL F 94 13.58 -4.93 -25.70
CA VAL F 94 14.85 -4.38 -26.18
C VAL F 94 14.93 -4.54 -27.69
N PRO F 95 15.57 -3.58 -28.37
CA PRO F 95 15.71 -3.59 -29.84
C PRO F 95 16.54 -4.69 -30.49
N TYR F 96 17.57 -5.19 -29.81
CA TYR F 96 18.44 -6.22 -30.39
C TYR F 96 17.96 -7.68 -30.46
N ILE F 97 16.76 -7.96 -29.97
CA ILE F 97 16.24 -9.32 -30.00
C ILE F 97 15.28 -9.51 -31.19
N ASN F 98 15.63 -10.41 -32.11
CA ASN F 98 14.84 -10.66 -33.31
C ASN F 98 13.71 -11.66 -33.07
N LEU F 99 12.65 -11.54 -33.87
CA LEU F 99 11.51 -12.43 -33.75
C LEU F 99 11.94 -13.87 -34.03
N GLY F 100 11.27 -14.83 -33.40
CA GLY F 100 11.63 -16.22 -33.61
C GLY F 100 12.78 -16.70 -32.75
N GLU F 101 13.44 -15.77 -32.06
CA GLU F 101 14.56 -16.14 -31.18
C GLU F 101 14.00 -16.56 -29.82
N TYR F 102 14.86 -17.01 -28.91
CA TYR F 102 14.37 -17.48 -27.62
C TYR F 102 14.91 -16.79 -26.38
N ILE F 103 14.08 -16.74 -25.34
CA ILE F 103 14.48 -16.13 -24.08
C ILE F 103 14.34 -17.15 -22.95
N ILE F 104 15.45 -17.42 -22.27
CA ILE F 104 15.44 -18.34 -21.13
C ILE F 104 15.37 -17.43 -19.91
N VAL F 105 14.26 -17.53 -19.20
CA VAL F 105 13.95 -16.69 -18.04
C VAL F 105 14.70 -16.99 -16.75
N THR F 106 15.30 -15.95 -16.17
CA THR F 106 16.04 -16.06 -14.92
C THR F 106 15.29 -15.46 -13.72
N GLY F 107 14.19 -14.76 -13.99
CA GLY F 107 13.41 -14.17 -12.91
C GLY F 107 12.23 -13.41 -13.47
N ALA F 108 11.29 -13.06 -12.61
CA ALA F 108 10.10 -12.32 -13.08
C ALA F 108 9.71 -11.14 -12.19
N SER F 109 9.51 -10.00 -12.81
CA SER F 109 9.09 -8.80 -12.09
C SER F 109 7.57 -8.81 -12.15
N TYR F 110 6.92 -8.17 -11.18
CA TYR F 110 5.46 -8.11 -11.15
C TYR F 110 4.94 -6.99 -10.24
N ASN F 111 3.68 -6.60 -10.43
CA ASN F 111 3.09 -5.56 -9.56
C ASN F 111 2.36 -6.30 -8.42
N GLN F 112 2.45 -5.78 -7.20
CA GLN F 112 1.76 -6.42 -6.08
C GLN F 112 0.30 -6.56 -6.46
N GLY F 113 -0.33 -7.66 -6.06
CA GLY F 113 -1.72 -7.83 -6.44
C GLY F 113 -2.45 -8.96 -5.74
N GLY F 114 -3.75 -9.05 -6.01
CA GLY F 114 -4.59 -10.06 -5.41
C GLY F 114 -4.03 -11.46 -5.26
N LEU F 115 -3.66 -12.08 -6.38
CA LEU F 115 -3.15 -13.44 -6.37
C LEU F 115 -2.01 -13.65 -5.38
N PHE F 116 -1.00 -12.78 -5.44
CA PHE F 116 0.14 -12.88 -4.53
C PHE F 116 -0.25 -12.60 -3.09
N TYR F 117 -1.13 -11.62 -2.87
CA TYR F 117 -1.57 -11.27 -1.53
C TYR F 117 -2.36 -12.42 -0.91
N GLN F 118 -3.20 -13.08 -1.71
CA GLN F 118 -3.99 -14.19 -1.21
C GLN F 118 -3.13 -15.39 -0.80
N TYR F 119 -2.08 -15.67 -1.56
CA TYR F 119 -1.19 -16.81 -1.27
C TYR F 119 -0.12 -16.48 -0.23
N LEU F 120 0.45 -15.28 -0.31
CA LEU F 120 1.52 -14.87 0.60
C LEU F 120 1.05 -14.24 1.91
N ARG F 121 -0.21 -13.80 1.95
CA ARG F 121 -0.82 -13.20 3.14
C ARG F 121 -0.35 -11.78 3.49
N ASP F 122 0.53 -11.21 2.67
CA ASP F 122 0.99 -9.84 2.86
C ASP F 122 1.59 -9.39 1.53
N ASN F 123 2.16 -8.19 1.50
CA ASN F 123 2.71 -7.68 0.25
C ASN F 123 4.23 -7.72 0.08
N ALA F 124 4.92 -8.61 0.78
CA ALA F 124 6.36 -8.69 0.64
C ALA F 124 6.74 -9.08 -0.79
N CYS F 125 7.86 -8.57 -1.28
CA CYS F 125 8.29 -8.91 -2.62
C CYS F 125 9.16 -10.17 -2.54
N VAL F 126 8.52 -11.33 -2.62
CA VAL F 126 9.20 -12.62 -2.56
C VAL F 126 9.91 -12.86 -3.89
N ALA F 127 11.15 -13.29 -3.85
CA ALA F 127 11.93 -13.54 -5.06
C ALA F 127 11.20 -14.54 -5.98
N SER F 128 10.90 -14.11 -7.19
CA SER F 128 10.19 -14.94 -8.16
C SER F 128 11.20 -15.50 -9.16
N THR F 129 11.83 -16.61 -8.81
CA THR F 129 12.86 -17.21 -9.64
C THR F 129 12.61 -18.70 -9.95
N PRO F 130 13.12 -19.18 -11.08
CA PRO F 130 12.97 -20.58 -11.51
C PRO F 130 14.02 -21.43 -10.82
N ASP F 131 13.90 -22.75 -10.94
CA ASP F 131 14.88 -23.65 -10.33
C ASP F 131 16.21 -23.40 -11.03
N PHE F 132 17.26 -23.19 -10.24
CA PHE F 132 18.60 -22.93 -10.73
C PHE F 132 19.15 -24.00 -11.69
N GLU F 133 19.15 -25.24 -11.24
CA GLU F 133 19.68 -26.32 -12.05
C GLU F 133 18.89 -26.59 -13.34
N LEU F 134 17.57 -26.64 -13.24
CA LEU F 134 16.74 -26.89 -14.42
C LEU F 134 16.95 -25.79 -15.48
N THR F 135 17.14 -24.55 -15.04
CA THR F 135 17.37 -23.46 -15.99
C THR F 135 18.70 -23.64 -16.70
N ASN F 136 19.73 -24.07 -15.97
CA ASN F 136 21.04 -24.30 -16.59
C ASN F 136 21.01 -25.46 -17.57
N LYS F 137 20.10 -26.41 -17.36
CA LYS F 137 19.97 -27.54 -18.27
C LYS F 137 19.36 -27.05 -19.58
N LEU F 138 18.43 -26.11 -19.48
CA LEU F 138 17.80 -25.53 -20.66
C LEU F 138 18.83 -24.78 -21.50
N VAL F 139 19.70 -24.03 -20.84
CA VAL F 139 20.74 -23.29 -21.55
C VAL F 139 21.63 -24.25 -22.31
N THR F 140 22.02 -25.34 -21.65
CA THR F 140 22.88 -26.33 -22.28
C THR F 140 22.18 -26.96 -23.47
N SER F 141 20.92 -27.32 -23.29
CA SER F 141 20.14 -27.95 -24.34
C SER F 141 19.98 -27.06 -25.58
N PHE F 142 19.64 -25.79 -25.37
CA PHE F 142 19.46 -24.88 -26.49
C PHE F 142 20.75 -24.61 -27.24
N SER F 143 21.87 -24.55 -26.54
CA SER F 143 23.15 -24.30 -27.20
C SER F 143 23.61 -25.53 -27.99
N LYS F 144 23.31 -26.73 -27.49
CA LYS F 144 23.69 -27.95 -28.19
C LYS F 144 22.91 -28.07 -29.49
N ARG F 145 21.74 -27.44 -29.55
CA ARG F 145 20.91 -27.46 -30.75
C ARG F 145 21.15 -26.19 -31.56
N ASN F 146 22.27 -25.52 -31.28
CA ASN F 146 22.65 -24.28 -31.96
C ASN F 146 21.52 -23.30 -32.24
N LEU F 147 20.72 -23.01 -31.22
CA LEU F 147 19.61 -22.08 -31.36
C LEU F 147 20.00 -20.75 -30.71
N LYS F 148 19.50 -19.64 -31.24
CA LYS F 148 19.82 -18.32 -30.71
C LYS F 148 18.91 -17.97 -29.53
N TYR F 149 19.52 -17.77 -28.36
CA TYR F 149 18.76 -17.46 -27.16
C TYR F 149 19.40 -16.36 -26.32
N TYR F 150 18.61 -15.76 -25.45
CA TYR F 150 19.10 -14.73 -24.54
C TYR F 150 18.63 -15.11 -23.14
N VAL F 151 19.42 -14.75 -22.14
CA VAL F 151 19.11 -15.05 -20.75
C VAL F 151 18.79 -13.75 -20.01
N GLY F 152 17.65 -13.69 -19.33
CA GLY F 152 17.30 -12.49 -18.60
C GLY F 152 15.96 -12.54 -17.87
N ASN F 153 15.62 -11.46 -17.18
CA ASN F 153 14.37 -11.37 -16.43
C ASN F 153 13.24 -10.85 -17.30
N VAL F 154 12.01 -11.15 -16.90
CA VAL F 154 10.84 -10.69 -17.64
C VAL F 154 9.83 -10.05 -16.71
N PHE F 155 8.99 -9.20 -17.28
CA PHE F 155 7.94 -8.59 -16.48
C PHE F 155 6.66 -9.37 -16.77
N SER F 156 6.02 -9.88 -15.71
CA SER F 156 4.76 -10.60 -15.87
C SER F 156 3.62 -9.61 -15.68
N SER F 157 3.02 -9.18 -16.78
CA SER F 157 1.91 -8.23 -16.75
C SER F 157 0.57 -8.92 -16.52
N ASP F 158 -0.39 -8.17 -15.99
CA ASP F 158 -1.73 -8.70 -15.75
C ASP F 158 -2.72 -8.06 -16.74
N ALA F 159 -2.29 -6.98 -17.39
CA ALA F 159 -3.17 -6.27 -18.31
C ALA F 159 -2.52 -6.05 -19.67
N PHE F 160 -2.78 -6.98 -20.58
CA PHE F 160 -2.25 -6.96 -21.92
C PHE F 160 -2.50 -5.62 -22.63
N TYR F 161 -3.73 -5.11 -22.53
CA TYR F 161 -4.08 -3.86 -23.20
C TYR F 161 -4.03 -2.57 -22.37
N ALA F 162 -3.46 -2.63 -21.17
CA ALA F 162 -3.38 -1.44 -20.33
C ALA F 162 -2.41 -0.43 -20.93
N GLU F 163 -2.81 0.85 -20.91
CA GLU F 163 -2.00 1.93 -21.45
C GLU F 163 -0.91 2.41 -20.49
N ASP F 164 0.27 2.71 -21.04
CA ASP F 164 1.40 3.23 -20.27
C ASP F 164 2.39 3.79 -21.30
N GLU F 165 2.39 5.11 -21.43
CA GLU F 165 3.27 5.79 -22.37
C GLU F 165 4.74 5.40 -22.21
N GLU F 166 5.15 5.13 -20.98
CA GLU F 166 6.54 4.78 -20.71
C GLU F 166 6.76 3.29 -20.41
N PHE F 167 5.85 2.45 -20.88
CA PHE F 167 5.95 1.01 -20.63
C PHE F 167 7.32 0.40 -20.90
N VAL F 168 7.69 0.34 -22.17
CA VAL F 168 8.97 -0.24 -22.58
C VAL F 168 10.17 0.33 -21.83
N LYS F 169 10.22 1.65 -21.73
CA LYS F 169 11.33 2.31 -21.05
C LYS F 169 11.37 1.96 -19.56
N LYS F 170 10.20 1.94 -18.93
CA LYS F 170 10.09 1.64 -17.52
C LYS F 170 10.67 0.26 -17.19
N TRP F 171 10.09 -0.77 -17.79
CA TRP F 171 10.52 -2.15 -17.53
C TRP F 171 11.90 -2.53 -18.07
N SER F 172 12.29 -2.03 -19.23
CA SER F 172 13.61 -2.35 -19.76
C SER F 172 14.68 -1.69 -18.88
N SER F 173 14.37 -0.51 -18.34
CA SER F 173 15.33 0.17 -17.48
C SER F 173 15.45 -0.55 -16.14
N ARG F 174 14.49 -1.44 -15.87
CA ARG F 174 14.49 -2.21 -14.62
C ARG F 174 15.11 -3.60 -14.76
N GLY F 175 15.82 -3.83 -15.86
CA GLY F 175 16.48 -5.12 -16.06
C GLY F 175 15.64 -6.23 -16.67
N ASN F 176 14.52 -5.89 -17.28
CA ASN F 176 13.67 -6.89 -17.92
C ASN F 176 13.85 -6.75 -19.43
N ILE F 177 13.93 -7.88 -20.12
CA ILE F 177 14.13 -7.87 -21.56
C ILE F 177 12.90 -8.32 -22.35
N ALA F 178 11.84 -8.71 -21.63
CA ALA F 178 10.62 -9.14 -22.28
C ALA F 178 9.43 -9.08 -21.35
N VAL F 179 8.24 -9.19 -21.93
CA VAL F 179 7.00 -9.18 -21.16
C VAL F 179 6.08 -10.33 -21.54
N GLU F 180 5.50 -10.96 -20.51
CA GLU F 180 4.55 -12.05 -20.70
C GLU F 180 3.57 -11.98 -19.53
N MET F 181 2.81 -13.03 -19.25
CA MET F 181 1.82 -12.91 -18.18
C MET F 181 1.71 -14.00 -17.11
N GLU F 182 2.52 -15.06 -17.22
CA GLU F 182 2.40 -16.14 -16.26
C GLU F 182 3.62 -16.53 -15.42
N CYS F 183 4.82 -16.17 -15.85
CA CYS F 183 6.03 -16.54 -15.12
C CYS F 183 6.12 -16.23 -13.63
N ALA F 184 5.75 -15.02 -13.23
CA ALA F 184 5.80 -14.65 -11.81
C ALA F 184 4.96 -15.62 -10.97
N THR F 185 3.75 -15.92 -11.44
CA THR F 185 2.85 -16.83 -10.74
C THR F 185 3.48 -18.24 -10.70
N LEU F 186 4.01 -18.68 -11.84
CA LEU F 186 4.65 -19.99 -11.93
C LEU F 186 5.81 -20.17 -10.96
N PHE F 187 6.75 -19.22 -10.97
CA PHE F 187 7.92 -19.30 -10.11
C PHE F 187 7.63 -19.18 -8.62
N THR F 188 6.80 -18.20 -8.25
CA THR F 188 6.47 -17.97 -6.86
C THR F 188 5.67 -19.11 -6.26
N LEU F 189 4.65 -19.57 -6.98
CA LEU F 189 3.83 -20.67 -6.49
C LEU F 189 4.69 -21.95 -6.39
N SER F 190 5.65 -22.10 -7.28
CA SER F 190 6.53 -23.27 -7.25
C SER F 190 7.43 -23.25 -6.01
N LYS F 191 7.97 -22.07 -5.69
CA LYS F 191 8.84 -21.93 -4.52
C LYS F 191 8.06 -22.27 -3.26
N VAL F 192 6.81 -21.82 -3.22
CA VAL F 192 5.92 -22.03 -2.09
C VAL F 192 5.40 -23.46 -1.95
N LYS F 193 5.12 -24.12 -3.07
CA LYS F 193 4.59 -25.48 -3.06
C LYS F 193 5.65 -26.56 -3.15
N GLY F 194 6.86 -26.17 -3.54
CA GLY F 194 7.95 -27.13 -3.66
C GLY F 194 8.10 -27.81 -5.01
N TRP F 195 7.78 -27.11 -6.09
CA TRP F 195 7.90 -27.68 -7.43
C TRP F 195 9.16 -27.13 -8.10
N LYS F 196 9.67 -27.85 -9.11
CA LYS F 196 10.86 -27.41 -9.84
C LYS F 196 10.35 -26.82 -11.16
N SER F 197 10.55 -25.53 -11.36
CA SER F 197 10.06 -24.87 -12.57
C SER F 197 11.09 -24.04 -13.31
N ALA F 198 10.84 -23.84 -14.61
CA ALA F 198 11.71 -23.05 -15.47
C ALA F 198 10.85 -22.56 -16.64
N THR F 199 11.36 -21.62 -17.44
CA THR F 199 10.61 -21.09 -18.57
C THR F 199 11.48 -20.70 -19.76
N VAL F 200 10.98 -21.00 -20.95
CA VAL F 200 11.64 -20.64 -22.19
C VAL F 200 10.55 -19.98 -23.02
N LEU F 201 10.84 -18.84 -23.62
CA LEU F 201 9.86 -18.12 -24.43
C LEU F 201 10.32 -17.85 -25.85
N VAL F 202 9.37 -17.88 -26.78
CA VAL F 202 9.65 -17.61 -28.19
C VAL F 202 9.16 -16.18 -28.44
N VAL F 203 10.05 -15.33 -28.93
CA VAL F 203 9.72 -13.93 -29.20
C VAL F 203 8.74 -13.81 -30.38
N SER F 204 7.50 -13.45 -30.09
CA SER F 204 6.49 -13.33 -31.15
C SER F 204 6.27 -11.88 -31.57
N ASP F 205 7.01 -10.95 -30.96
CA ASP F 205 6.87 -9.53 -31.27
C ASP F 205 7.91 -8.74 -30.51
N ASN F 206 8.19 -7.52 -30.96
CA ASN F 206 9.17 -6.67 -30.29
C ASN F 206 8.55 -5.28 -30.07
N LEU F 207 8.22 -4.99 -28.81
CA LEU F 207 7.61 -3.70 -28.45
C LEU F 207 8.56 -2.52 -28.57
N ALA F 208 9.85 -2.80 -28.68
CA ALA F 208 10.84 -1.72 -28.81
C ALA F 208 11.13 -1.46 -30.28
N LYS F 209 10.48 -2.23 -31.15
CA LYS F 209 10.63 -2.11 -32.59
C LYS F 209 9.45 -2.78 -33.29
N GLY F 210 8.37 -2.03 -33.45
CA GLY F 210 7.18 -2.57 -34.09
C GLY F 210 7.34 -2.75 -35.58
N GLY F 211 8.54 -2.46 -36.09
CA GLY F 211 8.79 -2.59 -37.51
C GLY F 211 8.95 -4.01 -38.03
N ILE F 212 9.75 -4.81 -37.34
CA ILE F 212 9.99 -6.19 -37.77
C ILE F 212 8.76 -7.08 -37.59
N TRP F 213 8.65 -8.09 -38.45
CA TRP F 213 7.53 -9.03 -38.38
C TRP F 213 7.97 -10.44 -38.77
N ILE F 214 7.18 -11.42 -38.34
CA ILE F 214 7.48 -12.82 -38.62
C ILE F 214 6.21 -13.51 -39.10
N THR F 215 6.34 -14.39 -40.09
CA THR F 215 5.17 -15.09 -40.63
C THR F 215 4.91 -16.41 -39.91
N LYS F 216 3.63 -16.76 -39.79
CA LYS F 216 3.22 -17.97 -39.11
C LYS F 216 4.06 -19.21 -39.43
N GLU F 217 4.44 -19.38 -40.70
CA GLU F 217 5.25 -20.55 -41.06
C GLU F 217 6.61 -20.49 -40.39
N GLU F 218 7.20 -19.29 -40.36
CA GLU F 218 8.50 -19.10 -39.74
C GLU F 218 8.38 -19.25 -38.22
N LEU F 219 7.30 -18.72 -37.67
CA LEU F 219 7.06 -18.80 -36.24
C LEU F 219 6.87 -20.24 -35.75
N GLU F 220 5.86 -20.92 -36.27
CA GLU F 220 5.60 -22.30 -35.88
C GLU F 220 6.88 -23.11 -36.02
N LYS F 221 7.69 -22.73 -37.02
CA LYS F 221 8.96 -23.40 -37.25
C LYS F 221 9.83 -23.20 -36.02
N SER F 222 9.81 -21.98 -35.50
CA SER F 222 10.59 -21.62 -34.32
C SER F 222 10.06 -22.38 -33.10
N VAL F 223 8.74 -22.44 -32.97
CA VAL F 223 8.13 -23.16 -31.85
C VAL F 223 8.54 -24.63 -31.90
N MET F 224 8.48 -25.23 -33.08
CA MET F 224 8.85 -26.64 -33.25
C MET F 224 10.28 -26.91 -32.80
N ASP F 225 11.24 -26.13 -33.31
CA ASP F 225 12.64 -26.30 -32.95
C ASP F 225 12.88 -26.20 -31.45
N GLY F 226 12.36 -25.15 -30.83
CA GLY F 226 12.56 -24.96 -29.40
C GLY F 226 11.97 -26.09 -28.56
N ALA F 227 10.79 -26.57 -28.97
CA ALA F 227 10.11 -27.63 -28.24
C ALA F 227 10.98 -28.89 -28.08
N LYS F 228 11.81 -29.16 -29.07
CA LYS F 228 12.69 -30.33 -29.02
C LYS F 228 13.73 -30.14 -27.91
N ALA F 229 14.31 -28.95 -27.85
CA ALA F 229 15.30 -28.64 -26.83
C ALA F 229 14.64 -28.71 -25.44
N VAL F 230 13.42 -28.21 -25.34
CA VAL F 230 12.71 -28.23 -24.06
C VAL F 230 12.44 -29.66 -23.63
N LEU F 231 11.90 -30.46 -24.55
CA LEU F 231 11.60 -31.85 -24.26
C LEU F 231 12.87 -32.63 -23.91
N ASP F 232 13.99 -32.31 -24.55
CA ASP F 232 15.25 -32.98 -24.23
C ASP F 232 15.57 -32.73 -22.75
N THR F 233 15.41 -31.48 -22.33
CA THR F 233 15.70 -31.10 -20.95
C THR F 233 14.74 -31.76 -19.96
N LEU F 234 13.45 -31.78 -20.30
CA LEU F 234 12.44 -32.39 -19.44
C LEU F 234 12.67 -33.89 -19.26
N THR F 235 13.23 -34.53 -20.27
CA THR F 235 13.48 -35.96 -20.22
C THR F 235 14.94 -36.31 -19.95
N SER F 236 15.72 -35.33 -19.48
CA SER F 236 17.13 -35.55 -19.19
C SER F 236 17.33 -36.23 -17.84
S SO4 G . 26.29 11.85 10.22
O1 SO4 G . 27.34 12.75 9.70
O2 SO4 G . 24.94 12.38 9.90
O3 SO4 G . 26.45 10.51 9.60
O4 SO4 G . 26.45 11.72 11.69
O5' ADN H . 26.57 11.79 4.29
C5' ADN H . 25.50 10.93 4.66
C4' ADN H . 25.35 10.97 6.18
O4' ADN H . 25.23 12.37 6.59
C3' ADN H . 24.11 10.25 6.67
O3' ADN H . 24.37 9.61 7.99
C2' ADN H . 23.07 11.43 6.78
O2' ADN H . 22.31 11.33 8.02
C1' ADN H . 23.85 12.79 6.72
N9 ADN H . 23.57 13.72 5.47
C8 ADN H . 24.26 14.90 5.21
N7 ADN H . 23.89 15.53 4.12
C5 ADN H . 22.89 14.73 3.61
C6 ADN H . 22.06 14.83 2.45
N6 ADN H . 22.16 15.84 1.59
N1 ADN H . 21.12 13.83 2.24
C2 ADN H . 21.01 12.80 3.12
N3 ADN H . 21.75 12.61 4.24
C4 ADN H . 22.67 13.62 4.43
S SO4 I . -24.84 17.61 2.44
O1 SO4 I . -25.33 18.85 1.81
O2 SO4 I . -24.19 16.75 1.42
O3 SO4 I . -23.88 17.95 3.51
O4 SO4 I . -25.99 16.88 3.03
O5' ADN J . -20.04 21.26 1.20
C5' ADN J . -19.54 19.95 1.41
C4' ADN J . -20.69 19.03 1.78
O4' ADN J . -21.62 18.98 0.65
C3' ADN J . -20.27 17.61 2.09
O3' ADN J . -21.14 17.03 3.14
C2' ADN J . -20.46 16.91 0.69
O2' ADN J . -21.07 15.59 0.84
C1' ADN J . -21.35 17.84 -0.21
N9 ADN J . -20.68 18.43 -1.52
C8 ADN J . -21.34 19.27 -2.41
N7 ADN J . -20.62 19.66 -3.44
C5 ADN J . -19.41 19.06 -3.24
C6 ADN J . -18.18 19.07 -3.97
N6 ADN J . -18.06 19.76 -5.10
N1 ADN J . -17.12 18.32 -3.47
C2 ADN J . -17.27 17.61 -2.31
N3 ADN J . -18.38 17.54 -1.54
C4 ADN J . -19.41 18.28 -2.07
S SO4 K . -13.79 17.74 20.68
O1 SO4 K . -14.48 17.52 21.98
O2 SO4 K . -12.58 16.89 20.62
O3 SO4 K . -14.71 17.37 19.57
O4 SO4 K . -13.40 19.15 20.56
S SO4 L . 28.58 -9.00 6.21
O1 SO4 L . 29.23 -9.86 7.23
O2 SO4 L . 27.31 -9.61 5.78
O3 SO4 L . 28.34 -7.67 6.81
O4 SO4 L . 29.49 -8.86 5.05
O5' ADN M . 25.47 -9.21 11.35
C5' ADN M . 24.76 -8.36 10.44
C4' ADN M . 25.47 -8.36 9.10
O4' ADN M . 25.75 -9.75 8.73
C3' ADN M . 24.66 -7.74 7.98
O3' ADN M . 25.54 -7.05 7.02
C2' ADN M . 23.97 -9.01 7.36
O2' ADN M . 23.99 -8.94 5.91
C1' ADN M . 24.71 -10.30 7.88
N9 ADN M . 23.87 -11.29 8.79
C8 ADN M . 24.41 -12.40 9.43
N7 ADN M . 23.56 -13.09 10.14
C5 ADN M . 22.37 -12.43 9.98
C6 ADN M . 21.05 -12.64 10.48
N6 ADN M . 20.77 -13.66 11.28
N1 ADN M . 20.07 -11.74 10.10
C2 ADN M . 20.36 -10.70 9.28
N3 ADN M . 21.58 -10.40 8.76
C4 ADN M . 22.54 -11.31 9.14
S SO4 N . -17.56 -19.80 -15.12
O1 SO4 N . -18.23 -21.09 -14.84
O2 SO4 N . -17.66 -18.94 -13.93
O3 SO4 N . -16.14 -20.05 -15.46
O4 SO4 N . -18.24 -19.14 -16.27
O5' ADN O . -14.17 -23.01 -11.35
C5' ADN O . -13.64 -21.70 -11.37
C4' ADN O . -14.46 -20.85 -12.33
O4' ADN O . -15.87 -20.88 -11.91
C3' ADN O . -14.04 -19.40 -12.37
O3' ADN O . -14.23 -18.85 -13.74
C2' ADN O . -15.04 -18.74 -11.33
O2' ADN O . -15.54 -17.46 -11.81
C1' ADN O . -16.19 -19.76 -11.06
N9 ADN O . -16.32 -20.34 -9.59
C8 ADN O . -17.28 -21.26 -9.21
N7 ADN O . -17.23 -21.63 -7.95
C5 ADN O . -16.16 -20.91 -7.44
C6 ADN O . -15.55 -20.84 -6.16
N6 ADN O . -16.00 -21.57 -5.13
N1 ADN O . -14.46 -19.99 -6.00
C2 ADN O . -14.01 -19.26 -7.05
N3 ADN O . -14.51 -19.26 -8.32
C4 ADN O . -15.59 -20.11 -8.44
S SO4 P . 1.70 -18.39 -24.35
O1 SO4 P . 1.82 -18.19 -25.80
O2 SO4 P . 2.53 -17.41 -23.62
O3 SO4 P . 0.29 -18.23 -23.94
O4 SO4 P . 2.16 -19.76 -24.00
#